data_8B6K
#
_entry.id   8B6K
#
_cell.length_a   154.370
_cell.length_b   70.420
_cell.length_c   158.659
_cell.angle_alpha   90.000
_cell.angle_beta   112.690
_cell.angle_gamma   90.000
#
_symmetry.space_group_name_H-M   'P 1 2 1'
#
loop_
_entity.id
_entity.type
_entity.pdbx_description
1 polymer 'DNA polymerase epsilon catalytic subunit A'
2 polymer 'Primer DNA sequence'
3 polymer 'Template DNA sequence'
4 non-polymer 'CALCIUM ION'
5 non-polymer "2'-DEOXYCYTIDINE-5'-TRIPHOSPHATE"
#
loop_
_entity_poly.entity_id
_entity_poly.type
_entity_poly.pdbx_seq_one_letter_code
_entity_poly.pdbx_strand_id
1 'polypeptide(L)'
;GGDPHMMFGKKKNNGGSSTARYSAGNKYNTLSNNYALSAQQLLNASKIDDIDSMMGFERYVPPQYNGRFDAKDIDQIPGR
VGWLTNMHATLVSQETLSSGSNGGGNSNDGERVTTNQGISGVDFYFLDEEGGSFKSTVVYDPYFFIACNDESRVNDVEEL
VKKYLESCLKSLQIIRKEDLTMDNHLLGLQKTLIKLSFVNSNQLFEARKLLRPILQDNANNNVQRNIYNVAANGSEKVDA
KHLIEDIREYDVPYHVRVSIDKDIRVGKWYKVTQQGFIEDTRKIAFADPVVMAFAIATTKPPLKFPDSAVDQIMMISYMI
DGEGFLITNREIISEDIEDFEYTPKPEYPGFFTIFNENDEVALLQRFFEHIRDVRPTVISTFNGDFFDWPFIHNRSKIHG
LDMFDEIGFAPDAEGEYKSSYCSHMDCFRWVKRDSYLPQGSQGLKAVTQSKLGYNPIELDPELMTPYAFEKPQHLSEYSV
SDAVATYYLYMKYVHPFIFSLCTIIPLNPDETLRKGTGTLCEMLLMVQAYQHNILLPNKHTDPIERFYDGHLLESETYVG
GHVESLEAGVFRSDLKNEFKIDPSAIDELLQELPEALKFSVEVENKSSVDKVTNFEEIKNQITQKLLELKENNIRNELPL
IYHVDVASGYPNIMTTNRLQPDSIKAERDCASCDFNRPGKTCARKLKWAWRGEFFPSKMDEYNMIKRALQNETFPNKNKF
SKKKVLTFDELSYADQVIHIKKRLTEYSRKVYHRVKVSEIVEREAIVCQRENPFYVDTVKSFRDRRYEFKGLAKTWKGNL
SKIDPSDKHARDEAKKMIVLYDSLQLAHKVILNSFYGYVMRKGSRWYSMEMAGITCLTGATIIQMARALVERVGRPLELD
TDGIWCILPKSFPETYFFTLENGKKLYLSYPCSMLNYRVHQKFTNHQYQELKDPLNYIYETHSENTIFFEVDGPYKAMIL
PSSKEEGKGIKKRYAVFNEDGSLAELKGFELKRRGELQLIKNFQSDIFKVFLEGDTLEGCYSAVASVCNRWLDVLDSHGL
MLEDEDLVSLICENRSMSKTLKEYEGQKSTSITTARRLGDFLGEDMVKDKGLQCKYIISSKPFNAPVTERAIPVAIFSAD
IPIKRSFLRRWTLDPSLEDLDIRTIIDWGYYRERLGSAIQKIITIPAALQGVSNPVPRVEHPDWLKRKIAT
;
A,B
2 'polydeoxyribonucleotide' (DT)(DA)(DA)(DC)(DC)(DG)(DC)(DG)(DT)(DT)(DOC) P,C
3 'polydeoxyribonucleotide' (DC)(DT)(DC)(DT)(DG)(DG)(DA)(DA)(DC)(DG)(DC)(DG)(DG)(DT)(DT)(DA) T,D
#
# COMPACT_ATOMS: atom_id res chain seq x y z
N TYR A 35 55.25 -28.20 -19.60
CA TYR A 35 55.84 -27.04 -18.92
C TYR A 35 55.75 -27.22 -17.41
N ALA A 36 55.40 -26.13 -16.71
CA ALA A 36 55.19 -26.21 -15.27
C ALA A 36 53.94 -27.00 -14.91
N LEU A 37 53.03 -27.21 -15.87
CA LEU A 37 51.90 -28.09 -15.64
C LEU A 37 52.34 -29.54 -15.68
N SER A 38 53.20 -29.89 -16.64
CA SER A 38 53.68 -31.27 -16.74
C SER A 38 54.36 -31.71 -15.45
N ALA A 39 55.27 -30.89 -14.93
CA ALA A 39 56.04 -31.26 -13.75
C ALA A 39 55.14 -31.55 -12.56
N GLN A 40 54.14 -30.68 -12.33
CA GLN A 40 53.21 -30.91 -11.23
C GLN A 40 52.48 -32.23 -11.40
N GLN A 41 52.11 -32.58 -12.64
CA GLN A 41 51.38 -33.82 -12.88
C GLN A 41 52.28 -35.05 -12.77
N LEU A 42 53.51 -34.97 -13.29
CA LEU A 42 54.43 -36.08 -13.13
C LEU A 42 54.82 -36.28 -11.67
N LEU A 43 54.99 -35.18 -10.93
CA LEU A 43 55.31 -35.29 -9.52
C LEU A 43 54.16 -35.92 -8.74
N ASN A 44 52.93 -35.48 -9.02
CA ASN A 44 51.77 -36.05 -8.33
C ASN A 44 51.67 -37.54 -8.56
N ALA A 45 52.02 -38.00 -9.78
CA ALA A 45 51.98 -39.43 -10.06
C ALA A 45 52.98 -40.18 -9.20
N SER A 46 54.16 -39.61 -8.98
CA SER A 46 55.13 -40.25 -8.12
C SER A 46 54.63 -40.31 -6.68
N LYS A 47 54.01 -39.24 -6.19
CA LYS A 47 53.47 -39.24 -4.84
C LYS A 47 52.36 -40.29 -4.71
N ILE A 48 51.46 -40.33 -5.69
CA ILE A 48 50.35 -41.27 -5.65
C ILE A 48 50.87 -42.71 -5.74
N ASP A 49 51.90 -42.94 -6.54
CA ASP A 49 52.49 -44.27 -6.66
C ASP A 49 53.04 -44.75 -5.32
N ASP A 50 53.76 -43.88 -4.61
CA ASP A 50 54.33 -44.27 -3.32
C ASP A 50 53.23 -44.57 -2.31
N ILE A 51 52.16 -43.76 -2.31
CA ILE A 51 51.08 -43.97 -1.35
C ILE A 51 50.35 -45.27 -1.64
N ASP A 52 50.03 -45.54 -2.90
CA ASP A 52 49.38 -46.80 -3.27
C ASP A 52 50.16 -48.00 -2.78
N SER A 53 51.49 -47.96 -2.90
CA SER A 53 52.30 -49.07 -2.46
C SER A 53 52.23 -49.26 -0.95
N MET A 54 52.17 -48.15 -0.20
CA MET A 54 52.05 -48.24 1.25
C MET A 54 50.73 -48.87 1.66
N MET A 55 49.69 -48.70 0.85
CA MET A 55 48.38 -49.27 1.11
C MET A 55 48.16 -50.61 0.42
N GLY A 56 49.22 -51.20 -0.14
CA GLY A 56 49.12 -52.51 -0.74
C GLY A 56 48.70 -52.53 -2.19
N PHE A 57 49.04 -51.51 -2.95
CA PHE A 57 48.75 -51.45 -4.38
C PHE A 57 50.06 -51.22 -5.13
N GLU A 58 50.87 -52.27 -5.19
CA GLU A 58 52.07 -52.25 -6.00
C GLU A 58 51.69 -52.43 -7.47
N ARG A 59 52.35 -51.69 -8.34
CA ARG A 59 52.05 -51.79 -9.77
C ARG A 59 52.46 -53.16 -10.30
N TYR A 60 51.51 -53.85 -10.91
CA TYR A 60 51.70 -55.22 -11.37
C TYR A 60 51.81 -55.26 -12.88
N VAL A 61 52.87 -55.89 -13.37
CA VAL A 61 53.08 -56.10 -14.81
C VAL A 61 52.91 -57.60 -15.08
N PRO A 62 51.98 -57.99 -15.95
CA PRO A 62 51.76 -59.41 -16.21
C PRO A 62 52.83 -59.97 -17.12
N PRO A 63 53.09 -61.27 -17.04
CA PRO A 63 54.13 -61.88 -17.89
C PRO A 63 53.75 -61.81 -19.37
N GLN A 64 54.70 -62.19 -20.21
CA GLN A 64 54.53 -62.12 -21.65
C GLN A 64 53.86 -63.39 -22.18
N TYR A 65 53.22 -63.26 -23.34
CA TYR A 65 52.53 -64.38 -23.98
C TYR A 65 52.44 -64.09 -25.47
N ASN A 66 52.94 -65.02 -26.29
CA ASN A 66 52.96 -64.85 -27.74
C ASN A 66 51.89 -65.69 -28.44
N GLY A 67 50.90 -66.18 -27.69
CA GLY A 67 49.81 -66.93 -28.26
C GLY A 67 48.59 -66.05 -28.54
N ARG A 68 47.57 -66.67 -29.12
CA ARG A 68 46.37 -65.95 -29.49
C ARG A 68 45.64 -65.42 -28.26
N PHE A 69 45.08 -64.23 -28.37
CA PHE A 69 44.37 -63.56 -27.28
C PHE A 69 42.88 -63.84 -27.44
N ASP A 70 42.39 -64.85 -26.74
CA ASP A 70 40.98 -65.22 -26.78
C ASP A 70 40.50 -65.49 -25.37
N ALA A 71 39.27 -65.03 -25.08
CA ALA A 71 38.74 -65.13 -23.73
C ALA A 71 38.53 -66.58 -23.31
N LYS A 72 38.19 -67.46 -24.26
CA LYS A 72 38.01 -68.88 -23.93
C LYS A 72 39.26 -69.46 -23.28
N ASP A 73 40.43 -69.13 -23.81
CA ASP A 73 41.72 -69.56 -23.26
C ASP A 73 42.21 -68.66 -22.13
N ILE A 74 41.33 -68.22 -21.24
CA ILE A 74 41.75 -67.29 -20.19
C ILE A 74 42.63 -67.99 -19.15
N ASP A 75 42.31 -69.24 -18.84
CA ASP A 75 43.05 -69.94 -17.79
C ASP A 75 44.48 -70.26 -18.20
N GLN A 76 44.80 -70.21 -19.50
CA GLN A 76 46.14 -70.49 -19.97
C GLN A 76 46.94 -69.24 -20.32
N ILE A 77 46.29 -68.10 -20.50
CA ILE A 77 47.00 -66.86 -20.75
C ILE A 77 47.55 -66.36 -19.42
N PRO A 78 48.86 -66.12 -19.30
CA PRO A 78 49.42 -65.73 -17.99
C PRO A 78 48.92 -64.35 -17.58
N GLY A 79 48.53 -64.24 -16.31
CA GLY A 79 48.03 -62.98 -15.79
C GLY A 79 47.56 -63.14 -14.36
N ARG A 80 47.04 -62.04 -13.83
CA ARG A 80 46.53 -61.97 -12.47
C ARG A 80 45.06 -61.59 -12.50
N VAL A 81 44.24 -62.30 -11.73
CA VAL A 81 42.81 -62.04 -11.65
C VAL A 81 42.55 -61.14 -10.44
N GLY A 82 41.65 -60.17 -10.62
CA GLY A 82 41.33 -59.25 -9.55
C GLY A 82 39.98 -58.61 -9.77
N TRP A 83 39.32 -58.27 -8.67
CA TRP A 83 38.05 -57.56 -8.70
C TRP A 83 38.34 -56.06 -8.77
N LEU A 84 37.85 -55.41 -9.82
CA LEU A 84 38.16 -54.00 -10.06
C LEU A 84 37.39 -53.14 -9.07
N THR A 85 38.12 -52.33 -8.31
CA THR A 85 37.53 -51.53 -7.24
C THR A 85 37.63 -50.02 -7.47
N ASN A 86 38.54 -49.55 -8.32
CA ASN A 86 38.74 -48.13 -8.57
C ASN A 86 39.53 -47.97 -9.86
N MET A 87 39.60 -46.72 -10.33
CA MET A 87 40.40 -46.39 -11.50
C MET A 87 40.63 -44.89 -11.53
N HIS A 88 41.83 -44.47 -11.95
CA HIS A 88 42.18 -43.06 -11.98
C HIS A 88 43.18 -42.80 -13.11
N ALA A 89 43.07 -41.61 -13.71
CA ALA A 89 44.02 -41.19 -14.73
C ALA A 89 45.35 -40.77 -14.09
N THR A 90 46.43 -41.02 -14.82
CA THR A 90 47.76 -40.75 -14.29
C THR A 90 48.72 -40.48 -15.45
N LEU A 91 49.99 -40.24 -15.11
CA LEU A 91 51.05 -40.09 -16.08
C LEU A 91 52.12 -41.16 -15.85
N VAL A 92 52.77 -41.56 -16.94
CA VAL A 92 53.75 -42.64 -16.94
C VAL A 92 55.00 -42.16 -17.65
N SER A 93 56.16 -42.70 -17.25
CA SER A 93 57.46 -42.23 -17.73
C SER A 93 58.27 -43.40 -18.30
N GLN A 94 57.82 -43.92 -19.45
CA GLN A 94 58.52 -44.99 -20.17
C GLN A 94 58.79 -46.21 -19.28
N GLU A 95 57.89 -46.45 -18.33
CA GLU A 95 58.04 -47.56 -17.40
C GLU A 95 56.95 -48.60 -17.59
N GLN A 117 58.70 -36.07 -21.57
CA GLN A 117 57.27 -35.79 -21.40
C GLN A 117 56.54 -37.04 -20.89
N GLY A 118 55.46 -36.81 -20.12
CA GLY A 118 54.72 -37.92 -19.54
C GLY A 118 53.72 -38.53 -20.49
N ILE A 119 53.41 -39.80 -20.24
CA ILE A 119 52.50 -40.58 -21.07
C ILE A 119 51.17 -40.73 -20.33
N SER A 120 50.07 -40.56 -21.05
CA SER A 120 48.75 -40.66 -20.44
C SER A 120 48.33 -42.12 -20.25
N GLY A 121 47.59 -42.36 -19.18
CA GLY A 121 47.15 -43.71 -18.87
C GLY A 121 46.23 -43.69 -17.68
N VAL A 122 45.73 -44.87 -17.33
CA VAL A 122 44.76 -45.02 -16.25
C VAL A 122 45.21 -46.15 -15.32
N ASP A 123 45.34 -45.85 -14.04
CA ASP A 123 45.58 -46.87 -13.03
C ASP A 123 44.28 -47.57 -12.68
N PHE A 124 44.33 -48.89 -12.51
CA PHE A 124 43.17 -49.70 -12.18
C PHE A 124 43.47 -50.48 -10.90
N TYR A 125 42.54 -50.44 -9.94
CA TYR A 125 42.78 -50.96 -8.59
C TYR A 125 42.00 -52.25 -8.39
N PHE A 126 42.68 -53.31 -7.95
CA PHE A 126 42.12 -54.65 -7.91
C PHE A 126 42.27 -55.27 -6.53
N LEU A 127 41.32 -56.13 -6.18
CA LEU A 127 41.44 -57.06 -5.06
C LEU A 127 41.51 -58.46 -5.65
N ASP A 128 42.57 -59.20 -5.32
CA ASP A 128 42.74 -60.53 -5.88
C ASP A 128 42.06 -61.57 -5.02
N GLU A 129 41.86 -62.75 -5.59
CA GLU A 129 41.15 -63.84 -4.94
C GLU A 129 41.92 -64.43 -3.76
N GLU A 130 43.21 -64.13 -3.64
CA GLU A 130 44.03 -64.65 -2.55
C GLU A 130 44.13 -63.67 -1.39
N GLY A 131 43.18 -62.73 -1.29
CA GLY A 131 43.12 -61.84 -0.15
C GLY A 131 43.98 -60.59 -0.26
N GLY A 132 44.64 -60.37 -1.39
CA GLY A 132 45.53 -59.26 -1.57
C GLY A 132 44.99 -58.20 -2.51
N SER A 133 45.87 -57.28 -2.89
CA SER A 133 45.49 -56.19 -3.77
C SER A 133 46.69 -55.79 -4.63
N PHE A 134 46.38 -55.23 -5.80
CA PHE A 134 47.38 -54.73 -6.74
C PHE A 134 46.71 -53.75 -7.68
N LYS A 135 47.52 -52.96 -8.37
CA LYS A 135 47.02 -52.05 -9.39
C LYS A 135 47.74 -52.31 -10.70
N SER A 136 47.06 -51.98 -11.80
CA SER A 136 47.60 -52.18 -13.14
C SER A 136 47.23 -51.00 -14.01
N THR A 137 48.14 -50.61 -14.89
CA THR A 137 47.99 -49.40 -15.70
C THR A 137 47.79 -49.75 -17.16
N VAL A 138 46.88 -49.01 -17.80
CA VAL A 138 46.64 -49.12 -19.24
C VAL A 138 46.96 -47.75 -19.85
N VAL A 139 47.84 -47.74 -20.84
CA VAL A 139 48.12 -46.53 -21.59
C VAL A 139 47.15 -46.46 -22.76
N TYR A 140 46.90 -45.24 -23.25
CA TYR A 140 45.97 -45.02 -24.33
C TYR A 140 46.09 -43.59 -24.83
N ASP A 141 46.28 -43.40 -26.13
CA ASP A 141 46.52 -42.07 -26.68
C ASP A 141 45.23 -41.27 -26.68
N PRO A 142 45.15 -40.14 -25.97
CA PRO A 142 43.95 -39.30 -26.04
C PRO A 142 43.77 -38.76 -27.45
N TYR A 143 42.51 -38.50 -27.81
CA TYR A 143 42.21 -38.15 -29.19
C TYR A 143 40.90 -37.37 -29.28
N PHE A 144 40.81 -36.51 -30.29
CA PHE A 144 39.55 -35.93 -30.74
C PHE A 144 39.57 -35.84 -32.25
N PHE A 145 38.43 -35.48 -32.84
CA PHE A 145 38.26 -35.47 -34.29
C PHE A 145 38.15 -34.05 -34.83
N ILE A 146 38.58 -33.88 -36.09
CA ILE A 146 38.37 -32.67 -36.86
C ILE A 146 37.39 -32.99 -37.96
N ALA A 147 36.30 -32.23 -38.03
CA ALA A 147 35.33 -32.37 -39.12
C ALA A 147 35.68 -31.40 -40.23
N CYS A 148 35.37 -31.81 -41.46
CA CYS A 148 35.63 -31.00 -42.64
C CYS A 148 34.33 -30.73 -43.37
N ASN A 149 34.27 -29.58 -44.06
CA ASN A 149 33.11 -29.19 -44.85
C ASN A 149 33.26 -29.55 -46.33
N ASP A 150 34.32 -30.28 -46.69
CA ASP A 150 34.47 -30.79 -48.05
C ASP A 150 35.29 -32.08 -47.95
N GLU A 151 34.60 -33.21 -48.01
CA GLU A 151 35.25 -34.50 -47.79
C GLU A 151 36.20 -34.91 -48.92
N SER A 152 36.15 -34.21 -50.05
CA SER A 152 37.07 -34.51 -51.14
C SER A 152 38.45 -33.87 -50.93
N ARG A 153 38.59 -32.99 -49.94
CA ARG A 153 39.88 -32.36 -49.64
C ARG A 153 40.31 -32.62 -48.20
N VAL A 154 39.91 -33.75 -47.64
CA VAL A 154 40.26 -34.07 -46.25
C VAL A 154 41.78 -34.14 -46.09
N ASN A 155 42.48 -34.64 -47.12
CA ASN A 155 43.94 -34.74 -47.05
C ASN A 155 44.60 -33.37 -47.03
N ASP A 156 43.99 -32.37 -47.66
CA ASP A 156 44.51 -31.01 -47.58
C ASP A 156 44.54 -30.53 -46.14
N VAL A 157 43.41 -30.67 -45.44
CA VAL A 157 43.35 -30.34 -44.01
C VAL A 157 44.33 -31.20 -43.23
N GLU A 158 44.45 -32.48 -43.61
CA GLU A 158 45.38 -33.38 -42.95
C GLU A 158 46.81 -32.87 -43.05
N GLU A 159 47.21 -32.38 -44.23
CA GLU A 159 48.55 -31.85 -44.43
C GLU A 159 48.75 -30.49 -43.77
N LEU A 160 47.67 -29.75 -43.51
CA LEU A 160 47.78 -28.49 -42.78
C LEU A 160 48.04 -28.76 -41.30
N VAL A 161 47.17 -29.54 -40.66
CA VAL A 161 47.28 -29.73 -39.22
C VAL A 161 48.53 -30.53 -38.86
N LYS A 162 49.04 -31.35 -39.77
CA LYS A 162 50.30 -32.04 -39.52
C LYS A 162 51.42 -31.05 -39.24
N LYS A 163 51.44 -29.92 -39.97
CA LYS A 163 52.42 -28.88 -39.74
C LYS A 163 51.97 -27.87 -38.69
N TYR A 164 50.69 -27.53 -38.67
CA TYR A 164 50.20 -26.54 -37.72
C TYR A 164 50.25 -27.05 -36.29
N LEU A 165 49.93 -28.32 -36.08
CA LEU A 165 49.99 -28.93 -34.76
C LEU A 165 51.26 -29.74 -34.55
N GLU A 166 52.32 -29.46 -35.31
CA GLU A 166 53.55 -30.23 -35.18
C GLU A 166 54.11 -30.19 -33.76
N SER A 167 53.75 -29.17 -32.97
CA SER A 167 54.31 -29.03 -31.64
C SER A 167 53.71 -30.03 -30.66
N CYS A 168 52.48 -30.47 -30.90
CA CYS A 168 51.77 -31.33 -29.95
C CYS A 168 51.18 -32.60 -30.55
N LEU A 169 51.15 -32.73 -31.87
CA LEU A 169 50.52 -33.88 -32.51
C LEU A 169 51.42 -35.11 -32.43
N LYS A 170 50.81 -36.26 -32.17
CA LYS A 170 51.50 -37.54 -32.17
C LYS A 170 51.24 -38.35 -33.43
N SER A 171 50.00 -38.34 -33.93
CA SER A 171 49.68 -39.11 -35.11
C SER A 171 48.35 -38.62 -35.69
N LEU A 172 48.20 -38.79 -37.00
CA LEU A 172 46.99 -38.47 -37.71
C LEU A 172 46.39 -39.74 -38.30
N GLN A 173 45.11 -39.67 -38.64
CA GLN A 173 44.42 -40.80 -39.24
C GLN A 173 43.06 -40.35 -39.74
N ILE A 174 42.67 -40.84 -40.91
CA ILE A 174 41.35 -40.57 -41.49
C ILE A 174 40.43 -41.71 -41.11
N ILE A 175 39.38 -41.40 -40.35
CA ILE A 175 38.43 -42.41 -39.90
C ILE A 175 37.02 -41.95 -40.25
N ARG A 176 36.12 -42.91 -40.31
CA ARG A 176 34.71 -42.66 -40.60
C ARG A 176 33.86 -43.02 -39.39
N LYS A 177 32.79 -42.25 -39.20
CA LYS A 177 31.81 -42.55 -38.17
C LYS A 177 30.44 -42.17 -38.70
N GLU A 178 29.42 -42.80 -38.12
CA GLU A 178 28.04 -42.49 -38.48
C GLU A 178 27.63 -41.17 -37.85
N ASP A 179 27.01 -40.30 -38.64
CA ASP A 179 26.59 -38.98 -38.19
C ASP A 179 25.07 -38.88 -38.39
N LEU A 180 24.33 -38.87 -37.29
CA LEU A 180 22.87 -38.91 -37.38
C LEU A 180 22.28 -37.65 -38.00
N THR A 181 23.06 -36.59 -38.18
CA THR A 181 22.59 -35.40 -38.85
C THR A 181 22.90 -35.39 -40.34
N MET A 182 23.58 -36.40 -40.85
CA MET A 182 23.99 -36.44 -42.25
C MET A 182 22.91 -37.07 -43.11
N ASP A 183 22.67 -36.46 -44.27
CA ASP A 183 21.76 -37.04 -45.25
C ASP A 183 22.28 -38.40 -45.71
N ASN A 184 21.36 -39.36 -45.85
CA ASN A 184 21.64 -40.74 -46.26
C ASN A 184 22.43 -41.53 -45.25
N HIS A 185 22.45 -41.11 -43.99
CA HIS A 185 23.19 -41.88 -43.00
C HIS A 185 22.51 -43.20 -42.69
N LEU A 186 21.19 -43.28 -42.90
CA LEU A 186 20.46 -44.53 -42.72
C LEU A 186 20.63 -45.47 -43.90
N LEU A 187 21.44 -45.12 -44.88
CA LEU A 187 21.75 -45.97 -46.03
C LEU A 187 23.18 -46.45 -46.02
N GLY A 188 23.98 -46.06 -45.02
CA GLY A 188 25.36 -46.47 -44.91
C GLY A 188 26.37 -45.38 -45.20
N LEU A 189 25.92 -44.20 -45.60
CA LEU A 189 26.84 -43.09 -45.82
C LEU A 189 27.34 -42.57 -44.47
N GLN A 190 28.65 -42.48 -44.34
CA GLN A 190 29.30 -42.08 -43.10
C GLN A 190 30.01 -40.74 -43.29
N LYS A 191 30.28 -40.08 -42.16
CA LYS A 191 31.06 -38.85 -42.16
C LYS A 191 32.53 -39.19 -42.03
N THR A 192 33.37 -38.55 -42.84
CA THR A 192 34.81 -38.72 -42.77
C THR A 192 35.38 -37.65 -41.84
N LEU A 193 36.27 -38.08 -40.94
CA LEU A 193 36.88 -37.17 -39.98
C LEU A 193 38.38 -37.45 -39.92
N ILE A 194 39.11 -36.48 -39.39
CA ILE A 194 40.54 -36.63 -39.12
C ILE A 194 40.68 -36.89 -37.62
N LYS A 195 41.23 -38.05 -37.27
CA LYS A 195 41.44 -38.41 -35.87
C LYS A 195 42.82 -37.91 -35.44
N LEU A 196 42.84 -36.95 -34.53
CA LEU A 196 44.07 -36.42 -33.96
C LEU A 196 44.39 -37.19 -32.69
N SER A 197 45.64 -37.62 -32.54
CA SER A 197 46.04 -38.41 -31.39
C SER A 197 47.24 -37.77 -30.71
N PHE A 198 47.35 -37.98 -29.39
CA PHE A 198 48.33 -37.27 -28.59
C PHE A 198 49.00 -38.20 -27.59
N VAL A 199 50.15 -37.75 -27.09
CA VAL A 199 50.89 -38.54 -26.10
C VAL A 199 50.27 -38.42 -24.71
N ASN A 200 49.73 -37.25 -24.37
CA ASN A 200 49.07 -37.07 -23.09
C ASN A 200 47.93 -36.07 -23.27
N SER A 201 47.26 -35.76 -22.15
CA SER A 201 46.10 -34.87 -22.18
C SER A 201 46.49 -33.41 -22.31
N ASN A 202 47.60 -33.00 -21.71
CA ASN A 202 48.05 -31.61 -21.84
C ASN A 202 48.34 -31.26 -23.30
N GLN A 203 48.87 -32.20 -24.08
CA GLN A 203 49.09 -31.95 -25.50
C GLN A 203 47.79 -31.90 -26.27
N LEU A 204 46.80 -32.72 -25.88
CA LEU A 204 45.47 -32.61 -26.48
C LEU A 204 44.88 -31.23 -26.22
N PHE A 205 45.10 -30.68 -25.03
CA PHE A 205 44.61 -29.35 -24.74
C PHE A 205 45.42 -28.28 -25.48
N GLU A 206 46.72 -28.51 -25.66
CA GLU A 206 47.52 -27.54 -26.41
C GLU A 206 47.01 -27.39 -27.83
N ALA A 207 46.56 -28.49 -28.44
CA ALA A 207 46.05 -28.42 -29.80
C ALA A 207 44.72 -27.68 -29.86
N ARG A 208 43.88 -27.85 -28.84
CA ARG A 208 42.61 -27.11 -28.81
C ARG A 208 42.86 -25.61 -28.76
N LYS A 209 43.88 -25.18 -28.02
CA LYS A 209 44.20 -23.76 -27.96
C LYS A 209 44.70 -23.25 -29.32
N LEU A 210 45.42 -24.08 -30.08
CA LEU A 210 45.86 -23.66 -31.42
C LEU A 210 44.74 -23.77 -32.44
N LEU A 211 43.78 -24.66 -32.22
CA LEU A 211 42.72 -24.89 -33.19
C LEU A 211 41.55 -23.91 -33.05
N ARG A 212 41.43 -23.23 -31.91
CA ARG A 212 40.29 -22.35 -31.71
C ARG A 212 40.42 -21.05 -32.51
N PRO A 213 41.60 -20.42 -32.56
CA PRO A 213 41.78 -19.31 -33.50
C PRO A 213 41.32 -19.62 -34.92
N ILE A 214 41.60 -20.83 -35.42
CA ILE A 214 41.17 -21.18 -36.76
C ILE A 214 39.65 -21.26 -36.82
N LEU A 215 39.02 -21.83 -35.79
CA LEU A 215 37.57 -22.00 -35.82
C LEU A 215 36.85 -20.67 -35.66
N GLN A 216 37.37 -19.78 -34.82
CA GLN A 216 36.73 -18.49 -34.62
C GLN A 216 36.98 -17.57 -35.81
N ASP A 217 38.14 -17.68 -36.46
CA ASP A 217 38.43 -16.85 -37.63
C ASP A 217 37.55 -17.26 -38.80
N ASN A 218 37.30 -18.56 -38.97
CA ASN A 218 36.43 -19.01 -40.04
C ASN A 218 34.98 -18.58 -39.81
N ALA A 219 34.55 -18.49 -38.55
CA ALA A 219 33.22 -17.99 -38.26
C ALA A 219 33.09 -16.51 -38.61
N ASN A 220 34.13 -15.72 -38.34
CA ASN A 220 34.16 -14.37 -38.84
C ASN A 220 34.41 -14.38 -40.35
N ASN A 221 34.16 -13.23 -40.97
CA ASN A 221 34.30 -13.14 -42.41
C ASN A 221 35.77 -12.97 -42.80
N ASN A 222 36.02 -12.90 -44.10
CA ASN A 222 37.38 -12.82 -44.62
C ASN A 222 37.88 -11.38 -44.66
N VAL A 223 39.16 -11.23 -44.95
CA VAL A 223 39.79 -9.92 -45.05
C VAL A 223 39.46 -9.33 -46.41
N GLN A 224 39.91 -8.09 -46.65
CA GLN A 224 39.62 -7.37 -47.89
C GLN A 224 40.93 -7.10 -48.61
N ARG A 225 41.10 -7.71 -49.78
CA ARG A 225 42.28 -7.48 -50.61
C ARG A 225 41.88 -6.82 -51.92
N ASN A 226 41.70 -7.62 -52.97
CA ASN A 226 41.32 -7.13 -54.29
C ASN A 226 39.80 -7.24 -54.42
N ILE A 227 39.13 -6.08 -54.52
CA ILE A 227 37.67 -6.04 -54.55
C ILE A 227 37.17 -6.46 -55.93
N TYR A 228 38.10 -6.75 -56.83
CA TYR A 228 37.78 -7.23 -58.17
C TYR A 228 38.30 -8.65 -58.29
N ASN A 229 37.41 -9.63 -58.12
CA ASN A 229 37.78 -11.04 -58.19
C ASN A 229 36.57 -11.92 -58.46
N LYS A 237 38.83 -22.87 -55.39
CA LYS A 237 39.88 -23.32 -54.49
C LYS A 237 39.95 -22.44 -53.25
N VAL A 238 39.57 -23.01 -52.11
CA VAL A 238 39.58 -22.28 -50.84
C VAL A 238 40.81 -22.70 -50.05
N ASP A 239 41.24 -21.81 -49.16
CA ASP A 239 42.34 -22.12 -48.25
C ASP A 239 41.93 -23.27 -47.33
N ALA A 240 42.89 -24.16 -47.04
CA ALA A 240 42.60 -25.35 -46.25
C ALA A 240 42.21 -25.03 -44.82
N LYS A 241 42.64 -23.87 -44.28
CA LYS A 241 42.26 -23.51 -42.91
C LYS A 241 40.77 -23.28 -42.79
N HIS A 242 40.14 -22.74 -43.83
CA HIS A 242 38.68 -22.57 -43.84
C HIS A 242 37.95 -23.90 -43.97
N LEU A 243 38.63 -24.97 -44.35
CA LEU A 243 37.98 -26.26 -44.49
C LEU A 243 37.68 -26.93 -43.16
N ILE A 244 38.30 -26.47 -42.07
CA ILE A 244 38.05 -27.03 -40.75
C ILE A 244 36.63 -26.62 -40.33
N GLU A 245 35.69 -27.56 -40.38
CA GLU A 245 34.32 -27.26 -39.98
C GLU A 245 34.21 -27.08 -38.47
N ASP A 246 34.74 -28.04 -37.71
CA ASP A 246 34.58 -28.07 -36.27
C ASP A 246 35.48 -29.16 -35.70
N ILE A 247 35.70 -29.09 -34.39
CA ILE A 247 36.33 -30.18 -33.64
C ILE A 247 35.23 -30.94 -32.94
N ARG A 248 35.46 -32.25 -32.75
CA ARG A 248 34.43 -33.14 -32.22
C ARG A 248 35.04 -34.08 -31.18
N GLU A 249 34.22 -34.44 -30.19
CA GLU A 249 34.61 -35.34 -29.10
C GLU A 249 35.88 -34.85 -28.41
N TYR A 250 35.99 -33.54 -28.23
CA TYR A 250 37.14 -32.92 -27.62
C TYR A 250 37.01 -32.74 -26.11
N ASP A 251 35.83 -33.00 -25.55
CA ASP A 251 35.54 -32.74 -24.15
C ASP A 251 35.09 -33.99 -23.41
N VAL A 252 35.57 -35.16 -23.84
CA VAL A 252 35.35 -36.40 -23.13
C VAL A 252 36.43 -36.53 -22.06
N PRO A 253 36.06 -36.68 -20.79
CA PRO A 253 37.09 -36.94 -19.76
C PRO A 253 37.93 -38.15 -20.14
N TYR A 254 39.23 -38.06 -19.85
CA TYR A 254 40.15 -39.09 -20.34
C TYR A 254 39.79 -40.47 -19.79
N HIS A 255 39.47 -40.55 -18.50
CA HIS A 255 39.20 -41.87 -17.91
C HIS A 255 37.86 -42.42 -18.36
N VAL A 256 36.93 -41.54 -18.74
CA VAL A 256 35.73 -42.02 -19.40
C VAL A 256 36.05 -42.52 -20.79
N ARG A 257 37.01 -41.88 -21.47
CA ARG A 257 37.42 -42.33 -22.78
C ARG A 257 38.05 -43.72 -22.73
N VAL A 258 38.94 -43.94 -21.77
CA VAL A 258 39.58 -45.25 -21.64
C VAL A 258 38.55 -46.29 -21.22
N SER A 259 37.66 -45.92 -20.30
CA SER A 259 36.67 -46.88 -19.80
C SER A 259 35.63 -47.24 -20.87
N ILE A 260 35.40 -46.36 -21.83
CA ILE A 260 34.45 -46.67 -22.90
C ILE A 260 35.14 -47.43 -24.03
N ASP A 261 36.29 -46.93 -24.48
CA ASP A 261 36.95 -47.54 -25.63
C ASP A 261 37.47 -48.94 -25.33
N LYS A 262 37.78 -49.23 -24.07
CA LYS A 262 38.31 -50.53 -23.66
C LYS A 262 37.28 -51.40 -22.95
N ASP A 263 36.05 -50.93 -22.80
CA ASP A 263 34.96 -51.67 -22.17
C ASP A 263 35.37 -52.27 -20.82
N ILE A 264 35.94 -51.43 -19.96
CA ILE A 264 36.30 -51.80 -18.60
C ILE A 264 35.33 -51.12 -17.65
N ARG A 265 34.91 -51.84 -16.61
CA ARG A 265 33.97 -51.28 -15.64
C ARG A 265 34.35 -51.72 -14.22
N VAL A 266 34.24 -50.78 -13.28
CA VAL A 266 34.47 -51.11 -11.89
C VAL A 266 33.35 -52.01 -11.39
N GLY A 267 33.71 -53.06 -10.65
CA GLY A 267 32.76 -54.02 -10.15
C GLY A 267 32.73 -55.34 -10.89
N LYS A 268 33.45 -55.44 -12.00
CA LYS A 268 33.61 -56.70 -12.73
C LYS A 268 34.95 -57.34 -12.38
N TRP A 269 35.06 -58.62 -12.70
CA TRP A 269 36.31 -59.35 -12.53
C TRP A 269 37.06 -59.38 -13.86
N TYR A 270 38.38 -59.18 -13.78
CA TYR A 270 39.21 -59.24 -14.98
C TYR A 270 40.46 -60.05 -14.68
N LYS A 271 41.14 -60.47 -15.74
CA LYS A 271 42.48 -61.02 -15.67
C LYS A 271 43.41 -60.10 -16.43
N VAL A 272 44.35 -59.48 -15.72
CA VAL A 272 45.30 -58.55 -16.32
C VAL A 272 46.37 -59.38 -17.02
N THR A 273 46.27 -59.48 -18.34
CA THR A 273 47.26 -60.19 -19.16
C THR A 273 48.06 -59.18 -19.96
N GLN A 274 49.10 -59.68 -20.64
CA GLN A 274 49.95 -58.80 -21.43
C GLN A 274 49.16 -58.14 -22.57
N GLN A 275 48.24 -58.89 -23.18
CA GLN A 275 47.47 -58.33 -24.28
C GLN A 275 46.45 -57.31 -23.78
N GLY A 276 45.79 -57.60 -22.66
CA GLY A 276 44.84 -56.64 -22.11
C GLY A 276 44.13 -57.21 -20.90
N PHE A 277 42.90 -56.73 -20.70
CA PHE A 277 42.05 -57.16 -19.60
C PHE A 277 40.99 -58.11 -20.13
N ILE A 278 40.91 -59.31 -19.54
CA ILE A 278 39.92 -60.30 -19.93
C ILE A 278 38.90 -60.40 -18.82
N GLU A 279 37.65 -60.03 -19.11
CA GLU A 279 36.59 -60.19 -18.15
C GLU A 279 36.36 -61.67 -17.86
N ASP A 280 36.28 -62.02 -16.58
CA ASP A 280 36.04 -63.39 -16.15
C ASP A 280 34.56 -63.51 -15.77
N THR A 281 33.73 -63.83 -16.77
CA THR A 281 32.30 -64.05 -16.53
C THR A 281 32.04 -65.21 -15.58
N ARG A 282 33.03 -66.07 -15.31
CA ARG A 282 32.85 -67.13 -14.33
C ARG A 282 32.68 -66.57 -12.93
N LYS A 283 33.61 -65.71 -12.51
CA LYS A 283 33.48 -65.01 -11.23
C LYS A 283 32.23 -64.13 -11.25
N ILE A 284 31.45 -64.20 -10.18
CA ILE A 284 30.10 -63.61 -10.19
C ILE A 284 29.94 -62.52 -9.12
N ALA A 285 29.97 -62.91 -7.86
CA ALA A 285 29.70 -61.98 -6.77
C ALA A 285 30.89 -61.06 -6.54
N PHE A 286 30.60 -59.88 -6.00
CA PHE A 286 31.63 -58.90 -5.73
C PHE A 286 32.63 -59.43 -4.71
N ALA A 287 33.88 -59.00 -4.84
CA ALA A 287 34.81 -59.16 -3.73
C ALA A 287 34.32 -58.36 -2.53
N ASP A 288 34.88 -58.66 -1.37
CA ASP A 288 34.48 -57.98 -0.13
C ASP A 288 35.57 -57.00 0.28
N PRO A 289 35.47 -55.74 -0.10
CA PRO A 289 36.50 -54.76 0.28
C PRO A 289 36.47 -54.50 1.77
N VAL A 290 37.60 -54.03 2.28
CA VAL A 290 37.70 -53.58 3.66
C VAL A 290 37.01 -52.22 3.74
N VAL A 291 35.91 -52.15 4.48
CA VAL A 291 35.06 -50.98 4.52
C VAL A 291 35.12 -50.37 5.91
N MET A 292 35.40 -49.07 5.98
CA MET A 292 35.37 -48.31 7.22
C MET A 292 34.45 -47.11 7.06
N ALA A 293 33.72 -46.80 8.13
CA ALA A 293 32.90 -45.60 8.17
C ALA A 293 33.18 -44.90 9.50
N PHE A 294 33.42 -43.59 9.46
CA PHE A 294 33.81 -42.85 10.65
C PHE A 294 32.96 -41.59 10.80
N ALA A 295 32.97 -41.06 12.03
CA ALA A 295 32.31 -39.82 12.37
C ALA A 295 33.07 -39.16 13.51
N ILE A 296 33.06 -37.82 13.53
CA ILE A 296 33.84 -37.07 14.50
C ILE A 296 32.90 -36.25 15.38
N ALA A 297 33.44 -35.78 16.50
CA ALA A 297 32.72 -34.92 17.43
C ALA A 297 33.66 -33.85 17.93
N THR A 298 33.24 -32.60 17.88
CA THR A 298 34.10 -31.46 18.13
C THR A 298 33.53 -30.57 19.22
N THR A 299 34.41 -29.80 19.86
CA THR A 299 33.98 -28.74 20.76
C THR A 299 33.33 -27.62 19.96
N LYS A 300 32.54 -26.81 20.63
CA LYS A 300 31.77 -25.79 19.95
C LYS A 300 31.34 -24.71 20.93
N PRO A 301 31.76 -23.46 20.73
CA PRO A 301 31.27 -22.35 21.56
C PRO A 301 29.75 -22.35 21.59
N PRO A 302 29.16 -22.06 22.75
CA PRO A 302 27.69 -22.06 22.85
C PRO A 302 27.05 -21.18 21.78
N LEU A 303 26.00 -21.73 21.16
CA LEU A 303 25.14 -21.05 20.18
C LEU A 303 25.82 -20.84 18.83
N LYS A 304 27.12 -21.15 18.73
CA LYS A 304 27.88 -20.93 17.50
C LYS A 304 28.20 -22.28 16.85
N PHE A 305 28.98 -22.21 15.77
CA PHE A 305 29.42 -23.36 15.00
C PHE A 305 30.83 -23.78 15.39
N PRO A 306 31.21 -25.04 15.15
CA PRO A 306 32.60 -25.44 15.37
C PRO A 306 33.53 -24.75 14.39
N ASP A 307 34.67 -24.31 14.90
CA ASP A 307 35.71 -23.66 14.09
C ASP A 307 36.95 -24.53 14.12
N SER A 308 37.30 -25.10 12.95
CA SER A 308 38.52 -25.90 12.86
C SER A 308 39.76 -25.11 13.20
N ALA A 309 39.66 -23.78 13.27
CA ALA A 309 40.78 -22.97 13.74
C ALA A 309 41.00 -23.14 15.24
N VAL A 310 39.97 -22.85 16.03
CA VAL A 310 40.10 -22.83 17.48
C VAL A 310 39.59 -24.12 18.12
N ASP A 311 38.48 -24.66 17.63
CA ASP A 311 37.84 -25.80 18.29
C ASP A 311 38.61 -27.09 18.04
N GLN A 312 38.80 -27.85 19.10
CA GLN A 312 39.45 -29.16 19.03
C GLN A 312 38.39 -30.23 18.84
N ILE A 313 38.82 -31.40 18.36
CA ILE A 313 37.94 -32.55 18.23
C ILE A 313 38.16 -33.46 19.43
N MET A 314 37.07 -34.03 19.93
CA MET A 314 37.11 -34.85 21.14
C MET A 314 37.20 -36.34 20.83
N MET A 315 36.30 -36.85 19.99
CA MET A 315 36.26 -38.26 19.69
C MET A 315 36.22 -38.47 18.18
N ILE A 316 36.63 -39.67 17.78
CA ILE A 316 36.40 -40.18 16.43
C ILE A 316 35.89 -41.61 16.58
N SER A 317 34.67 -41.85 16.12
CA SER A 317 34.07 -43.17 16.18
C SER A 317 33.97 -43.74 14.77
N TYR A 318 34.27 -45.03 14.64
CA TYR A 318 34.27 -45.66 13.33
C TYR A 318 33.98 -47.15 13.47
N MET A 319 33.82 -47.80 12.33
CA MET A 319 33.57 -49.23 12.27
C MET A 319 34.26 -49.81 11.05
N ILE A 320 35.06 -50.85 11.26
CA ILE A 320 35.77 -51.51 10.18
C ILE A 320 35.20 -52.93 10.07
N ASP A 321 34.34 -53.14 9.07
CA ASP A 321 33.76 -54.45 8.79
C ASP A 321 33.01 -55.01 9.99
N GLY A 322 32.39 -54.14 10.79
CA GLY A 322 31.64 -54.56 11.95
C GLY A 322 32.32 -54.29 13.28
N GLU A 323 33.65 -54.18 13.28
CA GLU A 323 34.39 -53.96 14.52
C GLU A 323 34.33 -52.48 14.90
N GLY A 324 33.73 -52.18 16.05
CA GLY A 324 33.56 -50.80 16.47
C GLY A 324 34.77 -50.28 17.22
N PHE A 325 35.04 -48.99 17.04
CA PHE A 325 36.17 -48.34 17.69
C PHE A 325 35.79 -46.91 18.04
N LEU A 326 36.50 -46.36 19.02
CA LEU A 326 36.24 -44.99 19.46
C LEU A 326 37.50 -44.45 20.12
N ILE A 327 38.21 -43.55 19.41
CA ILE A 327 39.35 -42.85 19.99
C ILE A 327 38.84 -41.63 20.73
N THR A 328 39.47 -41.32 21.86
CA THR A 328 39.05 -40.22 22.72
C THR A 328 40.21 -39.27 22.97
N ASN A 329 39.89 -37.97 23.09
CA ASN A 329 40.86 -36.94 23.41
C ASN A 329 40.73 -36.59 24.89
N ARG A 330 41.65 -37.12 25.70
CA ARG A 330 41.54 -36.98 27.16
C ARG A 330 41.62 -35.53 27.61
N GLU A 331 42.27 -34.67 26.83
CA GLU A 331 42.36 -33.27 27.21
C GLU A 331 41.00 -32.58 27.21
N ILE A 332 39.98 -33.18 26.59
CA ILE A 332 38.63 -32.62 26.54
C ILE A 332 37.64 -33.45 27.32
N ILE A 333 37.54 -34.75 27.01
CA ILE A 333 36.63 -35.61 27.76
C ILE A 333 37.32 -36.05 29.05
N SER A 334 36.54 -36.10 30.14
CA SER A 334 37.12 -36.11 31.48
C SER A 334 37.73 -37.46 31.84
N GLU A 335 36.98 -38.55 31.68
CA GLU A 335 37.42 -39.85 32.15
C GLU A 335 37.61 -40.81 30.98
N ASP A 336 38.48 -41.82 31.20
CA ASP A 336 38.60 -42.92 30.26
C ASP A 336 37.26 -43.62 30.10
N ILE A 337 36.95 -44.00 28.86
CA ILE A 337 35.71 -44.72 28.55
C ILE A 337 36.04 -46.21 28.40
N GLU A 338 35.30 -47.05 29.12
CA GLU A 338 35.47 -48.49 29.00
C GLU A 338 34.77 -48.99 27.74
N ASP A 339 35.10 -50.22 27.37
CA ASP A 339 34.45 -50.84 26.21
C ASP A 339 32.98 -51.06 26.49
N PHE A 340 32.15 -50.80 25.48
CA PHE A 340 30.71 -50.93 25.63
C PHE A 340 30.12 -51.34 24.29
N GLU A 341 28.83 -51.66 24.31
CA GLU A 341 28.12 -52.23 23.17
C GLU A 341 26.95 -51.34 22.78
N TYR A 342 26.75 -51.19 21.48
CA TYR A 342 25.56 -50.52 20.94
C TYR A 342 25.07 -51.35 19.76
N THR A 343 24.09 -52.21 20.01
CA THR A 343 23.46 -53.03 18.97
C THR A 343 22.01 -52.58 18.85
N PRO A 344 21.75 -51.49 18.12
CA PRO A 344 20.41 -50.88 18.15
C PRO A 344 19.30 -51.79 17.64
N LYS A 345 19.62 -52.69 16.72
CA LYS A 345 18.73 -53.76 16.30
C LYS A 345 19.60 -55.00 16.11
N PRO A 346 19.06 -56.19 16.34
CA PRO A 346 19.92 -57.40 16.37
C PRO A 346 20.81 -57.57 15.15
N GLU A 347 20.35 -57.14 13.97
CA GLU A 347 21.12 -57.27 12.74
C GLU A 347 22.20 -56.19 12.58
N TYR A 348 22.41 -55.35 13.59
CA TYR A 348 23.43 -54.30 13.55
C TYR A 348 24.37 -54.46 14.74
N PRO A 349 25.20 -55.51 14.76
CA PRO A 349 26.11 -55.69 15.90
C PRO A 349 27.12 -54.55 15.99
N GLY A 350 27.34 -54.07 17.21
CA GLY A 350 28.26 -52.96 17.43
C GLY A 350 29.06 -53.05 18.70
N PHE A 351 30.06 -53.93 18.74
CA PHE A 351 30.98 -54.02 19.86
C PHE A 351 32.12 -53.04 19.64
N PHE A 352 32.32 -52.14 20.60
CA PHE A 352 33.20 -50.99 20.43
C PHE A 352 34.37 -51.07 21.39
N THR A 353 35.59 -51.13 20.82
CA THR A 353 36.82 -51.06 21.60
C THR A 353 37.31 -49.62 21.65
N ILE A 354 37.66 -49.14 22.84
CA ILE A 354 37.98 -47.74 23.08
C ILE A 354 39.49 -47.53 22.99
N PHE A 355 39.89 -46.39 22.43
CA PHE A 355 41.29 -45.98 22.34
C PHE A 355 41.44 -44.64 23.07
N ASN A 356 41.77 -44.69 24.35
CA ASN A 356 41.93 -43.47 25.14
C ASN A 356 43.32 -42.89 24.94
N GLU A 357 43.39 -41.63 24.50
CA GLU A 357 44.66 -41.00 24.14
C GLU A 357 44.80 -39.64 24.82
N ASN A 358 46.05 -39.30 25.14
CA ASN A 358 46.33 -38.13 25.98
C ASN A 358 45.78 -36.85 25.36
N ASP A 359 46.21 -36.53 24.13
CA ASP A 359 45.90 -35.25 23.52
C ASP A 359 45.52 -35.44 22.07
N GLU A 360 45.20 -34.32 21.41
CA GLU A 360 44.58 -34.37 20.08
C GLU A 360 45.50 -35.01 19.06
N VAL A 361 46.79 -34.64 19.06
CA VAL A 361 47.73 -35.30 18.16
C VAL A 361 47.67 -36.81 18.36
N ALA A 362 47.82 -37.26 19.61
CA ALA A 362 47.72 -38.68 19.92
C ALA A 362 46.47 -39.30 19.33
N LEU A 363 45.35 -38.57 19.38
CA LEU A 363 44.11 -39.06 18.77
C LEU A 363 44.26 -39.18 17.26
N LEU A 364 44.76 -38.13 16.61
CA LEU A 364 44.84 -38.11 15.17
C LEU A 364 45.77 -39.19 14.62
N GLN A 365 46.85 -39.50 15.34
CA GLN A 365 47.77 -40.52 14.86
C GLN A 365 47.20 -41.92 15.01
N ARG A 366 46.34 -42.14 16.01
CA ARG A 366 45.63 -43.41 16.07
C ARG A 366 44.71 -43.58 14.88
N PHE A 367 43.96 -42.53 14.53
CA PHE A 367 43.12 -42.58 13.35
C PHE A 367 43.94 -42.85 12.10
N PHE A 368 45.09 -42.18 11.97
CA PHE A 368 45.91 -42.38 10.78
C PHE A 368 46.65 -43.70 10.82
N GLU A 369 47.10 -44.15 12.00
CA GLU A 369 47.78 -45.43 12.09
C GLU A 369 46.80 -46.59 11.89
N HIS A 370 45.61 -46.49 12.47
CA HIS A 370 44.62 -47.55 12.29
C HIS A 370 44.21 -47.66 10.83
N ILE A 371 44.02 -46.52 10.17
CA ILE A 371 43.72 -46.54 8.74
C ILE A 371 44.87 -47.18 7.97
N ARG A 372 46.10 -46.83 8.33
CA ARG A 372 47.26 -47.36 7.62
C ARG A 372 47.37 -48.87 7.79
N ASP A 373 46.85 -49.41 8.89
CA ASP A 373 47.07 -50.82 9.21
C ASP A 373 45.99 -51.73 8.65
N VAL A 374 44.74 -51.29 8.63
CA VAL A 374 43.67 -52.12 8.08
C VAL A 374 43.55 -51.97 6.56
N ARG A 375 44.10 -50.90 5.98
CA ARG A 375 44.14 -50.68 4.54
C ARG A 375 42.74 -50.68 3.93
N PRO A 376 41.90 -49.68 4.23
CA PRO A 376 40.55 -49.66 3.66
C PRO A 376 40.56 -49.19 2.22
N THR A 377 39.80 -49.91 1.38
CA THR A 377 39.58 -49.47 0.00
C THR A 377 38.31 -48.66 -0.14
N VAL A 378 37.50 -48.58 0.92
CA VAL A 378 36.33 -47.69 0.98
C VAL A 378 36.27 -47.09 2.37
N ILE A 379 36.16 -45.76 2.44
CA ILE A 379 35.90 -45.05 3.68
C ILE A 379 34.59 -44.30 3.50
N SER A 380 33.64 -44.53 4.41
CA SER A 380 32.31 -43.95 4.33
C SER A 380 32.12 -42.90 5.41
N THR A 381 31.40 -41.83 5.06
CA THR A 381 31.01 -40.78 6.00
C THR A 381 29.56 -40.40 5.72
N PHE A 382 29.04 -39.49 6.55
CA PHE A 382 27.75 -38.87 6.31
C PHE A 382 27.98 -37.36 6.31
N ASN A 383 27.92 -36.74 5.14
CA ASN A 383 28.31 -35.35 4.94
C ASN A 383 29.74 -35.07 5.41
N GLY A 384 30.57 -36.12 5.51
CA GLY A 384 31.94 -35.94 5.91
C GLY A 384 32.83 -35.26 4.89
N ASP A 385 32.25 -34.84 3.77
CA ASP A 385 33.05 -34.21 2.68
C ASP A 385 33.17 -32.70 2.92
N PHE A 386 32.27 -32.14 3.72
CA PHE A 386 32.31 -30.70 3.98
C PHE A 386 32.29 -30.35 5.46
N PHE A 387 32.26 -31.35 6.35
CA PHE A 387 32.52 -31.11 7.76
C PHE A 387 33.69 -31.95 8.27
N ASP A 388 33.56 -33.28 8.27
CA ASP A 388 34.53 -34.13 8.97
C ASP A 388 35.92 -33.99 8.39
N TRP A 389 36.10 -34.36 7.12
CA TRP A 389 37.42 -34.32 6.49
C TRP A 389 38.11 -32.96 6.58
N PRO A 390 37.46 -31.84 6.26
CA PRO A 390 38.14 -30.54 6.42
C PRO A 390 38.54 -30.24 7.86
N PHE A 391 37.77 -30.70 8.85
CA PHE A 391 38.17 -30.50 10.24
C PHE A 391 39.43 -31.30 10.56
N ILE A 392 39.41 -32.60 10.24
CA ILE A 392 40.59 -33.44 10.48
C ILE A 392 41.81 -32.85 9.77
N HIS A 393 41.61 -32.31 8.57
CA HIS A 393 42.72 -31.73 7.84
C HIS A 393 43.29 -30.52 8.58
N ASN A 394 42.45 -29.56 8.94
CA ASN A 394 42.95 -28.35 9.60
C ASN A 394 43.50 -28.67 10.99
N ARG A 395 42.86 -29.59 11.72
CA ARG A 395 43.42 -30.01 13.00
C ARG A 395 44.72 -30.79 12.82
N SER A 396 44.97 -31.31 11.62
CA SER A 396 46.27 -31.92 11.34
C SER A 396 47.29 -30.88 10.90
N LYS A 397 46.84 -29.82 10.23
CA LYS A 397 47.75 -28.76 9.79
C LYS A 397 48.32 -28.00 10.98
N ILE A 398 47.46 -27.57 11.90
CA ILE A 398 47.90 -26.86 13.10
C ILE A 398 48.82 -27.74 13.94
N HIS A 399 48.60 -29.04 13.91
CA HIS A 399 49.39 -29.97 14.69
C HIS A 399 50.57 -30.54 13.93
N GLY A 400 50.92 -29.92 12.80
CA GLY A 400 52.12 -30.31 12.08
C GLY A 400 52.07 -31.68 11.44
N LEU A 401 50.89 -32.14 11.06
CA LEU A 401 50.72 -33.45 10.44
C LEU A 401 50.19 -33.26 9.03
N ASP A 402 50.92 -33.81 8.05
CA ASP A 402 50.48 -33.76 6.66
C ASP A 402 49.58 -34.96 6.40
N MET A 403 48.27 -34.71 6.28
CA MET A 403 47.33 -35.81 6.14
C MET A 403 47.58 -36.61 4.87
N PHE A 404 48.11 -35.98 3.82
CA PHE A 404 48.31 -36.69 2.56
C PHE A 404 49.42 -37.73 2.69
N ASP A 405 50.56 -37.36 3.26
CA ASP A 405 51.61 -38.35 3.50
C ASP A 405 51.18 -39.39 4.52
N GLU A 406 50.22 -39.06 5.39
CA GLU A 406 49.80 -39.98 6.44
C GLU A 406 48.86 -41.05 5.91
N ILE A 407 47.79 -40.64 5.21
CA ILE A 407 46.77 -41.57 4.75
C ILE A 407 46.44 -41.41 3.28
N GLY A 408 47.12 -40.52 2.56
CA GLY A 408 46.85 -40.39 1.14
C GLY A 408 45.55 -39.71 0.79
N PHE A 409 44.97 -38.93 1.70
CA PHE A 409 43.75 -38.19 1.42
C PHE A 409 44.05 -36.69 1.32
N ALA A 410 43.33 -36.01 0.43
CA ALA A 410 43.55 -34.61 0.16
C ALA A 410 42.34 -34.07 -0.58
N PRO A 411 42.10 -32.76 -0.54
CA PRO A 411 40.99 -32.19 -1.30
C PRO A 411 41.30 -32.13 -2.79
N ASP A 412 40.24 -32.11 -3.59
CA ASP A 412 40.34 -32.02 -5.04
C ASP A 412 39.78 -30.69 -5.53
N ALA A 413 39.59 -30.59 -6.85
CA ALA A 413 39.24 -29.31 -7.46
C ALA A 413 37.92 -28.77 -6.93
N GLU A 414 36.97 -29.65 -6.61
CA GLU A 414 35.68 -29.25 -6.08
C GLU A 414 35.69 -29.09 -4.56
N GLY A 415 36.86 -29.20 -3.92
CA GLY A 415 36.96 -29.10 -2.49
C GLY A 415 36.53 -30.34 -1.73
N GLU A 416 36.20 -31.43 -2.42
CA GLU A 416 35.86 -32.69 -1.78
C GLU A 416 37.13 -33.48 -1.51
N TYR A 417 37.10 -34.31 -0.47
CA TYR A 417 38.27 -35.06 -0.04
C TYR A 417 38.26 -36.45 -0.67
N LYS A 418 39.35 -36.79 -1.35
CA LYS A 418 39.45 -38.04 -2.10
C LYS A 418 40.82 -38.68 -1.86
N SER A 419 40.95 -39.91 -2.33
CA SER A 419 42.19 -40.66 -2.26
C SER A 419 42.36 -41.46 -3.55
N SER A 420 43.55 -42.04 -3.72
CA SER A 420 43.80 -42.85 -4.91
C SER A 420 43.29 -44.27 -4.73
N TYR A 421 43.63 -44.90 -3.61
CA TYR A 421 43.31 -46.30 -3.35
C TYR A 421 41.94 -46.50 -2.71
N CYS A 422 41.40 -45.47 -2.06
CA CYS A 422 40.19 -45.62 -1.24
C CYS A 422 39.10 -44.68 -1.74
N SER A 423 37.95 -45.24 -2.10
CA SER A 423 36.79 -44.43 -2.41
C SER A 423 36.23 -43.82 -1.13
N HIS A 424 35.86 -42.53 -1.21
CA HIS A 424 35.18 -41.84 -0.12
C HIS A 424 33.69 -41.86 -0.42
N MET A 425 32.96 -42.71 0.29
CA MET A 425 31.52 -42.86 0.09
C MET A 425 30.79 -41.99 1.10
N ASP A 426 30.48 -40.76 0.70
CA ASP A 426 29.67 -39.85 1.51
C ASP A 426 28.21 -40.23 1.35
N CYS A 427 27.63 -40.87 2.38
CA CYS A 427 26.27 -41.38 2.27
C CYS A 427 25.27 -40.26 2.02
N PHE A 428 25.57 -39.04 2.46
CA PHE A 428 24.64 -37.94 2.27
C PHE A 428 24.40 -37.67 0.79
N ARG A 429 25.41 -37.89 -0.05
CA ARG A 429 25.22 -37.74 -1.49
C ARG A 429 24.19 -38.72 -2.00
N TRP A 430 24.28 -39.98 -1.59
CA TRP A 430 23.27 -40.96 -1.95
C TRP A 430 21.91 -40.55 -1.40
N VAL A 431 21.88 -40.08 -0.15
CA VAL A 431 20.63 -39.65 0.45
C VAL A 431 20.04 -38.48 -0.33
N LYS A 432 20.90 -37.55 -0.77
CA LYS A 432 20.41 -36.35 -1.44
C LYS A 432 19.97 -36.64 -2.87
N ARG A 433 20.56 -37.63 -3.53
CA ARG A 433 20.29 -37.86 -4.95
C ARG A 433 19.37 -39.04 -5.23
N ASP A 434 19.55 -40.16 -4.52
CA ASP A 434 18.94 -41.41 -4.91
C ASP A 434 17.95 -41.98 -3.91
N SER A 435 17.81 -41.39 -2.72
CA SER A 435 16.95 -41.98 -1.71
C SER A 435 15.47 -41.76 -1.99
N TYR A 436 15.13 -40.75 -2.78
CA TYR A 436 13.77 -40.26 -3.00
C TYR A 436 13.09 -39.80 -1.72
N LEU A 437 13.84 -39.67 -0.60
CA LEU A 437 13.31 -39.13 0.64
C LEU A 437 13.17 -37.62 0.54
N PRO A 438 12.18 -37.03 1.22
CA PRO A 438 12.04 -35.57 1.21
C PRO A 438 13.22 -34.93 1.93
N GLN A 439 13.38 -33.62 1.69
CA GLN A 439 14.48 -32.89 2.32
C GLN A 439 14.34 -32.85 3.84
N GLY A 440 13.12 -32.77 4.36
CA GLY A 440 12.92 -32.84 5.79
C GLY A 440 13.35 -34.15 6.40
N SER A 441 13.48 -35.20 5.59
CA SER A 441 13.85 -36.52 6.07
C SER A 441 15.27 -36.91 5.66
N GLN A 442 16.12 -35.95 5.34
CA GLN A 442 17.45 -36.25 4.83
C GLN A 442 18.56 -36.16 5.87
N GLY A 443 18.22 -35.84 7.12
CA GLY A 443 19.20 -35.93 8.18
C GLY A 443 19.51 -37.37 8.55
N LEU A 444 20.64 -37.56 9.25
CA LEU A 444 21.06 -38.92 9.59
C LEU A 444 20.01 -39.62 10.44
N LYS A 445 19.38 -38.91 11.38
CA LYS A 445 18.37 -39.52 12.23
C LYS A 445 17.16 -39.97 11.41
N ALA A 446 16.67 -39.12 10.52
CA ALA A 446 15.51 -39.47 9.72
C ALA A 446 15.85 -40.59 8.73
N VAL A 447 17.04 -40.55 8.14
CA VAL A 447 17.44 -41.61 7.21
C VAL A 447 17.59 -42.93 7.94
N THR A 448 18.21 -42.91 9.13
CA THR A 448 18.36 -44.13 9.90
C THR A 448 16.99 -44.70 10.27
N GLN A 449 16.02 -43.83 10.55
CA GLN A 449 14.69 -44.29 10.91
C GLN A 449 13.97 -44.91 9.71
N SER A 450 14.18 -44.35 8.53
CA SER A 450 13.43 -44.80 7.36
C SER A 450 14.03 -46.07 6.74
N LYS A 451 15.36 -46.13 6.63
CA LYS A 451 15.99 -47.22 5.91
C LYS A 451 16.59 -48.30 6.81
N LEU A 452 16.92 -47.98 8.05
CA LEU A 452 17.46 -48.99 8.96
C LEU A 452 16.42 -49.52 9.95
N GLY A 453 15.34 -48.79 10.19
CA GLY A 453 14.26 -49.28 11.03
C GLY A 453 14.51 -49.23 12.52
N TYR A 454 15.04 -48.10 13.01
CA TYR A 454 15.25 -47.88 14.43
C TYR A 454 15.57 -46.40 14.63
N ASN A 455 15.55 -45.98 15.90
CA ASN A 455 15.83 -44.60 16.26
C ASN A 455 17.24 -44.49 16.82
N PRO A 456 18.14 -43.74 16.19
CA PRO A 456 19.49 -43.57 16.75
C PRO A 456 19.48 -42.62 17.94
N ILE A 457 20.58 -42.68 18.70
CA ILE A 457 20.71 -41.86 19.89
C ILE A 457 20.77 -40.38 19.50
N GLU A 458 20.07 -39.55 20.27
CA GLU A 458 20.00 -38.12 20.03
C GLU A 458 20.82 -37.37 21.08
N LEU A 459 21.19 -36.13 20.74
CA LEU A 459 21.89 -35.25 21.65
C LEU A 459 21.89 -33.83 21.09
N ASP A 460 21.37 -32.88 21.87
CA ASP A 460 21.32 -31.48 21.44
C ASP A 460 22.73 -30.95 21.32
N PRO A 461 23.15 -30.44 20.16
CA PRO A 461 24.55 -30.02 19.97
C PRO A 461 25.06 -29.02 20.99
N GLU A 462 24.17 -28.27 21.66
CA GLU A 462 24.62 -27.35 22.70
C GLU A 462 25.03 -28.04 23.98
N LEU A 463 24.74 -29.34 24.11
CA LEU A 463 25.16 -30.13 25.28
C LEU A 463 26.40 -30.96 25.01
N MET A 464 26.95 -30.91 23.78
CA MET A 464 28.06 -31.78 23.43
C MET A 464 29.35 -31.34 24.11
N THR A 465 29.73 -30.09 23.92
CA THR A 465 30.93 -29.59 24.59
C THR A 465 30.86 -29.72 26.10
N PRO A 466 29.74 -29.44 26.78
CA PRO A 466 29.71 -29.67 28.23
C PRO A 466 29.75 -31.14 28.63
N TYR A 467 29.02 -32.00 27.91
CA TYR A 467 28.95 -33.41 28.31
C TYR A 467 30.27 -34.14 28.15
N ALA A 468 31.24 -33.57 27.45
CA ALA A 468 32.60 -34.09 27.51
C ALA A 468 33.15 -34.05 28.93
N PHE A 469 32.61 -33.19 29.78
CA PHE A 469 33.03 -33.07 31.18
C PHE A 469 32.04 -33.71 32.15
N GLU A 470 30.74 -33.43 31.97
CA GLU A 470 29.74 -33.82 32.97
C GLU A 470 29.34 -35.28 32.83
N LYS A 471 28.84 -35.65 31.65
CA LYS A 471 28.42 -37.05 31.42
C LYS A 471 29.15 -37.62 30.20
N PRO A 472 30.47 -37.89 30.27
CA PRO A 472 31.22 -38.35 29.08
C PRO A 472 30.65 -39.61 28.45
N GLN A 473 30.29 -40.62 29.25
CA GLN A 473 29.81 -41.88 28.67
C GLN A 473 28.53 -41.65 27.86
N HIS A 474 27.61 -40.82 28.37
CA HIS A 474 26.43 -40.44 27.60
C HIS A 474 26.81 -39.92 26.23
N LEU A 475 27.87 -39.12 26.15
CA LEU A 475 28.36 -38.58 24.89
C LEU A 475 29.14 -39.59 24.08
N SER A 476 29.70 -40.62 24.73
CA SER A 476 30.34 -41.72 24.01
C SER A 476 29.31 -42.63 23.35
N GLU A 477 28.08 -42.68 23.86
CA GLU A 477 27.04 -43.47 23.24
C GLU A 477 26.41 -42.77 22.05
N TYR A 478 26.43 -41.43 22.03
CA TYR A 478 25.94 -40.71 20.87
C TYR A 478 26.91 -40.80 19.70
N SER A 479 28.21 -40.77 19.99
CA SER A 479 29.20 -40.83 18.91
C SER A 479 29.19 -42.20 18.23
N VAL A 480 29.12 -43.28 19.02
CA VAL A 480 29.07 -44.61 18.42
C VAL A 480 27.77 -44.79 17.64
N SER A 481 26.67 -44.18 18.10
CA SER A 481 25.40 -44.29 17.39
C SER A 481 25.53 -43.76 15.97
N ASP A 482 26.09 -42.55 15.81
CA ASP A 482 26.29 -42.00 14.48
C ASP A 482 27.16 -42.92 13.63
N ALA A 483 28.14 -43.59 14.26
CA ALA A 483 29.00 -44.51 13.52
C ALA A 483 28.28 -45.80 13.15
N VAL A 484 27.55 -46.40 14.09
CA VAL A 484 26.77 -47.59 13.76
C VAL A 484 25.81 -47.32 12.61
N ALA A 485 25.09 -46.19 12.69
CA ALA A 485 24.12 -45.87 11.65
C ALA A 485 24.77 -45.61 10.30
N THR A 486 26.02 -45.15 10.30
CA THR A 486 26.67 -44.80 9.04
C THR A 486 27.31 -46.01 8.37
N TYR A 487 27.94 -46.91 9.12
CA TYR A 487 28.49 -48.11 8.52
C TYR A 487 27.39 -48.97 7.91
N TYR A 488 26.29 -49.15 8.63
CA TYR A 488 25.22 -50.02 8.14
C TYR A 488 24.35 -49.33 7.11
N LEU A 489 24.25 -48.00 7.14
CA LEU A 489 23.63 -47.31 6.02
C LEU A 489 24.40 -47.55 4.73
N TYR A 490 25.73 -47.53 4.82
CA TYR A 490 26.54 -47.77 3.63
C TYR A 490 26.40 -49.20 3.13
N MET A 491 26.62 -50.19 4.02
CA MET A 491 26.66 -51.58 3.58
C MET A 491 25.31 -52.06 3.08
N LYS A 492 24.22 -51.63 3.71
CA LYS A 492 22.91 -52.13 3.32
C LYS A 492 22.38 -51.47 2.05
N TYR A 493 22.68 -50.20 1.81
CA TYR A 493 22.03 -49.44 0.76
C TYR A 493 22.99 -48.81 -0.24
N VAL A 494 24.00 -48.07 0.24
CA VAL A 494 24.85 -47.31 -0.67
C VAL A 494 25.80 -48.24 -1.42
N HIS A 495 26.53 -49.09 -0.69
CA HIS A 495 27.55 -49.93 -1.32
C HIS A 495 26.98 -50.83 -2.41
N PRO A 496 25.94 -51.63 -2.19
CA PRO A 496 25.43 -52.47 -3.29
C PRO A 496 24.95 -51.65 -4.48
N PHE A 497 24.31 -50.50 -4.23
CA PHE A 497 23.76 -49.74 -5.34
C PHE A 497 24.85 -49.13 -6.20
N ILE A 498 25.77 -48.39 -5.60
CA ILE A 498 26.74 -47.64 -6.38
C ILE A 498 27.70 -48.57 -7.10
N PHE A 499 28.22 -49.58 -6.38
CA PHE A 499 29.18 -50.48 -7.01
C PHE A 499 28.55 -51.30 -8.13
N SER A 500 27.25 -51.63 -8.02
CA SER A 500 26.58 -52.26 -9.15
C SER A 500 26.45 -51.28 -10.31
N LEU A 501 26.08 -50.03 -10.02
CA LEU A 501 25.96 -49.02 -11.06
C LEU A 501 27.27 -48.84 -11.81
N CYS A 502 28.40 -48.94 -11.09
CA CYS A 502 29.71 -48.84 -11.73
C CYS A 502 29.95 -49.91 -12.78
N THR A 503 29.25 -51.06 -12.68
CA THR A 503 29.41 -52.13 -13.65
C THR A 503 28.83 -51.78 -15.02
N ILE A 504 28.01 -50.74 -15.11
CA ILE A 504 27.43 -50.31 -16.38
C ILE A 504 27.75 -48.87 -16.73
N ILE A 505 28.32 -48.09 -15.81
CA ILE A 505 28.60 -46.68 -16.04
C ILE A 505 30.11 -46.50 -16.01
N PRO A 506 30.71 -45.86 -17.02
CA PRO A 506 32.17 -45.74 -17.11
C PRO A 506 32.76 -44.71 -16.13
N LEU A 507 32.44 -44.88 -14.85
CA LEU A 507 32.94 -44.00 -13.80
C LEU A 507 33.41 -44.85 -12.63
N ASN A 508 34.31 -44.28 -11.82
CA ASN A 508 34.69 -45.00 -10.61
C ASN A 508 33.69 -44.73 -9.50
N PRO A 509 33.72 -45.52 -8.42
CA PRO A 509 32.75 -45.32 -7.32
C PRO A 509 32.58 -43.87 -6.88
N ASP A 510 33.66 -43.11 -6.74
CA ASP A 510 33.55 -41.74 -6.24
C ASP A 510 32.66 -40.89 -7.14
N GLU A 511 32.79 -41.05 -8.47
CA GLU A 511 32.00 -40.24 -9.38
C GLU A 511 30.58 -40.79 -9.57
N THR A 512 30.41 -42.11 -9.53
CA THR A 512 29.07 -42.67 -9.63
C THR A 512 28.19 -42.16 -8.49
N LEU A 513 28.78 -41.85 -7.34
CA LEU A 513 28.00 -41.44 -6.19
C LEU A 513 27.62 -39.97 -6.24
N ARG A 514 28.49 -39.12 -6.81
CA ARG A 514 28.33 -37.67 -6.69
C ARG A 514 27.85 -36.98 -7.95
N LYS A 515 28.01 -37.57 -9.12
CA LYS A 515 27.67 -36.88 -10.36
C LYS A 515 26.15 -36.78 -10.54
N GLY A 516 25.73 -35.73 -11.23
CA GLY A 516 24.31 -35.55 -11.48
C GLY A 516 23.73 -36.68 -12.30
N THR A 517 22.42 -36.91 -12.13
CA THR A 517 21.77 -38.01 -12.83
C THR A 517 21.69 -37.75 -14.33
N GLY A 518 21.67 -36.49 -14.76
CA GLY A 518 21.76 -36.21 -16.18
C GLY A 518 23.13 -36.57 -16.75
N THR A 519 24.18 -36.34 -15.98
CA THR A 519 25.51 -36.76 -16.39
C THR A 519 25.60 -38.27 -16.44
N LEU A 520 25.03 -38.97 -15.46
CA LEU A 520 24.99 -40.43 -15.50
C LEU A 520 24.31 -40.92 -16.78
N CYS A 521 23.19 -40.30 -17.14
CA CYS A 521 22.51 -40.66 -18.39
C CYS A 521 23.42 -40.44 -19.58
N GLU A 522 24.06 -39.28 -19.65
CA GLU A 522 24.94 -38.98 -20.78
C GLU A 522 26.05 -40.02 -20.90
N MET A 523 26.60 -40.48 -19.77
CA MET A 523 27.60 -41.53 -19.82
C MET A 523 27.03 -42.80 -20.44
N LEU A 524 25.86 -43.24 -19.95
CA LEU A 524 25.23 -44.42 -20.50
C LEU A 524 24.99 -44.27 -22.00
N LEU A 525 24.59 -43.06 -22.42
CA LEU A 525 24.27 -42.86 -23.83
C LEU A 525 25.52 -42.80 -24.68
N MET A 526 26.60 -42.21 -24.17
CA MET A 526 27.84 -42.17 -24.94
C MET A 526 28.37 -43.58 -25.20
N VAL A 527 28.22 -44.48 -24.22
CA VAL A 527 28.65 -45.86 -24.40
C VAL A 527 27.93 -46.49 -25.58
N GLN A 528 26.61 -46.35 -25.62
CA GLN A 528 25.83 -46.83 -26.76
C GLN A 528 26.24 -46.14 -28.05
N ALA A 529 26.39 -44.82 -28.01
CA ALA A 529 26.79 -44.09 -29.21
C ALA A 529 28.13 -44.59 -29.74
N TYR A 530 29.11 -44.78 -28.85
CA TYR A 530 30.41 -45.24 -29.29
C TYR A 530 30.32 -46.63 -29.89
N GLN A 531 29.68 -47.55 -29.18
CA GLN A 531 29.61 -48.95 -29.61
C GLN A 531 28.84 -49.14 -30.91
N HIS A 532 27.96 -48.20 -31.27
CA HIS A 532 27.30 -48.23 -32.57
C HIS A 532 28.01 -47.34 -33.59
N ASN A 533 29.21 -46.87 -33.27
CA ASN A 533 30.00 -46.03 -34.18
C ASN A 533 29.25 -44.75 -34.58
N ILE A 534 28.54 -44.16 -33.63
CA ILE A 534 27.82 -42.91 -33.84
C ILE A 534 28.67 -41.77 -33.31
N LEU A 535 28.83 -40.73 -34.13
CA LEU A 535 29.62 -39.58 -33.71
C LEU A 535 28.90 -38.83 -32.60
N LEU A 536 29.63 -38.49 -31.54
CA LEU A 536 29.07 -37.73 -30.44
C LEU A 536 28.78 -36.30 -30.88
N PRO A 537 27.58 -35.79 -30.66
CA PRO A 537 27.34 -34.36 -30.88
C PRO A 537 28.03 -33.55 -29.79
N ASN A 538 28.40 -32.33 -30.15
CA ASN A 538 29.01 -31.44 -29.17
C ASN A 538 27.97 -30.94 -28.18
N LYS A 539 28.44 -30.58 -26.99
CA LYS A 539 27.54 -30.11 -25.93
C LYS A 539 26.75 -28.89 -26.40
N HIS A 540 25.44 -28.93 -26.16
CA HIS A 540 24.55 -27.86 -26.60
C HIS A 540 24.92 -26.54 -25.92
N THR A 541 24.70 -25.45 -26.65
CA THR A 541 24.93 -24.11 -26.12
C THR A 541 23.68 -23.28 -26.37
N ASP A 542 23.21 -22.57 -25.35
CA ASP A 542 21.97 -21.79 -25.52
C ASP A 542 22.38 -20.38 -25.93
N PRO A 543 21.62 -19.71 -26.82
CA PRO A 543 21.97 -18.35 -27.23
C PRO A 543 21.68 -17.35 -26.12
N ILE A 544 22.46 -16.26 -26.12
CA ILE A 544 22.32 -15.25 -25.09
C ILE A 544 20.98 -14.52 -25.20
N GLU A 545 20.49 -14.33 -26.42
CA GLU A 545 19.19 -13.70 -26.66
C GLU A 545 18.39 -14.52 -27.67
N ARG A 546 17.10 -14.66 -27.41
CA ARG A 546 16.16 -15.19 -28.38
C ARG A 546 14.92 -14.30 -28.39
N PHE A 547 14.27 -14.22 -29.54
CA PHE A 547 13.16 -13.30 -29.73
C PHE A 547 11.92 -14.03 -30.22
N TYR A 548 10.76 -13.56 -29.77
CA TYR A 548 9.47 -14.06 -30.22
C TYR A 548 8.61 -12.87 -30.60
N ASP A 549 8.22 -12.79 -31.88
CA ASP A 549 7.32 -11.76 -32.39
C ASP A 549 7.85 -10.36 -32.13
N GLY A 550 9.17 -10.20 -32.13
CA GLY A 550 9.77 -8.90 -31.90
C GLY A 550 9.99 -8.54 -30.45
N HIS A 551 9.66 -9.44 -29.52
CA HIS A 551 9.88 -9.22 -28.10
C HIS A 551 11.05 -10.08 -27.63
N LEU A 552 11.91 -9.49 -26.80
CA LEU A 552 12.99 -10.26 -26.19
C LEU A 552 12.41 -11.28 -25.22
N LEU A 553 12.73 -12.54 -25.43
CA LEU A 553 12.22 -13.61 -24.58
C LEU A 553 12.95 -13.63 -23.24
N GLU A 554 12.21 -13.84 -22.15
CA GLU A 554 12.79 -14.01 -20.84
C GLU A 554 12.92 -15.47 -20.43
N SER A 555 12.12 -16.35 -21.03
CA SER A 555 12.19 -17.79 -20.82
C SER A 555 11.25 -18.47 -21.78
N GLU A 556 11.56 -19.72 -22.13
CA GLU A 556 10.64 -20.55 -22.89
C GLU A 556 10.64 -21.96 -22.30
N THR A 557 9.53 -22.66 -22.50
CA THR A 557 9.27 -23.93 -21.86
C THR A 557 8.10 -24.58 -22.61
N TYR A 558 7.82 -25.84 -22.28
CA TYR A 558 6.66 -26.56 -22.75
C TYR A 558 5.66 -26.75 -21.61
N VAL A 559 4.39 -26.90 -21.98
CA VAL A 559 3.37 -27.22 -20.98
C VAL A 559 3.66 -28.63 -20.45
N GLY A 560 3.92 -28.72 -19.15
CA GLY A 560 4.29 -29.98 -18.53
C GLY A 560 3.14 -30.90 -18.21
N GLY A 561 3.11 -31.43 -16.97
CA GLY A 561 2.06 -32.34 -16.58
C GLY A 561 0.76 -31.66 -16.22
N HIS A 562 -0.32 -32.44 -16.25
CA HIS A 562 -1.67 -31.99 -15.95
C HIS A 562 -2.01 -32.35 -14.51
N VAL A 563 -2.45 -31.36 -13.74
CA VAL A 563 -2.83 -31.57 -12.34
C VAL A 563 -4.24 -31.03 -12.12
N GLU A 564 -5.07 -31.80 -11.41
CA GLU A 564 -6.44 -31.41 -11.17
C GLU A 564 -6.82 -31.70 -9.72
N SER A 565 -7.40 -30.71 -9.06
CA SER A 565 -8.08 -30.90 -7.78
C SER A 565 -9.58 -30.96 -8.05
N LEU A 566 -10.19 -32.09 -7.76
CA LEU A 566 -11.58 -32.32 -8.17
C LEU A 566 -12.56 -32.44 -7.02
N GLU A 567 -12.14 -32.98 -5.88
CA GLU A 567 -13.02 -33.11 -4.72
C GLU A 567 -12.18 -33.06 -3.44
N ALA A 568 -12.77 -32.50 -2.39
CA ALA A 568 -12.14 -32.43 -1.09
C ALA A 568 -13.06 -33.02 -0.04
N GLY A 569 -12.48 -33.41 1.09
CA GLY A 569 -13.22 -33.94 2.20
C GLY A 569 -12.68 -35.28 2.63
N VAL A 570 -13.45 -35.96 3.49
CA VAL A 570 -13.09 -37.27 3.99
C VAL A 570 -13.85 -38.33 3.20
N PHE A 571 -13.14 -39.38 2.82
CA PHE A 571 -13.72 -40.52 2.13
C PHE A 571 -13.21 -41.77 2.82
N ARG A 572 -14.15 -42.61 3.26
CA ARG A 572 -13.82 -43.80 4.04
C ARG A 572 -14.63 -44.97 3.52
N SER A 573 -14.06 -46.17 3.63
CA SER A 573 -14.70 -47.36 3.08
C SER A 573 -15.93 -47.78 3.88
N ASP A 574 -16.18 -47.17 5.04
CA ASP A 574 -17.36 -47.47 5.83
C ASP A 574 -18.43 -46.38 5.77
N LEU A 575 -18.18 -45.29 5.05
CA LEU A 575 -19.14 -44.19 4.94
C LEU A 575 -19.62 -44.10 3.50
N LYS A 576 -20.93 -44.20 3.30
CA LYS A 576 -21.50 -44.25 1.96
C LYS A 576 -21.30 -42.93 1.22
N ASN A 577 -21.34 -43.03 -0.11
CA ASN A 577 -21.21 -41.88 -0.99
C ASN A 577 -22.28 -41.98 -2.07
N GLU A 578 -22.52 -40.87 -2.77
CA GLU A 578 -23.55 -40.79 -3.80
C GLU A 578 -22.89 -40.76 -5.17
N PHE A 579 -23.24 -41.74 -6.01
CA PHE A 579 -22.66 -41.89 -7.35
C PHE A 579 -23.74 -41.75 -8.40
N LYS A 580 -23.40 -41.07 -9.50
CA LYS A 580 -24.25 -40.97 -10.69
C LYS A 580 -23.50 -41.63 -11.83
N ILE A 581 -23.97 -42.79 -12.28
CA ILE A 581 -23.29 -43.58 -13.29
C ILE A 581 -23.91 -43.24 -14.64
N ASP A 582 -23.10 -42.70 -15.54
CA ASP A 582 -23.49 -42.47 -16.91
C ASP A 582 -23.84 -43.80 -17.54
N PRO A 583 -25.11 -44.04 -17.92
CA PRO A 583 -25.47 -45.35 -18.48
C PRO A 583 -24.83 -45.61 -19.82
N SER A 584 -24.60 -44.57 -20.64
CA SER A 584 -23.89 -44.77 -21.90
C SER A 584 -22.47 -45.26 -21.65
N ALA A 585 -21.86 -44.85 -20.53
CA ALA A 585 -20.53 -45.35 -20.21
C ALA A 585 -20.53 -46.86 -20.04
N ILE A 586 -21.51 -47.38 -19.28
CA ILE A 586 -21.62 -48.82 -19.10
C ILE A 586 -21.85 -49.52 -20.44
N ASP A 587 -22.60 -48.88 -21.35
CA ASP A 587 -22.80 -49.45 -22.67
C ASP A 587 -21.48 -49.61 -23.40
N GLU A 588 -20.59 -48.61 -23.30
CA GLU A 588 -19.29 -48.71 -23.96
C GLU A 588 -18.44 -49.80 -23.32
N LEU A 589 -18.43 -49.86 -21.99
CA LEU A 589 -17.69 -50.91 -21.30
C LEU A 589 -18.22 -52.28 -21.67
N LEU A 590 -19.53 -52.42 -21.79
CA LEU A 590 -20.11 -53.70 -22.20
C LEU A 590 -19.73 -54.06 -23.64
N GLN A 591 -19.67 -53.06 -24.52
CA GLN A 591 -19.24 -53.33 -25.90
C GLN A 591 -17.76 -53.67 -25.98
N GLU A 592 -16.92 -53.02 -25.17
CA GLU A 592 -15.48 -53.26 -25.16
C GLU A 592 -15.09 -54.42 -24.25
N LEU A 593 -16.01 -54.91 -23.41
CA LEU A 593 -15.65 -55.97 -22.46
C LEU A 593 -15.02 -57.20 -23.11
N PRO A 594 -15.60 -57.80 -24.17
CA PRO A 594 -15.00 -59.03 -24.72
C PRO A 594 -13.53 -58.87 -25.10
N GLU A 595 -13.18 -57.76 -25.75
CA GLU A 595 -11.82 -57.56 -26.20
C GLU A 595 -10.91 -56.98 -25.12
N ALA A 596 -11.48 -56.36 -24.09
CA ALA A 596 -10.68 -55.90 -22.97
C ALA A 596 -10.21 -57.05 -22.11
N LEU A 597 -11.07 -58.05 -21.89
CA LEU A 597 -10.65 -59.24 -21.14
C LEU A 597 -9.62 -60.04 -21.93
N LYS A 598 -9.78 -60.12 -23.25
CA LYS A 598 -8.76 -60.74 -24.09
C LYS A 598 -7.45 -59.96 -24.02
N PHE A 599 -7.54 -58.64 -23.98
CA PHE A 599 -6.36 -57.81 -23.84
C PHE A 599 -5.66 -58.04 -22.50
N SER A 600 -6.44 -58.29 -21.44
CA SER A 600 -5.86 -58.60 -20.15
C SER A 600 -5.12 -59.93 -20.18
N VAL A 601 -5.65 -60.90 -20.92
CA VAL A 601 -5.03 -62.23 -20.97
C VAL A 601 -3.77 -62.19 -21.84
N GLU A 602 -3.89 -61.72 -23.07
CA GLU A 602 -2.82 -61.91 -24.04
C GLU A 602 -1.72 -60.85 -23.92
N VAL A 603 -2.07 -59.63 -23.51
CA VAL A 603 -1.12 -58.52 -23.46
C VAL A 603 -0.70 -58.21 -22.03
N GLU A 604 -1.66 -58.13 -21.11
CA GLU A 604 -1.32 -57.75 -19.73
C GLU A 604 -0.65 -58.89 -18.98
N ASN A 605 -0.97 -60.13 -19.30
CA ASN A 605 -0.39 -61.28 -18.60
C ASN A 605 0.38 -62.21 -19.54
N LYS A 606 0.52 -61.84 -20.82
CA LYS A 606 1.33 -62.55 -21.79
C LYS A 606 0.96 -64.04 -21.86
N SER A 607 -0.31 -64.28 -22.14
CA SER A 607 -0.84 -65.63 -22.21
C SER A 607 -1.67 -65.75 -23.49
N SER A 608 -2.59 -66.72 -23.49
CA SER A 608 -3.48 -66.96 -24.61
C SER A 608 -4.82 -67.39 -24.07
N VAL A 609 -5.90 -66.87 -24.65
CA VAL A 609 -7.24 -67.20 -24.19
C VAL A 609 -7.54 -68.68 -24.38
N ASP A 610 -6.73 -69.40 -25.15
CA ASP A 610 -6.93 -70.83 -25.34
C ASP A 610 -6.66 -71.64 -24.08
N LYS A 611 -5.93 -71.08 -23.12
CA LYS A 611 -5.50 -71.83 -21.94
C LYS A 611 -6.23 -71.43 -20.66
N VAL A 612 -7.05 -70.37 -20.68
CA VAL A 612 -7.86 -69.99 -19.52
C VAL A 612 -9.19 -70.75 -19.57
N THR A 613 -9.63 -71.24 -18.42
CA THR A 613 -10.77 -72.15 -18.35
C THR A 613 -12.00 -71.53 -17.71
N ASN A 614 -11.92 -70.28 -17.23
CA ASN A 614 -13.07 -69.61 -16.65
C ASN A 614 -13.29 -68.24 -17.28
N PHE A 615 -12.89 -68.10 -18.56
CA PHE A 615 -13.04 -66.83 -19.26
C PHE A 615 -14.50 -66.42 -19.39
N GLU A 616 -15.40 -67.40 -19.56
CA GLU A 616 -16.81 -67.08 -19.73
C GLU A 616 -17.48 -66.72 -18.40
N GLU A 617 -17.15 -67.45 -17.34
CA GLU A 617 -17.64 -67.09 -16.01
C GLU A 617 -17.29 -65.64 -15.69
N ILE A 618 -16.00 -65.30 -15.77
CA ILE A 618 -15.56 -63.95 -15.46
C ILE A 618 -16.25 -62.93 -16.36
N LYS A 619 -16.39 -63.24 -17.64
CA LYS A 619 -17.10 -62.33 -18.54
C LYS A 619 -18.55 -62.13 -18.11
N ASN A 620 -19.19 -63.18 -17.56
CA ASN A 620 -20.57 -63.05 -17.15
C ASN A 620 -20.72 -62.30 -15.83
N GLN A 621 -19.82 -62.57 -14.87
CA GLN A 621 -19.89 -61.87 -13.59
C GLN A 621 -19.69 -60.37 -13.77
N ILE A 622 -18.74 -59.97 -14.61
CA ILE A 622 -18.52 -58.55 -14.89
C ILE A 622 -19.71 -57.96 -15.62
N THR A 623 -20.20 -58.66 -16.66
CA THR A 623 -21.35 -58.17 -17.41
C THR A 623 -22.54 -57.96 -16.48
N GLN A 624 -22.80 -58.91 -15.59
CA GLN A 624 -23.95 -58.80 -14.68
C GLN A 624 -23.79 -57.59 -13.77
N LYS A 625 -22.60 -57.40 -13.19
CA LYS A 625 -22.37 -56.25 -12.32
C LYS A 625 -22.50 -54.95 -13.08
N LEU A 626 -21.99 -54.90 -14.32
CA LEU A 626 -22.15 -53.71 -15.14
C LEU A 626 -23.61 -53.47 -15.49
N LEU A 627 -24.32 -54.52 -15.89
CA LEU A 627 -25.69 -54.36 -16.36
C LEU A 627 -26.60 -53.82 -15.27
N GLU A 628 -26.37 -54.24 -14.02
CA GLU A 628 -27.17 -53.72 -12.91
C GLU A 628 -26.83 -52.27 -12.64
N LEU A 629 -25.55 -51.91 -12.76
CA LEU A 629 -25.14 -50.52 -12.59
C LEU A 629 -25.81 -49.61 -13.62
N LYS A 630 -26.13 -50.15 -14.80
CA LYS A 630 -26.80 -49.36 -15.82
C LYS A 630 -28.26 -49.10 -15.47
N GLU A 631 -28.95 -50.13 -14.97
CA GLU A 631 -30.37 -49.98 -14.63
C GLU A 631 -30.58 -49.14 -13.38
N ASN A 632 -29.57 -49.03 -12.52
CA ASN A 632 -29.60 -48.17 -11.33
C ASN A 632 -28.44 -47.20 -11.46
N ASN A 633 -28.65 -46.08 -12.16
CA ASN A 633 -27.59 -45.11 -12.37
C ASN A 633 -27.42 -44.14 -11.20
N ILE A 634 -28.32 -44.13 -10.23
CA ILE A 634 -28.25 -43.26 -9.05
C ILE A 634 -28.13 -44.16 -7.83
N ARG A 635 -26.98 -44.10 -7.15
CA ARG A 635 -26.65 -45.06 -6.10
C ARG A 635 -25.98 -44.37 -4.93
N ASN A 636 -26.26 -44.88 -3.73
CA ASN A 636 -25.68 -44.40 -2.48
C ASN A 636 -25.05 -45.59 -1.78
N GLU A 637 -23.78 -45.84 -2.05
CA GLU A 637 -23.08 -47.03 -1.59
C GLU A 637 -21.78 -46.66 -0.88
N LEU A 638 -21.21 -47.66 -0.20
CA LEU A 638 -19.82 -47.57 0.22
C LEU A 638 -18.92 -47.44 -1.01
N PRO A 639 -17.84 -46.68 -0.91
CA PRO A 639 -16.95 -46.52 -2.06
C PRO A 639 -15.82 -47.54 -2.08
N LEU A 640 -14.98 -47.45 -3.11
CA LEU A 640 -13.71 -48.16 -3.17
C LEU A 640 -12.65 -47.11 -3.51
N ILE A 641 -11.77 -46.83 -2.54
CA ILE A 641 -10.76 -45.79 -2.70
C ILE A 641 -9.59 -46.40 -3.46
N TYR A 642 -9.53 -46.18 -4.77
CA TYR A 642 -8.53 -46.78 -5.64
C TYR A 642 -7.62 -45.72 -6.24
N HIS A 643 -6.39 -46.12 -6.52
CA HIS A 643 -5.42 -45.26 -7.20
C HIS A 643 -4.92 -46.00 -8.44
N VAL A 644 -4.96 -45.32 -9.58
CA VAL A 644 -4.41 -45.84 -10.83
C VAL A 644 -3.28 -44.92 -11.27
N ASP A 645 -2.17 -45.51 -11.68
CA ASP A 645 -0.99 -44.77 -12.11
C ASP A 645 -0.28 -45.54 -13.20
N VAL A 646 0.16 -44.83 -14.24
CA VAL A 646 0.94 -45.45 -15.31
C VAL A 646 2.33 -45.79 -14.79
N ALA A 647 2.79 -47.00 -15.08
CA ALA A 647 4.12 -47.41 -14.67
C ALA A 647 5.16 -46.78 -15.59
N SER A 648 6.12 -46.06 -15.00
CA SER A 648 7.18 -45.39 -15.75
C SER A 648 6.61 -44.58 -16.91
N GLY A 649 5.64 -43.72 -16.58
CA GLY A 649 4.85 -42.99 -17.55
C GLY A 649 5.65 -42.34 -18.67
N TYR A 650 6.52 -41.39 -18.33
CA TYR A 650 7.25 -40.68 -19.38
C TYR A 650 8.20 -41.60 -20.12
N PRO A 651 9.01 -42.44 -19.47
CA PRO A 651 9.82 -43.39 -20.26
C PRO A 651 9.00 -44.24 -21.19
N ASN A 652 7.87 -44.77 -20.72
CA ASN A 652 7.05 -45.62 -21.57
C ASN A 652 6.38 -44.83 -22.68
N ILE A 653 6.01 -43.57 -22.42
CA ILE A 653 5.49 -42.72 -23.48
C ILE A 653 6.54 -42.55 -24.58
N MET A 654 7.78 -42.30 -24.18
CA MET A 654 8.88 -42.12 -25.13
C MET A 654 9.08 -43.36 -25.99
N THR A 655 9.33 -44.50 -25.34
CA THR A 655 9.62 -45.72 -26.09
C THR A 655 8.43 -46.15 -26.94
N THR A 656 7.20 -45.90 -26.47
CA THR A 656 6.03 -46.24 -27.26
C THR A 656 6.02 -45.47 -28.58
N ASN A 657 6.37 -44.19 -28.54
CA ASN A 657 6.34 -43.31 -29.70
C ASN A 657 7.69 -43.15 -30.36
N ARG A 658 8.67 -44.00 -30.02
CA ARG A 658 10.02 -43.90 -30.59
C ARG A 658 10.58 -42.49 -30.45
N LEU A 659 10.42 -41.93 -29.25
CA LEU A 659 10.78 -40.54 -28.99
C LEU A 659 12.25 -40.47 -28.61
N GLN A 660 13.01 -39.65 -29.35
CA GLN A 660 14.42 -39.42 -29.05
C GLN A 660 14.85 -38.18 -29.81
N PRO A 661 15.78 -37.39 -29.25
CA PRO A 661 16.11 -36.10 -29.87
C PRO A 661 16.52 -36.17 -31.33
N ASP A 662 17.34 -37.16 -31.71
CA ASP A 662 17.77 -37.29 -33.09
C ASP A 662 16.65 -37.70 -34.03
N SER A 663 15.50 -38.13 -33.51
CA SER A 663 14.37 -38.54 -34.35
C SER A 663 13.40 -37.41 -34.64
N ILE A 664 13.56 -36.25 -34.00
CA ILE A 664 12.71 -35.10 -34.28
C ILE A 664 13.25 -34.40 -35.51
N LYS A 665 12.46 -34.39 -36.58
CA LYS A 665 12.91 -33.84 -37.86
C LYS A 665 11.86 -32.89 -38.42
N THR A 681 5.25 -42.97 -44.33
CA THR A 681 4.97 -43.35 -42.95
C THR A 681 6.23 -43.42 -42.08
N CYS A 682 7.35 -42.94 -42.62
CA CYS A 682 8.54 -42.80 -41.77
C CYS A 682 8.41 -41.64 -40.81
N ALA A 683 7.31 -40.88 -40.87
CA ALA A 683 7.14 -39.66 -40.10
C ALA A 683 5.85 -39.75 -39.30
N ARG A 684 5.95 -39.61 -37.99
CA ARG A 684 4.82 -39.62 -37.08
C ARG A 684 4.69 -38.22 -36.48
N LYS A 685 3.64 -37.51 -36.86
CA LYS A 685 3.43 -36.14 -36.38
C LYS A 685 2.81 -36.18 -34.99
N LEU A 686 3.48 -35.56 -34.03
CA LEU A 686 3.00 -35.48 -32.65
C LEU A 686 3.02 -34.03 -32.19
N LYS A 687 2.00 -33.65 -31.43
CA LYS A 687 1.79 -32.26 -31.03
C LYS A 687 2.32 -32.00 -29.63
N TRP A 688 2.82 -30.77 -29.43
CA TRP A 688 3.26 -30.30 -28.12
C TRP A 688 2.85 -28.84 -27.95
N ALA A 689 3.00 -28.33 -26.74
CA ALA A 689 2.57 -26.98 -26.38
C ALA A 689 3.77 -26.17 -25.93
N TRP A 690 4.03 -25.07 -26.62
CA TRP A 690 5.11 -24.17 -26.29
C TRP A 690 4.58 -22.99 -25.49
N ARG A 691 5.32 -22.59 -24.47
CA ARG A 691 4.96 -21.45 -23.63
C ARG A 691 6.17 -20.54 -23.49
N GLY A 692 6.02 -19.28 -23.88
CA GLY A 692 7.09 -18.32 -23.80
C GLY A 692 6.72 -17.15 -22.91
N GLU A 693 7.74 -16.56 -22.29
CA GLU A 693 7.58 -15.38 -21.44
C GLU A 693 8.49 -14.29 -21.97
N PHE A 694 7.91 -13.20 -22.48
CA PHE A 694 8.66 -12.17 -23.14
C PHE A 694 8.28 -10.80 -22.60
N PHE A 695 9.10 -9.80 -22.94
CA PHE A 695 8.83 -8.42 -22.60
C PHE A 695 7.75 -7.85 -23.53
N PRO A 696 6.91 -6.94 -23.02
CA PRO A 696 5.93 -6.27 -23.89
C PRO A 696 6.58 -5.34 -24.89
N SER A 697 7.84 -4.99 -24.71
CA SER A 697 8.52 -4.07 -25.62
C SER A 697 8.72 -4.72 -26.97
N LYS A 698 8.51 -3.94 -28.03
CA LYS A 698 8.77 -4.39 -29.38
C LYS A 698 10.24 -4.10 -29.73
N MET A 699 10.60 -4.38 -30.98
CA MET A 699 11.94 -4.01 -31.44
C MET A 699 12.17 -2.52 -31.27
N ASP A 700 11.35 -1.70 -31.94
CA ASP A 700 11.51 -0.25 -31.95
C ASP A 700 11.86 0.32 -30.57
N GLU A 701 11.32 -0.28 -29.51
CA GLU A 701 11.70 0.14 -28.17
C GLU A 701 13.03 -0.47 -27.75
N TYR A 702 13.18 -1.79 -27.92
CA TYR A 702 14.41 -2.48 -27.55
C TYR A 702 15.67 -1.75 -28.00
N ASN A 703 15.76 -1.43 -29.30
CA ASN A 703 16.94 -0.73 -29.80
C ASN A 703 17.16 0.60 -29.09
N MET A 704 16.09 1.23 -28.59
CA MET A 704 16.22 2.52 -27.94
C MET A 704 17.00 2.40 -26.63
N ILE A 705 16.67 1.40 -25.81
CA ILE A 705 17.37 1.27 -24.52
C ILE A 705 18.81 0.82 -24.73
N LYS A 706 19.08 0.03 -25.77
CA LYS A 706 20.45 -0.41 -26.03
C LYS A 706 21.36 0.77 -26.35
N ARG A 707 20.96 1.61 -27.32
CA ARG A 707 21.76 2.77 -27.68
C ARG A 707 21.88 3.76 -26.53
N ALA A 708 20.96 3.70 -25.56
CA ALA A 708 21.10 4.53 -24.37
C ALA A 708 22.26 4.05 -23.51
N LEU A 709 22.31 2.74 -23.24
CA LEU A 709 23.42 2.19 -22.46
C LEU A 709 24.74 2.30 -23.21
N GLN A 710 24.70 2.34 -24.55
CA GLN A 710 25.92 2.50 -25.32
C GLN A 710 26.62 3.82 -25.00
N ASN A 711 25.87 4.85 -24.63
CA ASN A 711 26.43 6.16 -24.32
C ASN A 711 26.82 6.31 -22.86
N GLU A 712 26.61 5.28 -22.04
CA GLU A 712 26.93 5.33 -20.62
C GLU A 712 28.30 4.74 -20.34
N THR A 713 28.89 5.16 -19.22
CA THR A 713 30.12 4.59 -18.69
C THR A 713 29.79 3.50 -17.68
N PHE A 714 30.70 2.54 -17.53
CA PHE A 714 30.51 1.41 -16.65
C PHE A 714 31.82 1.09 -15.95
N PRO A 715 31.75 0.58 -14.72
CA PRO A 715 32.99 0.27 -13.98
C PRO A 715 33.79 -0.84 -14.66
N ASN A 716 35.11 -0.77 -14.48
CA ASN A 716 35.99 -1.83 -14.93
C ASN A 716 35.96 -2.98 -13.92
N LYS A 717 36.68 -4.06 -14.23
CA LYS A 717 36.76 -5.22 -13.34
C LYS A 717 38.17 -5.78 -13.33
N ASN A 718 39.14 -4.91 -13.05
CA ASN A 718 40.55 -5.30 -12.89
C ASN A 718 41.38 -4.12 -12.42
N LYS A 724 40.18 2.12 -15.72
CA LYS A 724 39.38 2.28 -14.50
C LYS A 724 37.90 2.46 -14.82
N VAL A 725 37.55 2.39 -16.11
CA VAL A 725 36.19 2.55 -16.58
C VAL A 725 36.11 2.09 -18.04
N LEU A 726 35.03 1.41 -18.39
CA LEU A 726 34.84 0.83 -19.72
C LEU A 726 33.55 1.34 -20.33
N THR A 727 33.31 0.97 -21.58
CA THR A 727 32.12 1.33 -22.33
C THR A 727 31.28 0.08 -22.57
N PHE A 728 29.98 0.30 -22.82
CA PHE A 728 29.04 -0.78 -23.08
C PHE A 728 29.61 -1.77 -24.09
N ASP A 729 29.95 -1.29 -25.28
CA ASP A 729 30.49 -2.16 -26.32
C ASP A 729 31.85 -2.74 -25.96
N GLU A 730 32.60 -2.11 -25.05
CA GLU A 730 33.84 -2.69 -24.55
C GLU A 730 33.61 -3.76 -23.48
N LEU A 731 32.36 -3.99 -23.08
CA LEU A 731 32.05 -5.04 -22.13
C LEU A 731 31.96 -6.38 -22.86
N SER A 732 31.52 -7.41 -22.14
CA SER A 732 31.23 -8.71 -22.75
C SER A 732 29.78 -8.73 -23.22
N TYR A 733 29.47 -9.69 -24.09
CA TYR A 733 28.09 -9.86 -24.53
C TYR A 733 27.17 -10.19 -23.35
N ALA A 734 27.65 -11.01 -22.41
CA ALA A 734 26.84 -11.36 -21.25
C ALA A 734 26.49 -10.13 -20.43
N ASP A 735 27.51 -9.41 -19.94
CA ASP A 735 27.27 -8.22 -19.14
C ASP A 735 26.44 -7.19 -19.89
N GLN A 736 26.57 -7.15 -21.22
CA GLN A 736 25.76 -6.25 -22.03
C GLN A 736 24.28 -6.56 -21.80
N VAL A 737 23.85 -7.77 -22.17
CA VAL A 737 22.44 -8.13 -22.04
C VAL A 737 21.98 -8.15 -20.60
N ILE A 738 22.90 -8.28 -19.65
CA ILE A 738 22.53 -8.17 -18.24
C ILE A 738 21.98 -6.77 -17.96
N HIS A 739 22.67 -5.74 -18.47
CA HIS A 739 22.18 -4.37 -18.32
C HIS A 739 20.93 -4.14 -19.15
N ILE A 740 20.87 -4.72 -20.35
CA ILE A 740 19.70 -4.53 -21.22
C ILE A 740 18.45 -5.07 -20.56
N LYS A 741 18.55 -6.26 -19.95
CA LYS A 741 17.39 -6.88 -19.33
C LYS A 741 16.85 -6.02 -18.20
N LYS A 742 17.74 -5.51 -17.34
CA LYS A 742 17.31 -4.67 -16.23
C LYS A 742 16.64 -3.40 -16.72
N ARG A 743 17.22 -2.77 -17.75
CA ARG A 743 16.64 -1.54 -18.27
C ARG A 743 15.39 -1.81 -19.12
N LEU A 744 15.31 -3.00 -19.73
CA LEU A 744 14.11 -3.36 -20.46
C LEU A 744 12.92 -3.58 -19.53
N THR A 745 13.16 -4.22 -18.38
CA THR A 745 12.10 -4.39 -17.39
C THR A 745 11.54 -3.06 -16.96
N GLU A 746 12.41 -2.09 -16.66
CA GLU A 746 11.98 -0.79 -16.17
C GLU A 746 11.11 -0.07 -17.20
N TYR A 747 11.55 -0.06 -18.46
CA TYR A 747 10.79 0.63 -19.49
C TYR A 747 9.39 0.05 -19.63
N SER A 748 9.29 -1.27 -19.72
CA SER A 748 7.98 -1.91 -19.90
C SER A 748 7.09 -1.71 -18.68
N ARG A 749 7.68 -1.72 -17.49
CA ARG A 749 6.90 -1.48 -16.28
C ARG A 749 6.21 -0.11 -16.29
N LYS A 750 6.75 0.84 -17.06
CA LYS A 750 6.14 2.17 -17.14
C LYS A 750 5.21 2.28 -18.35
N VAL A 751 5.75 2.12 -19.56
CA VAL A 751 4.94 2.31 -20.77
C VAL A 751 3.88 1.23 -20.90
N TYR A 752 4.11 0.06 -20.32
CA TYR A 752 3.17 -1.06 -20.44
C TYR A 752 2.55 -1.50 -19.12
N HIS A 753 3.13 -1.10 -17.98
CA HIS A 753 2.73 -1.59 -16.65
C HIS A 753 3.07 -3.07 -16.49
N ARG A 754 2.68 -3.90 -17.45
CA ARG A 754 3.08 -5.29 -17.46
C ARG A 754 4.57 -5.41 -17.77
N VAL A 755 5.23 -6.35 -17.09
CA VAL A 755 6.65 -6.56 -17.29
C VAL A 755 6.94 -7.85 -18.08
N LYS A 756 6.10 -8.87 -17.95
CA LYS A 756 6.29 -10.13 -18.65
C LYS A 756 4.96 -10.60 -19.21
N VAL A 757 4.97 -11.01 -20.48
CA VAL A 757 3.77 -11.52 -21.15
C VAL A 757 4.02 -12.99 -21.48
N SER A 758 3.01 -13.82 -21.25
CA SER A 758 3.11 -15.26 -21.46
C SER A 758 2.12 -15.69 -22.54
N GLU A 759 2.60 -16.46 -23.52
CA GLU A 759 1.77 -16.97 -24.60
C GLU A 759 2.02 -18.46 -24.80
N ILE A 760 0.96 -19.18 -25.16
CA ILE A 760 1.02 -20.60 -25.51
C ILE A 760 0.64 -20.76 -26.97
N VAL A 761 1.40 -21.58 -27.69
CA VAL A 761 1.08 -21.92 -29.07
C VAL A 761 1.28 -23.42 -29.26
N GLU A 762 0.29 -24.08 -29.85
CA GLU A 762 0.43 -25.49 -30.18
C GLU A 762 1.40 -25.66 -31.34
N ARG A 763 2.22 -26.70 -31.25
CA ARG A 763 3.24 -26.96 -32.24
C ARG A 763 3.25 -28.44 -32.60
N GLU A 764 3.60 -28.72 -33.84
CA GLU A 764 3.76 -30.09 -34.30
C GLU A 764 5.24 -30.37 -34.57
N ALA A 765 5.63 -31.63 -34.44
CA ALA A 765 6.98 -32.05 -34.73
C ALA A 765 6.94 -33.39 -35.44
N ILE A 766 7.80 -33.53 -36.45
CA ILE A 766 7.98 -34.80 -37.15
C ILE A 766 8.89 -35.68 -36.31
N VAL A 767 8.41 -36.89 -35.98
CA VAL A 767 9.20 -37.90 -35.29
C VAL A 767 9.48 -39.01 -36.30
N CYS A 768 10.70 -39.05 -36.85
CA CYS A 768 11.06 -40.11 -37.78
C CYS A 768 11.07 -41.45 -37.06
N GLN A 769 10.35 -42.42 -37.63
CA GLN A 769 10.23 -43.74 -37.03
C GLN A 769 11.33 -44.70 -37.49
N ARG A 770 12.28 -44.24 -38.30
CA ARG A 770 13.36 -45.09 -38.79
C ARG A 770 14.73 -44.70 -38.26
N GLU A 771 14.82 -43.66 -37.44
CA GLU A 771 16.11 -43.20 -36.98
C GLU A 771 16.77 -44.26 -36.09
N ASN A 772 18.11 -44.31 -36.15
CA ASN A 772 18.93 -45.13 -35.30
C ASN A 772 18.45 -45.00 -33.86
N PRO A 773 17.95 -46.06 -33.26
CA PRO A 773 17.28 -45.93 -31.97
C PRO A 773 18.20 -46.12 -30.77
N PHE A 774 19.44 -45.63 -30.86
CA PHE A 774 20.36 -45.83 -29.74
C PHE A 774 19.88 -45.11 -28.48
N TYR A 775 19.18 -43.97 -28.65
CA TYR A 775 18.64 -43.29 -27.47
C TYR A 775 17.44 -44.03 -26.90
N VAL A 776 16.46 -44.36 -27.75
CA VAL A 776 15.27 -45.08 -27.30
C VAL A 776 15.66 -46.39 -26.63
N ASP A 777 16.54 -47.17 -27.27
CA ASP A 777 16.93 -48.47 -26.74
C ASP A 777 17.63 -48.35 -25.40
N THR A 778 18.36 -47.25 -25.17
CA THR A 778 18.98 -47.04 -23.87
C THR A 778 17.93 -46.81 -22.80
N VAL A 779 16.86 -46.10 -23.13
CA VAL A 779 15.78 -45.89 -22.17
C VAL A 779 15.05 -47.20 -21.91
N LYS A 780 14.79 -47.97 -22.96
CA LYS A 780 14.11 -49.25 -22.80
C LYS A 780 14.90 -50.18 -21.89
N SER A 781 16.22 -50.20 -22.04
CA SER A 781 17.04 -51.08 -21.21
C SER A 781 17.02 -50.65 -19.74
N PHE A 782 17.22 -49.36 -19.48
CA PHE A 782 17.26 -48.90 -18.09
C PHE A 782 15.89 -49.00 -17.44
N ARG A 783 14.81 -48.81 -18.20
CA ARG A 783 13.48 -49.03 -17.66
C ARG A 783 13.30 -50.48 -17.25
N ASP A 784 13.68 -51.42 -18.13
CA ASP A 784 13.62 -52.84 -17.77
C ASP A 784 14.47 -53.13 -16.54
N ARG A 785 15.60 -52.44 -16.40
CA ARG A 785 16.42 -52.59 -15.20
C ARG A 785 15.63 -52.23 -13.95
N ARG A 786 14.92 -51.09 -14.00
CA ARG A 786 14.12 -50.67 -12.85
C ARG A 786 12.97 -51.63 -12.61
N TYR A 787 12.28 -52.06 -13.67
CA TYR A 787 11.15 -52.97 -13.53
C TYR A 787 11.54 -54.22 -12.74
N GLU A 788 12.80 -54.66 -12.84
CA GLU A 788 13.23 -55.83 -12.10
C GLU A 788 13.04 -55.61 -10.60
N PHE A 789 13.55 -54.50 -10.08
CA PHE A 789 13.46 -54.24 -8.65
C PHE A 789 12.04 -53.84 -8.25
N LYS A 790 11.32 -53.15 -9.13
CA LYS A 790 9.92 -52.84 -8.85
C LYS A 790 9.09 -54.10 -8.71
N GLY A 791 9.36 -55.11 -9.53
CA GLY A 791 8.60 -56.35 -9.44
C GLY A 791 8.96 -57.17 -8.22
N LEU A 792 10.21 -57.13 -7.79
CA LEU A 792 10.59 -57.85 -6.59
C LEU A 792 9.96 -57.22 -5.35
N ALA A 793 9.82 -55.90 -5.33
CA ALA A 793 9.12 -55.24 -4.23
C ALA A 793 7.66 -55.68 -4.18
N LYS A 794 7.06 -55.98 -5.34
CA LYS A 794 5.69 -56.48 -5.35
C LYS A 794 5.62 -57.98 -5.07
N THR A 795 6.67 -58.72 -5.44
CA THR A 795 6.74 -60.12 -5.04
C THR A 795 6.75 -60.25 -3.52
N TRP A 796 7.66 -59.52 -2.87
CA TRP A 796 7.84 -59.68 -1.42
C TRP A 796 6.73 -59.01 -0.63
N LYS A 797 6.09 -57.98 -1.19
CA LYS A 797 4.87 -57.46 -0.57
C LYS A 797 3.79 -58.53 -0.50
N GLY A 798 3.77 -59.46 -1.45
CA GLY A 798 2.84 -60.57 -1.38
C GLY A 798 3.33 -61.70 -0.50
N ASN A 799 4.64 -61.93 -0.46
CA ASN A 799 5.18 -62.95 0.43
C ASN A 799 4.89 -62.61 1.89
N LEU A 800 5.02 -61.33 2.25
CA LEU A 800 4.76 -60.92 3.63
C LEU A 800 3.28 -61.06 3.97
N SER A 801 2.39 -60.73 3.03
CA SER A 801 0.96 -60.90 3.24
C SER A 801 0.56 -62.37 3.38
N LYS A 802 1.45 -63.31 3.05
CA LYS A 802 1.16 -64.74 3.15
C LYS A 802 1.70 -65.37 4.43
N ILE A 803 2.51 -64.65 5.20
CA ILE A 803 3.12 -65.19 6.42
C ILE A 803 2.17 -65.00 7.58
N ASP A 804 2.12 -65.98 8.47
CA ASP A 804 1.32 -65.86 9.68
C ASP A 804 1.93 -64.81 10.59
N PRO A 805 1.10 -63.98 11.25
CA PRO A 805 1.64 -62.95 12.14
C PRO A 805 2.53 -63.49 13.25
N SER A 806 2.42 -64.77 13.62
CA SER A 806 3.20 -65.30 14.73
C SER A 806 4.66 -65.54 14.36
N ASP A 807 4.95 -65.84 13.10
CA ASP A 807 6.32 -66.08 12.64
C ASP A 807 7.05 -64.74 12.59
N LYS A 808 7.50 -64.29 13.75
CA LYS A 808 8.07 -62.95 13.87
C LYS A 808 9.34 -62.80 13.03
N HIS A 809 10.22 -63.81 13.05
CA HIS A 809 11.47 -63.69 12.30
C HIS A 809 11.21 -63.67 10.80
N ALA A 810 10.17 -64.37 10.34
CA ALA A 810 9.90 -64.40 8.90
C ALA A 810 9.35 -63.07 8.40
N ARG A 811 8.42 -62.47 9.15
CA ARG A 811 7.86 -61.20 8.72
C ARG A 811 8.90 -60.09 8.72
N ASP A 812 9.89 -60.17 9.62
CA ASP A 812 10.95 -59.18 9.65
C ASP A 812 11.84 -59.28 8.42
N GLU A 813 12.20 -60.51 8.02
CA GLU A 813 12.98 -60.68 6.81
C GLU A 813 12.18 -60.25 5.58
N ALA A 814 10.90 -60.60 5.52
CA ALA A 814 10.07 -60.17 4.41
C ALA A 814 9.95 -58.66 4.36
N LYS A 815 9.77 -58.03 5.53
CA LYS A 815 9.69 -56.58 5.59
C LYS A 815 11.02 -55.94 5.18
N LYS A 816 12.14 -56.58 5.54
CA LYS A 816 13.44 -56.03 5.16
C LYS A 816 13.68 -56.16 3.68
N MET A 817 13.20 -57.25 3.06
CA MET A 817 13.28 -57.37 1.61
C MET A 817 12.48 -56.26 0.93
N ILE A 818 11.30 -55.95 1.46
CA ILE A 818 10.43 -54.95 0.87
C ILE A 818 11.12 -53.59 0.86
N VAL A 819 11.70 -53.18 1.99
CA VAL A 819 12.37 -51.89 2.06
C VAL A 819 13.57 -51.86 1.14
N LEU A 820 14.31 -52.97 1.05
CA LEU A 820 15.50 -53.00 0.21
C LEU A 820 15.14 -52.84 -1.26
N TYR A 821 14.16 -53.61 -1.75
CA TYR A 821 13.82 -53.54 -3.16
C TYR A 821 13.05 -52.26 -3.50
N ASP A 822 12.19 -51.81 -2.59
CA ASP A 822 11.52 -50.53 -2.80
C ASP A 822 12.54 -49.39 -2.91
N SER A 823 13.60 -49.46 -2.11
CA SER A 823 14.63 -48.43 -2.20
C SER A 823 15.46 -48.57 -3.48
N LEU A 824 15.73 -49.80 -3.90
CA LEU A 824 16.50 -50.00 -5.13
C LEU A 824 15.73 -49.51 -6.34
N GLN A 825 14.44 -49.83 -6.43
CA GLN A 825 13.65 -49.37 -7.56
C GLN A 825 13.49 -47.85 -7.54
N LEU A 826 13.53 -47.25 -6.34
CA LEU A 826 13.41 -45.80 -6.24
C LEU A 826 14.71 -45.10 -6.60
N ALA A 827 15.86 -45.70 -6.27
CA ALA A 827 17.12 -45.12 -6.72
C ALA A 827 17.26 -45.19 -8.24
N HIS A 828 16.67 -46.22 -8.86
CA HIS A 828 16.66 -46.31 -10.31
C HIS A 828 15.64 -45.37 -10.95
N LYS A 829 14.73 -44.81 -10.15
CA LYS A 829 13.64 -44.03 -10.72
C LYS A 829 14.12 -42.67 -11.19
N VAL A 830 14.93 -41.98 -10.37
CA VAL A 830 15.40 -40.66 -10.75
C VAL A 830 16.31 -40.74 -11.97
N ILE A 831 17.24 -41.70 -11.97
CA ILE A 831 18.10 -41.90 -13.13
C ILE A 831 17.26 -42.20 -14.37
N LEU A 832 16.22 -43.03 -14.22
CA LEU A 832 15.38 -43.35 -15.36
C LEU A 832 14.72 -42.10 -15.92
N ASN A 833 13.95 -41.40 -15.10
CA ASN A 833 13.25 -40.21 -15.60
C ASN A 833 14.19 -39.09 -15.99
N SER A 834 15.47 -39.15 -15.58
CA SER A 834 16.45 -38.19 -16.07
C SER A 834 16.76 -38.40 -17.56
N PHE A 835 16.46 -39.57 -18.11
CA PHE A 835 16.55 -39.71 -19.56
C PHE A 835 15.55 -38.81 -20.26
N TYR A 836 14.39 -38.57 -19.65
CA TYR A 836 13.43 -37.63 -20.20
C TYR A 836 13.86 -36.19 -19.98
N GLY A 837 14.40 -35.89 -18.79
CA GLY A 837 14.85 -34.54 -18.49
C GLY A 837 16.10 -34.13 -19.23
N TYR A 838 16.92 -35.09 -19.66
CA TYR A 838 18.22 -34.80 -20.26
C TYR A 838 18.11 -34.00 -21.55
N VAL A 839 17.01 -34.15 -22.30
CA VAL A 839 16.87 -33.41 -23.55
C VAL A 839 16.65 -31.92 -23.32
N MET A 840 16.60 -31.46 -22.05
CA MET A 840 16.53 -30.04 -21.71
C MET A 840 17.67 -29.58 -20.82
N ARG A 841 18.60 -30.47 -20.47
CA ARG A 841 19.69 -30.11 -19.59
C ARG A 841 20.68 -29.19 -20.31
N LYS A 842 21.21 -28.22 -19.57
CA LYS A 842 22.21 -27.33 -20.15
C LYS A 842 23.49 -28.11 -20.42
N GLY A 843 24.05 -27.93 -21.61
CA GLY A 843 25.24 -28.66 -22.01
C GLY A 843 24.97 -30.06 -22.50
N SER A 844 23.73 -30.36 -22.87
CA SER A 844 23.35 -31.69 -23.29
C SER A 844 23.85 -31.97 -24.70
N ARG A 845 24.32 -33.20 -24.91
CA ARG A 845 24.73 -33.64 -26.23
C ARG A 845 23.56 -34.06 -27.10
N TRP A 846 22.35 -34.18 -26.54
CA TRP A 846 21.17 -34.60 -27.29
C TRP A 846 19.96 -33.77 -26.83
N TYR A 847 19.96 -32.49 -27.20
CA TYR A 847 18.94 -31.54 -26.76
C TYR A 847 17.77 -31.53 -27.74
N SER A 848 16.55 -31.53 -27.18
CA SER A 848 15.35 -31.33 -28.01
C SER A 848 14.20 -30.89 -27.10
N MET A 849 13.87 -29.60 -27.15
CA MET A 849 12.68 -29.15 -26.43
C MET A 849 11.43 -29.81 -26.99
N GLU A 850 11.39 -30.05 -28.29
CA GLU A 850 10.20 -30.64 -28.92
C GLU A 850 9.91 -32.01 -28.34
N MET A 851 10.94 -32.85 -28.17
CA MET A 851 10.69 -34.22 -27.74
C MET A 851 10.18 -34.27 -26.30
N ALA A 852 10.66 -33.38 -25.45
CA ALA A 852 10.12 -33.31 -24.08
C ALA A 852 8.71 -32.76 -24.07
N GLY A 853 8.44 -31.73 -24.87
CA GLY A 853 7.10 -31.19 -24.94
C GLY A 853 6.10 -32.20 -25.47
N ILE A 854 6.52 -33.05 -26.40
CA ILE A 854 5.64 -34.09 -26.91
C ILE A 854 5.34 -35.13 -25.84
N THR A 855 6.35 -35.49 -25.04
CA THR A 855 6.12 -36.44 -23.96
C THR A 855 5.07 -35.93 -22.99
N CYS A 856 5.17 -34.64 -22.61
CA CYS A 856 4.26 -34.09 -21.61
C CYS A 856 2.83 -34.01 -22.13
N LEU A 857 2.66 -33.53 -23.37
CA LEU A 857 1.31 -33.35 -23.89
C LEU A 857 0.61 -34.69 -24.08
N THR A 858 1.35 -35.72 -24.49
CA THR A 858 0.74 -37.03 -24.70
C THR A 858 0.22 -37.61 -23.39
N GLY A 859 1.02 -37.54 -22.33
CA GLY A 859 0.54 -37.99 -21.02
C GLY A 859 -0.64 -37.18 -20.53
N ALA A 860 -0.66 -35.88 -20.83
CA ALA A 860 -1.82 -35.07 -20.48
C ALA A 860 -3.07 -35.55 -21.21
N THR A 861 -2.91 -36.06 -22.43
CA THR A 861 -4.05 -36.58 -23.17
C THR A 861 -4.50 -37.93 -22.62
N ILE A 862 -3.56 -38.76 -22.18
CA ILE A 862 -3.92 -40.08 -21.67
C ILE A 862 -4.57 -39.96 -20.29
N ILE A 863 -4.00 -39.13 -19.41
CA ILE A 863 -4.52 -39.06 -18.05
C ILE A 863 -5.90 -38.41 -18.03
N GLN A 864 -6.18 -37.52 -18.99
CA GLN A 864 -7.52 -36.95 -19.07
C GLN A 864 -8.49 -37.91 -19.76
N MET A 865 -8.00 -38.68 -20.74
CA MET A 865 -8.83 -39.75 -21.30
C MET A 865 -9.28 -40.68 -20.20
N ALA A 866 -8.35 -41.07 -19.32
CA ALA A 866 -8.70 -41.94 -18.21
C ALA A 866 -9.71 -41.28 -17.28
N ARG A 867 -9.51 -39.99 -16.95
CA ARG A 867 -10.45 -39.31 -16.06
C ARG A 867 -11.83 -39.19 -16.69
N ALA A 868 -11.88 -38.89 -17.98
CA ALA A 868 -13.17 -38.80 -18.67
C ALA A 868 -14.00 -40.06 -18.49
N LEU A 869 -13.36 -41.22 -18.38
CA LEU A 869 -14.09 -42.47 -18.15
C LEU A 869 -14.44 -42.64 -16.69
N VAL A 870 -13.53 -42.29 -15.78
CA VAL A 870 -13.77 -42.48 -14.35
C VAL A 870 -14.94 -41.61 -13.90
N GLU A 871 -14.96 -40.34 -14.32
CA GLU A 871 -16.03 -39.43 -13.93
C GLU A 871 -17.39 -39.87 -14.45
N ARG A 872 -17.43 -40.71 -15.48
CA ARG A 872 -18.69 -41.23 -15.98
C ARG A 872 -19.12 -42.50 -15.26
N VAL A 873 -18.22 -43.12 -14.51
CA VAL A 873 -18.53 -44.33 -13.76
C VAL A 873 -18.34 -44.16 -12.26
N GLY A 874 -17.51 -43.22 -11.81
CA GLY A 874 -17.29 -42.97 -10.39
C GLY A 874 -16.96 -41.51 -10.19
N ARG A 875 -16.26 -41.22 -9.09
CA ARG A 875 -15.93 -39.85 -8.71
C ARG A 875 -14.42 -39.69 -8.58
N PRO A 876 -13.75 -39.12 -9.57
CA PRO A 876 -12.32 -38.83 -9.40
C PRO A 876 -12.10 -37.75 -8.35
N LEU A 877 -11.11 -37.98 -7.49
CA LEU A 877 -10.80 -37.08 -6.38
C LEU A 877 -9.64 -36.14 -6.67
N GLU A 878 -8.50 -36.68 -7.10
CA GLU A 878 -7.33 -35.86 -7.43
C GLU A 878 -6.56 -36.52 -8.58
N LEU A 879 -5.78 -35.71 -9.30
CA LEU A 879 -5.11 -36.13 -10.52
C LEU A 879 -3.80 -35.37 -10.66
N ASP A 880 -2.72 -36.09 -10.98
CA ASP A 880 -1.41 -35.45 -11.14
C ASP A 880 -0.61 -36.25 -12.16
N THR A 881 -0.46 -35.68 -13.37
CA THR A 881 0.48 -36.09 -14.41
C THR A 881 0.19 -37.42 -15.08
N ASP A 882 0.15 -38.51 -14.32
CA ASP A 882 -0.12 -39.86 -14.88
C ASP A 882 -0.99 -40.68 -13.92
N GLY A 883 -1.39 -40.10 -12.79
CA GLY A 883 -2.17 -40.85 -11.82
C GLY A 883 -3.50 -40.20 -11.51
N ILE A 884 -4.42 -41.03 -11.02
CA ILE A 884 -5.74 -40.58 -10.62
C ILE A 884 -6.11 -41.26 -9.31
N TRP A 885 -6.55 -40.48 -8.33
CA TRP A 885 -7.20 -40.98 -7.14
C TRP A 885 -8.70 -40.86 -7.35
N CYS A 886 -9.44 -41.92 -7.03
CA CYS A 886 -10.87 -41.89 -7.23
C CYS A 886 -11.55 -42.85 -6.28
N ILE A 887 -12.86 -42.67 -6.12
CA ILE A 887 -13.71 -43.61 -5.40
C ILE A 887 -14.68 -44.23 -6.41
N LEU A 888 -14.91 -45.53 -6.27
CA LEU A 888 -15.81 -46.26 -7.14
C LEU A 888 -16.92 -46.91 -6.31
N PRO A 889 -18.10 -47.09 -6.89
CA PRO A 889 -19.17 -47.80 -6.18
C PRO A 889 -18.72 -49.20 -5.78
N LYS A 890 -19.16 -49.63 -4.59
CA LYS A 890 -18.78 -50.95 -4.10
C LYS A 890 -19.15 -52.05 -5.08
N SER A 891 -20.22 -51.86 -5.84
CA SER A 891 -20.74 -52.87 -6.75
C SER A 891 -20.14 -52.80 -8.14
N PHE A 892 -19.09 -52.00 -8.32
CA PHE A 892 -18.41 -51.94 -9.61
C PHE A 892 -17.42 -53.10 -9.74
N PRO A 893 -17.33 -53.73 -10.91
CA PRO A 893 -16.43 -54.88 -11.09
C PRO A 893 -15.02 -54.55 -10.63
N GLU A 894 -14.44 -55.46 -9.83
CA GLU A 894 -13.22 -55.16 -9.09
C GLU A 894 -12.07 -56.02 -9.52
N THR A 895 -11.83 -57.17 -8.87
CA THR A 895 -10.68 -58.02 -9.17
C THR A 895 -11.20 -59.42 -9.46
N TYR A 896 -10.52 -60.10 -10.38
CA TYR A 896 -10.89 -61.44 -10.79
C TYR A 896 -9.62 -62.23 -11.04
N PHE A 897 -9.77 -63.55 -11.15
CA PHE A 897 -8.61 -64.44 -11.31
C PHE A 897 -8.92 -65.46 -12.40
N PHE A 898 -8.33 -65.26 -13.57
CA PHE A 898 -8.36 -66.28 -14.60
C PHE A 898 -7.65 -67.52 -14.10
N THR A 899 -8.19 -68.70 -14.43
CA THR A 899 -7.56 -69.97 -14.09
C THR A 899 -7.08 -70.62 -15.38
N LEU A 900 -5.78 -70.93 -15.43
CA LEU A 900 -5.20 -71.61 -16.57
C LEU A 900 -5.33 -73.12 -16.42
N GLU A 901 -5.19 -73.83 -17.55
CA GLU A 901 -5.19 -75.29 -17.51
C GLU A 901 -4.03 -75.84 -16.68
N ASN A 902 -2.91 -75.11 -16.62
CA ASN A 902 -1.79 -75.49 -15.77
C ASN A 902 -2.13 -75.38 -14.28
N GLY A 903 -3.28 -74.82 -13.91
CA GLY A 903 -3.58 -74.54 -12.53
C GLY A 903 -3.11 -73.19 -12.02
N LYS A 904 -2.14 -72.57 -12.70
CA LYS A 904 -1.71 -71.22 -12.36
C LYS A 904 -2.84 -70.22 -12.65
N LYS A 905 -2.86 -69.14 -11.87
CA LYS A 905 -3.90 -68.12 -11.97
C LYS A 905 -3.33 -66.81 -12.50
N LEU A 906 -4.18 -66.03 -13.14
CA LEU A 906 -3.82 -64.71 -13.65
C LEU A 906 -4.69 -63.66 -12.96
N TYR A 907 -4.05 -62.59 -12.49
CA TYR A 907 -4.74 -61.55 -11.74
C TYR A 907 -5.31 -60.51 -12.70
N LEU A 908 -6.58 -60.16 -12.51
CA LEU A 908 -7.25 -59.16 -13.31
C LEU A 908 -7.96 -58.18 -12.39
N SER A 909 -7.71 -56.89 -12.60
CA SER A 909 -8.45 -55.82 -11.96
C SER A 909 -9.17 -55.05 -13.06
N TYR A 910 -10.49 -55.26 -13.16
CA TYR A 910 -11.27 -54.61 -14.21
C TYR A 910 -11.10 -53.09 -14.23
N PRO A 911 -11.08 -52.35 -13.10
CA PRO A 911 -10.81 -50.91 -13.19
C PRO A 911 -9.57 -50.55 -13.96
N CYS A 912 -8.52 -51.36 -13.83
CA CYS A 912 -7.26 -51.08 -14.56
C CYS A 912 -7.38 -51.55 -16.01
N SER A 913 -8.00 -52.70 -16.25
CA SER A 913 -8.01 -53.26 -17.60
C SER A 913 -8.93 -52.48 -18.53
N MET A 914 -10.01 -51.89 -17.99
CA MET A 914 -10.87 -51.05 -18.81
C MET A 914 -10.12 -49.87 -19.40
N LEU A 915 -9.27 -49.22 -18.58
CA LEU A 915 -8.50 -48.07 -19.05
C LEU A 915 -7.35 -48.51 -19.95
N ASN A 916 -6.69 -49.62 -19.61
CA ASN A 916 -5.57 -50.10 -20.41
C ASN A 916 -6.02 -50.58 -21.79
N TYR A 917 -7.25 -51.08 -21.91
CA TYR A 917 -7.77 -51.39 -23.24
C TYR A 917 -8.02 -50.13 -24.05
N ARG A 918 -8.43 -49.05 -23.39
CA ARG A 918 -8.62 -47.78 -24.09
C ARG A 918 -7.28 -47.16 -24.46
N VAL A 919 -6.30 -47.24 -23.55
CA VAL A 919 -4.97 -46.73 -23.87
C VAL A 919 -4.43 -47.43 -25.11
N HIS A 920 -4.65 -48.74 -25.22
CA HIS A 920 -4.18 -49.53 -26.35
C HIS A 920 -5.13 -49.52 -27.53
N GLN A 921 -6.29 -48.86 -27.40
CA GLN A 921 -7.14 -48.61 -28.55
C GLN A 921 -6.89 -47.24 -29.18
N LYS A 922 -6.37 -46.27 -28.40
CA LYS A 922 -6.25 -44.90 -28.86
C LYS A 922 -4.83 -44.36 -28.92
N PHE A 923 -3.85 -45.03 -28.31
CA PHE A 923 -2.53 -44.42 -28.14
C PHE A 923 -1.36 -45.29 -28.60
N THR A 924 -1.60 -46.43 -29.24
CA THR A 924 -0.48 -47.26 -29.70
C THR A 924 0.15 -46.65 -30.94
N ASN A 925 1.47 -46.78 -31.04
CA ASN A 925 2.20 -46.32 -32.21
C ASN A 925 2.17 -47.44 -33.24
N HIS A 926 1.36 -47.27 -34.27
CA HIS A 926 1.25 -48.27 -35.33
C HIS A 926 2.37 -48.14 -36.36
N GLN A 927 3.24 -47.13 -36.25
CA GLN A 927 4.28 -46.86 -37.24
C GLN A 927 5.68 -47.12 -36.71
N TYR A 928 5.81 -47.90 -35.64
CA TYR A 928 7.13 -48.23 -35.12
C TYR A 928 7.90 -49.09 -36.11
N GLN A 929 9.17 -48.74 -36.36
CA GLN A 929 9.96 -49.41 -37.37
C GLN A 929 11.29 -49.87 -36.77
N GLU A 930 11.78 -51.01 -37.30
CA GLU A 930 13.05 -51.59 -36.88
C GLU A 930 13.75 -52.18 -38.10
N LEU A 931 15.08 -52.16 -38.07
CA LEU A 931 15.87 -52.83 -39.09
C LEU A 931 15.60 -54.32 -39.08
N LYS A 932 15.05 -54.85 -40.17
CA LYS A 932 14.96 -56.29 -40.34
C LYS A 932 16.28 -56.83 -40.87
N ASP A 933 16.60 -56.50 -42.12
CA ASP A 933 17.88 -56.88 -42.73
C ASP A 933 18.79 -55.67 -42.73
N PRO A 934 19.79 -55.60 -41.87
CA PRO A 934 20.66 -54.43 -41.84
C PRO A 934 21.63 -54.37 -43.01
N LEU A 935 22.01 -55.53 -43.56
CA LEU A 935 22.93 -55.53 -44.69
C LEU A 935 22.30 -54.87 -45.92
N ASN A 936 21.03 -55.17 -46.18
CA ASN A 936 20.31 -54.56 -47.29
C ASN A 936 19.40 -53.43 -46.84
N TYR A 937 19.51 -53.00 -45.58
CA TYR A 937 18.81 -51.82 -45.07
C TYR A 937 17.30 -51.94 -45.25
N ILE A 938 16.76 -53.12 -44.93
CA ILE A 938 15.33 -53.38 -45.03
C ILE A 938 14.70 -53.21 -43.65
N TYR A 939 13.56 -52.52 -43.60
CA TYR A 939 12.87 -52.24 -42.35
C TYR A 939 11.52 -52.96 -42.31
N GLU A 940 11.05 -53.21 -41.09
CA GLU A 940 9.72 -53.74 -40.86
C GLU A 940 8.93 -52.74 -40.02
N THR A 941 7.61 -52.77 -40.15
CA THR A 941 6.72 -51.90 -39.39
C THR A 941 5.79 -52.72 -38.51
N HIS A 942 5.74 -52.39 -37.22
CA HIS A 942 4.87 -53.07 -36.29
C HIS A 942 4.21 -52.04 -35.39
N SER A 943 3.33 -52.51 -34.50
CA SER A 943 2.68 -51.66 -33.53
C SER A 943 3.34 -51.83 -32.17
N GLU A 944 3.46 -50.74 -31.42
CA GLU A 944 4.11 -50.76 -30.13
C GLU A 944 3.36 -49.90 -29.13
N ASN A 945 3.19 -50.41 -27.92
CA ASN A 945 2.56 -49.67 -26.82
C ASN A 945 2.91 -50.36 -25.51
N THR A 946 3.61 -49.68 -24.64
CA THR A 946 3.94 -50.17 -23.31
C THR A 946 3.45 -49.21 -22.23
N ILE A 947 2.26 -48.64 -22.42
CA ILE A 947 1.64 -47.72 -21.48
C ILE A 947 0.55 -48.46 -20.72
N PHE A 948 0.78 -48.72 -19.44
CA PHE A 948 -0.18 -49.47 -18.62
C PHE A 948 -0.39 -48.76 -17.30
N PHE A 949 -1.65 -48.50 -16.96
CA PHE A 949 -1.99 -48.12 -15.61
C PHE A 949 -1.77 -49.32 -14.69
N GLU A 950 -1.21 -49.07 -13.51
CA GLU A 950 -1.21 -50.02 -12.42
C GLU A 950 -2.14 -49.51 -11.34
N VAL A 951 -2.72 -50.42 -10.57
CA VAL A 951 -3.70 -50.06 -9.57
C VAL A 951 -3.17 -50.44 -8.19
N ASP A 952 -3.40 -49.57 -7.22
CA ASP A 952 -3.17 -49.87 -5.80
C ASP A 952 -4.41 -49.50 -5.00
N GLY A 953 -4.70 -50.31 -3.98
CA GLY A 953 -5.91 -50.18 -3.21
C GLY A 953 -6.58 -51.52 -3.02
N PRO A 954 -7.84 -51.50 -2.55
CA PRO A 954 -8.63 -50.33 -2.15
C PRO A 954 -8.26 -49.85 -0.76
N TYR A 955 -8.18 -48.54 -0.56
CA TYR A 955 -7.68 -47.97 0.68
C TYR A 955 -8.82 -47.68 1.65
N LYS A 956 -8.48 -47.61 2.94
CA LYS A 956 -9.48 -47.39 3.98
C LYS A 956 -10.01 -45.96 3.93
N ALA A 957 -9.12 -44.97 3.87
CA ALA A 957 -9.53 -43.59 3.96
C ALA A 957 -8.65 -42.72 3.06
N MET A 958 -9.26 -41.68 2.53
CA MET A 958 -8.52 -40.59 1.90
C MET A 958 -9.07 -39.26 2.43
N ILE A 959 -8.17 -38.31 2.64
CA ILE A 959 -8.52 -36.99 3.17
C ILE A 959 -7.85 -35.95 2.28
N LEU A 960 -8.66 -35.17 1.56
CA LEU A 960 -8.14 -34.13 0.69
C LEU A 960 -8.55 -32.77 1.20
N PRO A 961 -7.60 -31.84 1.33
CA PRO A 961 -7.95 -30.52 1.86
C PRO A 961 -8.46 -29.58 0.76
N SER A 962 -9.20 -28.57 1.20
CA SER A 962 -9.77 -27.58 0.31
C SER A 962 -9.12 -26.22 0.55
N SER A 963 -9.25 -25.35 -0.44
CA SER A 963 -8.62 -24.03 -0.40
C SER A 963 -9.39 -23.09 0.53
N LYS A 964 -8.71 -22.00 0.91
CA LYS A 964 -9.39 -20.93 1.64
C LYS A 964 -10.21 -20.05 0.71
N GLU A 965 -9.82 -19.97 -0.57
CA GLU A 965 -10.50 -19.16 -1.57
C GLU A 965 -11.63 -19.94 -2.23
N GLU A 966 -12.61 -19.21 -2.72
CA GLU A 966 -13.82 -19.83 -3.24
C GLU A 966 -13.55 -20.49 -4.60
N GLY A 967 -14.01 -21.73 -4.75
CA GLY A 967 -13.89 -22.41 -6.03
C GLY A 967 -12.56 -23.11 -6.21
N LYS A 968 -11.50 -22.54 -5.64
CA LYS A 968 -10.17 -23.12 -5.78
C LYS A 968 -10.07 -24.41 -4.95
N GLY A 969 -9.26 -25.35 -5.46
CA GLY A 969 -8.90 -26.55 -4.75
C GLY A 969 -7.46 -26.51 -4.30
N ILE A 970 -7.03 -27.60 -3.67
CA ILE A 970 -5.65 -27.78 -3.26
C ILE A 970 -5.13 -29.05 -3.91
N LYS A 971 -4.11 -28.91 -4.75
CA LYS A 971 -3.47 -30.05 -5.39
C LYS A 971 -2.22 -30.48 -4.63
N LYS A 972 -1.83 -31.73 -4.85
CA LYS A 972 -0.55 -32.29 -4.39
C LYS A 972 -0.48 -32.41 -2.87
N ARG A 973 -1.63 -32.61 -2.22
CA ARG A 973 -1.69 -32.69 -0.76
C ARG A 973 -2.87 -33.58 -0.38
N TYR A 974 -2.60 -34.63 0.39
CA TYR A 974 -3.65 -35.50 0.90
C TYR A 974 -3.01 -36.53 1.84
N ALA A 975 -3.88 -37.29 2.52
CA ALA A 975 -3.46 -38.37 3.40
C ALA A 975 -4.31 -39.60 3.10
N VAL A 976 -3.68 -40.77 3.04
CA VAL A 976 -4.34 -42.02 2.68
C VAL A 976 -3.98 -43.08 3.72
N PHE A 977 -4.98 -43.89 4.12
CA PHE A 977 -4.81 -44.88 5.18
C PHE A 977 -5.14 -46.28 4.67
N ASN A 978 -4.33 -47.24 5.07
CA ASN A 978 -4.57 -48.64 4.71
C ASN A 978 -5.73 -49.22 5.51
N GLU A 979 -6.20 -50.39 5.08
CA GLU A 979 -7.34 -51.03 5.72
C GLU A 979 -7.04 -51.38 7.18
N ASP A 980 -5.77 -51.59 7.53
CA ASP A 980 -5.39 -51.91 8.89
C ASP A 980 -5.13 -50.67 9.74
N GLY A 981 -5.39 -49.47 9.20
CA GLY A 981 -5.30 -48.24 9.95
C GLY A 981 -4.00 -47.48 9.82
N SER A 982 -2.99 -48.05 9.16
CA SER A 982 -1.69 -47.40 9.07
C SER A 982 -1.67 -46.39 7.92
N LEU A 983 -0.78 -45.41 8.04
CA LEU A 983 -0.67 -44.38 7.01
C LEU A 983 -0.10 -44.99 5.73
N ALA A 984 -0.80 -44.78 4.61
CA ALA A 984 -0.32 -45.24 3.32
C ALA A 984 0.47 -44.17 2.58
N GLU A 985 -0.12 -42.99 2.39
CA GLU A 985 0.57 -41.86 1.78
C GLU A 985 0.28 -40.59 2.58
N LEU A 986 1.26 -39.68 2.58
CA LEU A 986 1.12 -38.35 3.14
C LEU A 986 1.87 -37.40 2.21
N LYS A 987 1.14 -36.60 1.43
CA LYS A 987 1.72 -35.80 0.37
C LYS A 987 1.66 -34.32 0.67
N GLY A 988 2.77 -33.62 0.42
CA GLY A 988 2.78 -32.17 0.34
C GLY A 988 2.71 -31.40 1.64
N PHE A 989 2.07 -31.97 2.66
CA PHE A 989 1.76 -31.23 3.88
C PHE A 989 3.03 -30.76 4.59
N GLU A 990 2.86 -29.72 5.40
CA GLU A 990 3.98 -29.13 6.14
C GLU A 990 4.64 -30.14 7.07
N LEU A 991 3.88 -31.14 7.52
CA LEU A 991 4.44 -32.19 8.37
C LEU A 991 5.70 -32.79 7.76
N LYS A 992 5.69 -32.99 6.45
CA LYS A 992 6.81 -33.65 5.77
C LYS A 992 7.81 -32.66 5.19
N ARG A 993 7.37 -31.44 4.88
CA ARG A 993 8.25 -30.43 4.31
C ARG A 993 9.32 -30.02 5.31
N ARG A 994 10.50 -29.67 4.79
CA ARG A 994 11.58 -29.23 5.66
C ARG A 994 11.29 -27.84 6.20
N GLY A 995 11.65 -27.63 7.46
CA GLY A 995 11.39 -26.34 8.08
C GLY A 995 9.96 -26.28 8.56
N GLU A 996 9.28 -25.18 8.22
CA GLU A 996 7.86 -24.98 8.52
C GLU A 996 7.59 -24.82 10.01
N LEU A 997 6.38 -24.42 10.36
CA LEU A 997 6.02 -24.11 11.74
C LEU A 997 5.73 -25.38 12.52
N GLN A 998 6.52 -25.62 13.58
CA GLN A 998 6.37 -26.86 14.34
C GLN A 998 4.95 -27.04 14.88
N LEU A 999 4.29 -25.94 15.26
CA LEU A 999 2.91 -26.06 15.74
C LEU A 999 2.00 -26.67 14.69
N ILE A 1000 2.16 -26.24 13.43
CA ILE A 1000 1.35 -26.83 12.36
C ILE A 1000 1.80 -28.25 12.07
N LYS A 1001 3.11 -28.50 12.15
CA LYS A 1001 3.63 -29.86 11.98
C LYS A 1001 3.05 -30.80 13.01
N ASN A 1002 3.21 -30.47 14.30
CA ASN A 1002 2.67 -31.31 15.36
C ASN A 1002 1.16 -31.39 15.29
N PHE A 1003 0.49 -30.33 14.86
CA PHE A 1003 -0.96 -30.37 14.72
C PHE A 1003 -1.37 -31.38 13.65
N GLN A 1004 -0.68 -31.39 12.52
CA GLN A 1004 -1.04 -32.30 11.44
C GLN A 1004 -0.78 -33.75 11.82
N SER A 1005 0.30 -34.01 12.57
CA SER A 1005 0.59 -35.37 13.01
C SER A 1005 -0.58 -35.94 13.81
N ASP A 1006 -1.11 -35.15 14.75
CA ASP A 1006 -2.18 -35.65 15.61
C ASP A 1006 -3.50 -35.75 14.87
N ILE A 1007 -3.69 -34.96 13.82
CA ILE A 1007 -5.05 -34.78 13.29
C ILE A 1007 -5.42 -35.85 12.27
N PHE A 1008 -4.49 -36.29 11.42
CA PHE A 1008 -4.86 -37.12 10.28
C PHE A 1008 -5.36 -38.49 10.70
N LYS A 1009 -4.72 -39.09 11.72
CA LYS A 1009 -5.17 -40.38 12.22
C LYS A 1009 -6.56 -40.30 12.84
N VAL A 1010 -7.04 -39.10 13.17
CA VAL A 1010 -8.34 -38.97 13.82
C VAL A 1010 -9.50 -39.05 12.83
N PHE A 1011 -9.27 -38.76 11.55
CA PHE A 1011 -10.32 -38.93 10.55
C PHE A 1011 -10.78 -40.39 10.43
N LEU A 1012 -10.02 -41.34 10.98
CA LEU A 1012 -10.43 -42.73 10.96
C LEU A 1012 -11.52 -43.04 11.97
N GLU A 1013 -11.66 -42.23 13.01
CA GLU A 1013 -12.65 -42.48 14.05
C GLU A 1013 -14.03 -41.99 13.60
N GLY A 1014 -15.04 -42.35 14.40
CA GLY A 1014 -16.40 -41.96 14.11
C GLY A 1014 -17.16 -43.01 13.33
N ASP A 1015 -18.44 -43.19 13.66
CA ASP A 1015 -19.28 -44.15 12.96
C ASP A 1015 -19.92 -43.57 11.70
N THR A 1016 -20.22 -42.27 11.70
CA THR A 1016 -20.81 -41.58 10.56
C THR A 1016 -19.87 -40.47 10.11
N LEU A 1017 -20.23 -39.85 8.98
CA LEU A 1017 -19.44 -38.71 8.50
C LEU A 1017 -19.50 -37.55 9.49
N GLU A 1018 -20.69 -37.27 10.04
CA GLU A 1018 -20.80 -36.22 11.03
C GLU A 1018 -20.04 -36.59 12.31
N GLY A 1019 -20.13 -37.86 12.73
CA GLY A 1019 -19.37 -38.30 13.88
C GLY A 1019 -17.87 -38.30 13.64
N CYS A 1020 -17.47 -38.48 12.38
CA CYS A 1020 -16.06 -38.44 12.04
C CYS A 1020 -15.49 -37.04 12.26
N TYR A 1021 -16.17 -36.02 11.72
CA TYR A 1021 -15.69 -34.65 11.85
C TYR A 1021 -15.67 -34.20 13.30
N SER A 1022 -16.57 -34.72 14.13
CA SER A 1022 -16.59 -34.34 15.53
C SER A 1022 -15.33 -34.81 16.25
N ALA A 1023 -14.86 -36.02 15.95
CA ALA A 1023 -13.64 -36.53 16.57
C ALA A 1023 -12.44 -35.66 16.23
N VAL A 1024 -12.37 -35.19 14.99
CA VAL A 1024 -11.28 -34.29 14.59
C VAL A 1024 -11.43 -32.95 15.29
N ALA A 1025 -12.65 -32.45 15.44
CA ALA A 1025 -12.88 -31.19 16.13
C ALA A 1025 -12.39 -31.25 17.58
N SER A 1026 -12.51 -32.41 18.22
CA SER A 1026 -11.99 -32.58 19.57
C SER A 1026 -10.50 -32.26 19.63
N VAL A 1027 -9.74 -32.75 18.64
CA VAL A 1027 -8.30 -32.47 18.60
C VAL A 1027 -8.06 -31.03 18.20
N CYS A 1028 -8.86 -30.51 17.26
CA CYS A 1028 -8.73 -29.10 16.87
C CYS A 1028 -8.84 -28.19 18.08
N ASN A 1029 -9.93 -28.31 18.83
CA ASN A 1029 -10.19 -27.39 19.93
C ASN A 1029 -9.17 -27.53 21.05
N ARG A 1030 -8.52 -28.69 21.18
CA ARG A 1030 -7.41 -28.78 22.13
C ARG A 1030 -6.21 -27.97 21.65
N TRP A 1031 -5.94 -27.98 20.35
CA TRP A 1031 -4.87 -27.16 19.81
C TRP A 1031 -5.25 -25.68 19.80
N LEU A 1032 -6.54 -25.37 19.66
CA LEU A 1032 -6.95 -23.97 19.78
C LEU A 1032 -6.89 -23.51 21.22
N ASP A 1033 -7.03 -24.44 22.18
CA ASP A 1033 -6.99 -24.07 23.58
C ASP A 1033 -5.61 -23.58 23.98
N VAL A 1034 -4.57 -24.30 23.54
CA VAL A 1034 -3.21 -23.92 23.95
C VAL A 1034 -2.84 -22.55 23.40
N LEU A 1035 -3.41 -22.17 22.25
CA LEU A 1035 -3.10 -20.87 21.69
C LEU A 1035 -3.99 -19.77 22.28
N ASP A 1036 -5.25 -20.10 22.59
CA ASP A 1036 -6.12 -19.10 23.20
C ASP A 1036 -5.69 -18.77 24.62
N SER A 1037 -5.04 -19.70 25.31
CA SER A 1037 -4.51 -19.47 26.65
C SER A 1037 -3.14 -18.81 26.64
N HIS A 1038 -2.69 -18.31 25.48
CA HIS A 1038 -1.35 -17.76 25.31
C HIS A 1038 -0.29 -18.75 25.78
N GLY A 1039 -0.51 -20.03 25.44
CA GLY A 1039 0.45 -21.08 25.72
C GLY A 1039 0.60 -21.48 27.17
N LEU A 1040 -0.26 -20.97 28.06
CA LEU A 1040 -0.08 -21.20 29.48
C LEU A 1040 -0.12 -22.67 29.88
N MET A 1041 -0.58 -23.56 29.00
CA MET A 1041 -0.78 -24.96 29.34
C MET A 1041 0.44 -25.84 29.15
N LEU A 1042 1.50 -25.34 28.50
CA LEU A 1042 2.67 -26.16 28.22
C LEU A 1042 3.84 -25.77 29.11
N GLU A 1043 4.69 -26.76 29.40
CA GLU A 1043 5.98 -26.46 29.98
C GLU A 1043 6.78 -25.57 29.04
N ASP A 1044 7.64 -24.73 29.62
CA ASP A 1044 8.40 -23.79 28.81
C ASP A 1044 9.36 -24.49 27.85
N GLU A 1045 9.68 -25.77 28.11
CA GLU A 1045 10.47 -26.53 27.15
C GLU A 1045 9.63 -26.95 25.96
N ASP A 1046 8.40 -27.44 26.20
CA ASP A 1046 7.49 -27.75 25.11
C ASP A 1046 7.06 -26.51 24.34
N LEU A 1047 7.21 -25.32 24.92
CA LEU A 1047 6.79 -24.10 24.24
C LEU A 1047 7.83 -23.64 23.23
N VAL A 1048 9.11 -23.66 23.61
CA VAL A 1048 10.16 -23.24 22.70
C VAL A 1048 10.19 -24.12 21.44
N SER A 1049 9.63 -25.32 21.52
CA SER A 1049 9.65 -26.24 20.36
C SER A 1049 8.40 -26.05 19.51
N LEU A 1050 7.25 -25.82 20.14
CA LEU A 1050 6.01 -25.78 19.38
C LEU A 1050 5.92 -24.53 18.51
N ILE A 1051 6.34 -23.37 19.04
CA ILE A 1051 6.12 -22.09 18.37
C ILE A 1051 7.26 -21.73 17.41
N CYS A 1052 8.41 -22.37 17.53
CA CYS A 1052 9.53 -22.06 16.64
C CYS A 1052 9.25 -22.56 15.23
N GLU A 1053 9.76 -21.81 14.26
CA GLU A 1053 9.69 -22.16 12.84
C GLU A 1053 11.09 -22.07 12.26
N ASN A 1054 11.57 -23.18 11.71
CA ASN A 1054 12.88 -23.23 11.09
C ASN A 1054 12.75 -23.03 9.58
N ARG A 1055 13.70 -22.29 9.02
CA ARG A 1055 13.74 -22.04 7.60
C ARG A 1055 15.19 -21.94 7.15
N SER A 1056 15.51 -22.63 6.06
CA SER A 1056 16.88 -22.69 5.57
C SER A 1056 17.14 -21.62 4.52
N MET A 1057 18.40 -21.18 4.45
CA MET A 1057 18.84 -20.18 3.48
C MET A 1057 19.76 -20.86 2.47
N SER A 1058 19.32 -20.95 1.22
CA SER A 1058 20.09 -21.65 0.20
C SER A 1058 21.45 -20.97 -0.01
N LYS A 1059 21.43 -19.67 -0.26
CA LYS A 1059 22.65 -18.88 -0.44
C LYS A 1059 22.99 -18.16 0.87
N THR A 1060 24.14 -17.47 0.87
CA THR A 1060 24.50 -16.67 2.02
C THR A 1060 23.66 -15.40 2.06
N LEU A 1061 23.56 -14.82 3.26
CA LEU A 1061 22.69 -13.66 3.46
C LEU A 1061 23.10 -12.49 2.59
N LYS A 1062 24.39 -12.36 2.27
CA LYS A 1062 24.83 -11.26 1.41
C LYS A 1062 24.26 -11.36 0.00
N GLU A 1063 23.85 -12.55 -0.43
CA GLU A 1063 23.30 -12.75 -1.77
C GLU A 1063 21.80 -12.49 -1.84
N TYR A 1064 21.21 -11.97 -0.77
CA TYR A 1064 19.77 -11.66 -0.76
C TYR A 1064 19.51 -10.17 -0.70
N GLU A 1065 20.48 -9.36 -1.12
CA GLU A 1065 20.34 -7.91 -0.98
C GLU A 1065 19.10 -7.41 -1.70
N GLY A 1066 18.41 -6.47 -1.08
CA GLY A 1066 17.18 -5.95 -1.63
C GLY A 1066 15.98 -6.87 -1.49
N GLN A 1067 16.05 -7.86 -0.60
CA GLN A 1067 14.94 -8.78 -0.36
C GLN A 1067 14.60 -8.79 1.11
N LYS A 1068 13.31 -8.86 1.41
CA LYS A 1068 12.82 -8.99 2.78
C LYS A 1068 12.17 -10.35 2.94
N SER A 1069 12.50 -11.06 4.02
CA SER A 1069 11.72 -12.21 4.46
C SER A 1069 12.09 -12.54 5.90
N THR A 1070 11.36 -13.51 6.46
CA THR A 1070 11.58 -13.91 7.85
C THR A 1070 12.94 -14.57 8.03
N SER A 1071 13.37 -15.35 7.04
CA SER A 1071 14.68 -15.99 7.13
C SER A 1071 15.80 -14.97 7.08
N ILE A 1072 15.70 -13.99 6.16
CA ILE A 1072 16.72 -12.96 6.03
C ILE A 1072 16.85 -12.14 7.31
N THR A 1073 15.71 -11.72 7.86
CA THR A 1073 15.75 -10.97 9.12
C THR A 1073 16.41 -11.79 10.23
N THR A 1074 16.08 -13.08 10.31
CA THR A 1074 16.68 -13.93 11.33
C THR A 1074 18.16 -14.08 11.11
N ALA A 1075 18.59 -14.16 9.84
CA ALA A 1075 20.00 -14.30 9.54
C ALA A 1075 20.76 -13.02 9.89
N ARG A 1076 20.15 -11.86 9.63
CA ARG A 1076 20.81 -10.59 9.96
C ARG A 1076 20.94 -10.42 11.47
N ARG A 1077 19.89 -10.73 12.22
CA ARG A 1077 19.92 -10.58 13.67
C ARG A 1077 20.81 -11.61 14.34
N LEU A 1078 20.87 -12.83 13.79
CA LEU A 1078 21.84 -13.82 14.26
C LEU A 1078 23.27 -13.30 14.13
N GLY A 1079 23.52 -12.48 13.12
CA GLY A 1079 24.85 -11.94 12.90
C GLY A 1079 25.17 -10.75 13.79
N ASP A 1080 24.20 -9.85 13.96
CA ASP A 1080 24.39 -8.71 14.84
C ASP A 1080 24.50 -9.11 16.31
N PHE A 1081 24.26 -10.38 16.64
CA PHE A 1081 24.27 -10.88 18.01
C PHE A 1081 25.33 -11.95 18.24
N LEU A 1082 25.57 -12.82 17.26
CA LEU A 1082 26.60 -13.85 17.40
C LEU A 1082 27.77 -13.66 16.44
N GLY A 1083 27.77 -12.60 15.64
CA GLY A 1083 28.90 -12.30 14.79
C GLY A 1083 28.62 -12.63 13.33
N GLU A 1084 29.37 -11.96 12.45
CA GLU A 1084 29.27 -12.24 11.01
C GLU A 1084 29.80 -13.62 10.67
N ASP A 1085 30.62 -14.22 11.54
CA ASP A 1085 31.16 -15.55 11.31
C ASP A 1085 30.08 -16.62 11.25
N MET A 1086 28.83 -16.30 11.57
CA MET A 1086 27.73 -17.25 11.50
C MET A 1086 27.14 -17.32 10.11
N VAL A 1087 27.00 -16.16 9.46
CA VAL A 1087 26.44 -16.10 8.12
C VAL A 1087 27.47 -16.44 7.05
N LYS A 1088 28.69 -16.80 7.46
CA LYS A 1088 29.76 -17.08 6.52
C LYS A 1088 29.40 -18.21 5.56
N ASP A 1089 28.55 -19.14 5.98
CA ASP A 1089 28.26 -20.34 5.21
C ASP A 1089 26.79 -20.39 4.85
N LYS A 1090 26.51 -20.78 3.60
CA LYS A 1090 25.14 -20.97 3.15
C LYS A 1090 24.53 -22.20 3.82
N GLY A 1091 23.24 -22.37 3.62
CA GLY A 1091 22.52 -23.45 4.26
C GLY A 1091 22.17 -23.22 5.71
N LEU A 1092 22.28 -21.99 6.19
CA LEU A 1092 21.99 -21.69 7.60
C LEU A 1092 20.51 -21.88 7.89
N GLN A 1093 20.22 -22.53 9.01
CA GLN A 1093 18.85 -22.69 9.48
C GLN A 1093 18.50 -21.52 10.37
N CYS A 1094 17.37 -20.87 10.07
CA CYS A 1094 16.92 -19.67 10.78
C CYS A 1094 15.75 -20.06 11.69
N LYS A 1095 16.05 -20.30 12.96
CA LYS A 1095 15.04 -20.66 13.95
C LYS A 1095 14.51 -19.38 14.58
N TYR A 1096 13.30 -18.98 14.20
CA TYR A 1096 12.76 -17.70 14.62
C TYR A 1096 11.35 -17.87 15.19
N ILE A 1097 10.93 -16.81 15.91
CA ILE A 1097 9.54 -16.71 16.42
C ILE A 1097 9.12 -15.28 16.07
N ILE A 1098 7.85 -15.06 15.75
CA ILE A 1098 7.38 -13.71 15.31
C ILE A 1098 6.86 -12.91 16.51
N SER A 1099 7.29 -11.66 16.64
CA SER A 1099 6.91 -10.83 17.80
C SER A 1099 5.68 -9.97 17.50
N SER A 1100 4.91 -9.62 18.52
CA SER A 1100 3.78 -8.66 18.33
C SER A 1100 4.38 -7.29 18.59
N LYS A 1101 5.65 -7.25 18.97
CA LYS A 1101 6.31 -5.99 19.38
C LYS A 1101 6.28 -4.75 18.49
N PRO A 1102 6.85 -4.72 17.27
CA PRO A 1102 6.68 -3.55 16.42
C PRO A 1102 5.23 -3.75 15.98
N PHE A 1103 4.31 -2.86 16.35
CA PHE A 1103 2.88 -3.12 16.06
C PHE A 1103 2.50 -2.63 14.67
N ASN A 1104 1.53 -3.30 14.04
CA ASN A 1104 1.05 -2.92 12.67
C ASN A 1104 2.23 -2.92 11.71
N ALA A 1105 3.32 -3.60 12.07
CA ALA A 1105 4.50 -3.61 11.24
C ALA A 1105 4.59 -4.92 10.46
N PRO A 1106 5.27 -4.92 9.32
CA PRO A 1106 5.42 -6.15 8.54
C PRO A 1106 6.03 -7.28 9.37
N VAL A 1107 5.50 -8.49 9.16
CA VAL A 1107 5.94 -9.65 9.94
C VAL A 1107 7.40 -9.96 9.70
N THR A 1108 7.91 -9.63 8.51
CA THR A 1108 9.32 -9.88 8.21
C THR A 1108 10.26 -9.12 9.13
N GLU A 1109 9.78 -8.06 9.77
CA GLU A 1109 10.61 -7.28 10.69
C GLU A 1109 10.49 -7.76 12.13
N ARG A 1110 9.34 -8.30 12.53
CA ARG A 1110 9.13 -8.75 13.90
C ARG A 1110 9.51 -10.23 14.07
N ALA A 1111 10.68 -10.61 13.55
CA ALA A 1111 11.13 -12.00 13.56
C ALA A 1111 12.45 -12.09 14.30
N ILE A 1112 12.46 -12.83 15.40
CA ILE A 1112 13.56 -12.87 16.35
C ILE A 1112 14.23 -14.23 16.29
N PRO A 1113 15.56 -14.30 16.24
CA PRO A 1113 16.23 -15.60 16.39
C PRO A 1113 15.93 -16.20 17.76
N VAL A 1114 15.54 -17.48 17.76
CA VAL A 1114 15.18 -18.15 19.01
C VAL A 1114 16.37 -18.21 19.96
N ALA A 1115 17.59 -18.19 19.43
CA ALA A 1115 18.78 -18.31 20.27
C ALA A 1115 18.95 -17.16 21.24
N ILE A 1116 18.27 -16.02 21.02
CA ILE A 1116 18.46 -14.87 21.90
C ILE A 1116 17.87 -15.15 23.28
N PHE A 1117 16.81 -15.97 23.35
CA PHE A 1117 16.22 -16.32 24.63
C PHE A 1117 17.06 -17.32 25.40
N SER A 1118 18.26 -17.62 24.90
CA SER A 1118 19.17 -18.56 25.54
C SER A 1118 20.52 -17.94 25.87
N ALA A 1119 20.66 -16.63 25.75
CA ALA A 1119 21.88 -15.92 26.09
C ALA A 1119 21.70 -15.19 27.42
N ASP A 1120 22.80 -14.59 27.91
CA ASP A 1120 22.75 -13.87 29.17
C ASP A 1120 21.81 -12.68 29.08
N ILE A 1121 21.31 -12.25 30.24
CA ILE A 1121 20.16 -11.33 30.29
C ILE A 1121 20.48 -9.98 29.65
N PRO A 1122 21.62 -9.33 29.93
CA PRO A 1122 21.91 -8.05 29.25
C PRO A 1122 21.86 -8.14 27.73
N ILE A 1123 22.47 -9.17 27.14
CA ILE A 1123 22.42 -9.31 25.68
C ILE A 1123 20.99 -9.47 25.21
N LYS A 1124 20.19 -10.24 25.95
CA LYS A 1124 18.80 -10.46 25.57
C LYS A 1124 18.03 -9.14 25.50
N ARG A 1125 18.12 -8.33 26.55
CA ARG A 1125 17.31 -7.11 26.61
C ARG A 1125 17.73 -6.11 25.54
N SER A 1126 19.04 -5.91 25.37
CA SER A 1126 19.52 -4.95 24.37
C SER A 1126 18.96 -5.27 22.98
N PHE A 1127 19.15 -6.51 22.53
CA PHE A 1127 18.64 -6.88 21.22
C PHE A 1127 17.12 -6.90 21.18
N LEU A 1128 16.49 -7.40 22.25
CA LEU A 1128 15.03 -7.43 22.31
C LEU A 1128 14.49 -6.02 22.14
N ARG A 1129 14.77 -5.13 23.11
CA ARG A 1129 14.29 -3.76 23.04
C ARG A 1129 14.54 -3.13 21.68
N ARG A 1130 15.72 -3.41 21.08
CA ARG A 1130 16.02 -2.87 19.77
C ARG A 1130 15.11 -3.50 18.71
N TRP A 1131 14.96 -4.82 18.76
CA TRP A 1131 14.13 -5.51 17.78
C TRP A 1131 12.65 -5.22 17.99
N THR A 1132 12.24 -4.90 19.22
CA THR A 1132 10.86 -4.52 19.49
C THR A 1132 10.59 -3.04 19.34
N LEU A 1133 11.62 -2.20 19.24
CA LEU A 1133 11.48 -0.75 19.24
C LEU A 1133 10.73 -0.28 20.49
N ASP A 1134 11.19 -0.77 21.64
CA ASP A 1134 10.55 -0.49 22.92
C ASP A 1134 11.62 -0.50 24.00
N PRO A 1135 12.29 0.64 24.21
CA PRO A 1135 13.30 0.72 25.27
C PRO A 1135 12.71 0.59 26.67
N SER A 1136 11.38 0.64 26.81
CA SER A 1136 10.69 0.38 28.08
C SER A 1136 10.36 -1.10 28.26
N LEU A 1137 11.27 -2.00 27.92
CA LEU A 1137 11.00 -3.43 27.94
C LEU A 1137 11.91 -4.11 28.95
N GLU A 1138 11.31 -4.57 30.05
CA GLU A 1138 12.00 -5.34 31.07
C GLU A 1138 11.51 -6.79 31.13
N ASP A 1139 10.29 -7.05 30.66
CA ASP A 1139 9.69 -8.38 30.63
C ASP A 1139 10.25 -9.15 29.44
N LEU A 1140 11.29 -9.93 29.69
CA LEU A 1140 11.99 -10.66 28.63
C LEU A 1140 11.49 -12.09 28.49
N ASP A 1141 10.29 -12.39 28.99
CA ASP A 1141 9.74 -13.74 28.90
C ASP A 1141 9.20 -13.96 27.50
N ILE A 1142 9.69 -15.03 26.86
CA ILE A 1142 9.29 -15.36 25.46
C ILE A 1142 7.77 -15.38 25.37
N ARG A 1143 7.10 -15.74 26.47
CA ARG A 1143 5.62 -15.87 26.45
C ARG A 1143 4.97 -14.52 26.20
N THR A 1144 5.63 -13.43 26.58
CA THR A 1144 5.00 -12.10 26.44
C THR A 1144 5.35 -11.51 25.07
N ILE A 1145 6.47 -11.94 24.49
CA ILE A 1145 6.90 -11.36 23.22
C ILE A 1145 6.17 -11.98 22.03
N ILE A 1146 5.71 -13.23 22.16
CA ILE A 1146 5.12 -13.92 21.04
C ILE A 1146 3.85 -13.22 20.57
N ASP A 1147 3.73 -13.05 19.24
CA ASP A 1147 2.47 -12.59 18.64
C ASP A 1147 1.53 -13.79 18.57
N TRP A 1148 0.85 -14.03 19.69
CA TRP A 1148 -0.04 -15.19 19.78
C TRP A 1148 -1.14 -15.11 18.74
N GLY A 1149 -1.69 -13.92 18.50
CA GLY A 1149 -2.72 -13.77 17.49
C GLY A 1149 -2.25 -14.19 16.11
N TYR A 1150 -0.96 -14.07 15.85
CA TYR A 1150 -0.40 -14.51 14.58
C TYR A 1150 -0.43 -16.03 14.48
N TYR A 1151 0.08 -16.72 15.49
CA TYR A 1151 0.06 -18.17 15.48
C TYR A 1151 -1.36 -18.71 15.57
N ARG A 1152 -2.24 -17.99 16.27
CA ARG A 1152 -3.65 -18.39 16.32
C ARG A 1152 -4.27 -18.35 14.93
N GLU A 1153 -3.87 -17.39 14.11
CA GLU A 1153 -4.39 -17.33 12.74
C GLU A 1153 -3.75 -18.41 11.87
N ARG A 1154 -2.47 -18.73 12.11
CA ARG A 1154 -1.85 -19.82 11.35
C ARG A 1154 -2.54 -21.14 11.64
N LEU A 1155 -2.75 -21.46 12.91
CA LEU A 1155 -3.54 -22.63 13.27
C LEU A 1155 -4.92 -22.57 12.63
N GLY A 1156 -5.48 -21.37 12.50
CA GLY A 1156 -6.81 -21.24 11.92
C GLY A 1156 -6.86 -21.65 10.46
N SER A 1157 -5.91 -21.15 9.66
CA SER A 1157 -5.87 -21.52 8.25
C SER A 1157 -5.67 -23.02 8.07
N ALA A 1158 -4.91 -23.64 8.97
CA ALA A 1158 -4.74 -25.09 8.90
C ALA A 1158 -6.06 -25.80 9.16
N ILE A 1159 -6.77 -25.39 10.21
CA ILE A 1159 -8.04 -26.02 10.56
C ILE A 1159 -9.06 -25.80 9.46
N GLN A 1160 -9.08 -24.59 8.89
CA GLN A 1160 -10.01 -24.29 7.80
C GLN A 1160 -9.80 -25.24 6.62
N LYS A 1161 -8.56 -25.40 6.17
CA LYS A 1161 -8.29 -26.10 4.92
C LYS A 1161 -8.34 -27.62 5.07
N ILE A 1162 -8.04 -28.14 6.25
CA ILE A 1162 -8.07 -29.59 6.45
C ILE A 1162 -9.41 -30.08 6.99
N ILE A 1163 -10.11 -29.27 7.79
CA ILE A 1163 -11.26 -29.76 8.54
C ILE A 1163 -12.54 -29.05 8.17
N THR A 1164 -12.63 -27.74 8.47
CA THR A 1164 -13.93 -27.07 8.46
C THR A 1164 -14.45 -26.77 7.05
N ILE A 1165 -13.59 -26.27 6.17
CA ILE A 1165 -14.03 -25.93 4.81
C ILE A 1165 -14.29 -27.20 4.00
N PRO A 1166 -13.48 -28.26 4.11
CA PRO A 1166 -13.88 -29.53 3.49
C PRO A 1166 -15.17 -30.09 4.07
N ALA A 1167 -15.44 -29.85 5.36
CA ALA A 1167 -16.69 -30.30 5.95
C ALA A 1167 -17.89 -29.58 5.34
N ALA A 1168 -17.73 -28.32 4.96
CA ALA A 1168 -18.81 -27.59 4.33
C ALA A 1168 -19.13 -28.18 2.95
N LEU A 1169 -18.10 -28.46 2.15
CA LEU A 1169 -18.31 -29.08 0.84
C LEU A 1169 -18.91 -30.47 0.94
N GLN A 1170 -18.90 -31.09 2.12
CA GLN A 1170 -19.53 -32.38 2.34
C GLN A 1170 -20.85 -32.25 3.09
N GLY A 1171 -21.34 -31.03 3.29
CA GLY A 1171 -22.65 -30.85 3.87
C GLY A 1171 -22.72 -31.00 5.36
N VAL A 1172 -21.64 -30.74 6.08
CA VAL A 1172 -21.61 -30.81 7.53
C VAL A 1172 -21.33 -29.42 8.08
N SER A 1173 -22.20 -28.95 8.98
CA SER A 1173 -22.02 -27.65 9.59
C SER A 1173 -20.69 -27.60 10.34
N ASN A 1174 -20.13 -26.40 10.43
CA ASN A 1174 -18.79 -26.15 10.96
C ASN A 1174 -18.54 -26.90 12.27
N PRO A 1175 -17.74 -27.96 12.25
CA PRO A 1175 -17.47 -28.70 13.49
C PRO A 1175 -16.58 -27.93 14.46
N VAL A 1176 -15.80 -26.98 13.97
CA VAL A 1176 -14.92 -26.17 14.81
C VAL A 1176 -15.41 -24.72 14.76
N PRO A 1177 -16.49 -24.38 15.45
CA PRO A 1177 -17.06 -23.02 15.31
C PRO A 1177 -16.13 -21.91 15.78
N ARG A 1178 -15.13 -22.22 16.61
CA ARG A 1178 -14.16 -21.20 17.00
C ARG A 1178 -13.30 -20.73 15.85
N VAL A 1179 -13.32 -21.42 14.72
CA VAL A 1179 -12.64 -20.99 13.50
C VAL A 1179 -13.74 -20.60 12.51
N GLU A 1180 -13.98 -19.31 12.37
CA GLU A 1180 -15.13 -18.83 11.61
C GLU A 1180 -14.89 -19.03 10.11
N HIS A 1181 -15.96 -19.34 9.40
CA HIS A 1181 -15.89 -19.61 7.97
C HIS A 1181 -15.59 -18.33 7.20
N PRO A 1182 -15.04 -18.45 5.99
CA PRO A 1182 -14.86 -17.26 5.15
C PRO A 1182 -16.21 -16.68 4.75
N ASP A 1183 -16.20 -15.36 4.49
CA ASP A 1183 -17.44 -14.65 4.19
C ASP A 1183 -18.13 -15.25 2.99
N TRP A 1184 -17.37 -15.65 1.96
CA TRP A 1184 -17.97 -16.26 0.79
C TRP A 1184 -18.64 -17.59 1.13
N LEU A 1185 -18.08 -18.34 2.09
CA LEU A 1185 -18.69 -19.61 2.47
C LEU A 1185 -19.96 -19.39 3.27
N LYS A 1186 -20.00 -18.36 4.13
CA LYS A 1186 -21.20 -18.09 4.91
C LYS A 1186 -22.36 -17.67 4.01
N ARG A 1187 -22.07 -16.93 2.94
CA ARG A 1187 -23.12 -16.54 2.00
C ARG A 1187 -23.65 -17.75 1.24
N LYS A 1188 -22.74 -18.61 0.75
CA LYS A 1188 -23.18 -19.82 0.03
C LYS A 1188 -23.99 -20.74 0.94
N ILE A 1189 -23.68 -20.76 2.24
CA ILE A 1189 -24.44 -21.58 3.18
C ILE A 1189 -25.91 -21.18 3.15
N ALA A 1190 -26.19 -19.88 2.97
CA ALA A 1190 -27.56 -19.39 2.82
C ALA A 1190 -28.03 -19.48 1.38
N ALA D 36 -44.84 61.83 -8.44
CA ALA D 36 -46.02 61.05 -8.08
C ALA D 36 -45.81 59.55 -8.30
N LEU D 37 -44.58 59.09 -8.03
CA LEU D 37 -44.38 57.67 -7.76
C LEU D 37 -44.92 57.30 -6.39
N SER D 38 -45.17 58.30 -5.54
CA SER D 38 -45.86 58.11 -4.27
C SER D 38 -47.27 57.53 -4.44
N ALA D 39 -47.78 57.51 -5.67
CA ALA D 39 -49.08 56.88 -5.92
C ALA D 39 -49.01 55.38 -5.69
N GLN D 40 -48.09 54.70 -6.38
CA GLN D 40 -47.96 53.26 -6.16
C GLN D 40 -47.38 52.96 -4.79
N GLN D 41 -46.53 53.85 -4.27
CA GLN D 41 -45.97 53.65 -2.94
C GLN D 41 -47.07 53.66 -1.89
N LEU D 42 -48.09 54.52 -2.08
CA LEU D 42 -49.23 54.48 -1.20
C LEU D 42 -50.12 53.28 -1.49
N LEU D 43 -50.17 52.85 -2.75
CA LEU D 43 -50.93 51.65 -3.10
C LEU D 43 -50.35 50.42 -2.42
N ASN D 44 -49.03 50.24 -2.50
CA ASN D 44 -48.39 49.10 -1.86
C ASN D 44 -48.58 49.15 -0.35
N ALA D 45 -48.50 50.34 0.23
CA ALA D 45 -48.71 50.48 1.67
C ALA D 45 -50.12 50.11 2.09
N SER D 46 -51.10 50.21 1.19
CA SER D 46 -52.44 49.73 1.51
C SER D 46 -52.49 48.21 1.51
N LYS D 47 -51.88 47.57 0.50
CA LYS D 47 -51.84 46.11 0.47
C LYS D 47 -51.05 45.56 1.64
N ILE D 48 -49.94 46.20 1.99
CA ILE D 48 -49.17 45.77 3.16
C ILE D 48 -49.99 45.94 4.43
N ASP D 49 -50.66 47.09 4.57
CA ASP D 49 -51.49 47.33 5.74
C ASP D 49 -52.63 46.32 5.84
N ASP D 50 -53.19 45.88 4.71
CA ASP D 50 -54.23 44.86 4.74
C ASP D 50 -53.67 43.51 5.17
N ILE D 51 -52.49 43.13 4.64
CA ILE D 51 -51.87 41.87 5.05
C ILE D 51 -51.55 41.89 6.53
N ASP D 52 -51.03 43.02 7.02
CA ASP D 52 -50.65 43.12 8.44
C ASP D 52 -51.85 42.94 9.34
N SER D 53 -53.00 43.52 8.98
CA SER D 53 -54.20 43.32 9.78
C SER D 53 -54.59 41.84 9.82
N MET D 54 -54.55 41.16 8.67
CA MET D 54 -54.89 39.75 8.63
C MET D 54 -53.96 38.91 9.49
N MET D 55 -52.69 39.31 9.56
CA MET D 55 -51.70 38.63 10.40
C MET D 55 -51.70 39.14 11.83
N GLY D 56 -52.65 40.00 12.20
CA GLY D 56 -52.75 40.47 13.56
C GLY D 56 -51.93 41.68 13.92
N PHE D 57 -51.63 42.54 12.94
CA PHE D 57 -50.87 43.77 13.18
C PHE D 57 -51.71 44.96 12.69
N GLU D 58 -52.60 45.43 13.54
CA GLU D 58 -53.42 46.59 13.24
C GLU D 58 -52.70 47.86 13.71
N ARG D 59 -52.96 48.96 12.99
CA ARG D 59 -52.34 50.23 13.34
C ARG D 59 -52.90 50.73 14.66
N TYR D 60 -52.07 50.71 15.70
CA TYR D 60 -52.46 51.22 17.01
C TYR D 60 -52.09 52.70 17.10
N VAL D 61 -53.04 53.51 17.56
CA VAL D 61 -52.83 54.93 17.79
C VAL D 61 -53.04 55.20 19.27
N PRO D 62 -52.02 55.68 19.99
CA PRO D 62 -52.17 55.91 21.43
C PRO D 62 -53.09 57.07 21.73
N PRO D 63 -53.64 57.12 22.94
CA PRO D 63 -54.53 58.23 23.31
C PRO D 63 -53.75 59.53 23.50
N GLN D 64 -54.50 60.61 23.69
CA GLN D 64 -53.93 61.93 23.90
C GLN D 64 -53.38 62.06 25.32
N TYR D 65 -52.44 63.00 25.48
CA TYR D 65 -51.85 63.25 26.79
C TYR D 65 -51.35 64.69 26.83
N ASN D 66 -51.85 65.48 27.78
CA ASN D 66 -51.45 66.87 27.94
C ASN D 66 -50.35 67.04 28.98
N GLY D 67 -49.87 65.96 29.58
CA GLY D 67 -48.81 66.03 30.57
C GLY D 67 -47.43 66.08 29.94
N ARG D 68 -46.43 65.85 30.79
CA ARG D 68 -45.04 66.02 30.40
C ARG D 68 -44.42 64.70 29.94
N PHE D 69 -43.63 64.77 28.87
CA PHE D 69 -42.98 63.59 28.29
C PHE D 69 -41.76 63.23 29.14
N ASP D 70 -42.04 62.69 30.31
CA ASP D 70 -41.00 62.27 31.27
C ASP D 70 -41.00 60.74 31.35
N ALA D 71 -39.84 60.15 31.08
CA ALA D 71 -39.73 58.69 31.12
C ALA D 71 -39.97 58.13 32.52
N LYS D 72 -39.86 58.97 33.56
CA LYS D 72 -40.17 58.53 34.90
C LYS D 72 -41.66 58.27 35.10
N ASP D 73 -42.52 58.88 34.29
CA ASP D 73 -43.97 58.72 34.40
C ASP D 73 -44.54 57.80 33.32
N ILE D 74 -43.77 56.78 32.94
CA ILE D 74 -44.18 55.90 31.83
C ILE D 74 -45.48 55.18 32.17
N ASP D 75 -45.64 54.74 33.42
CA ASP D 75 -46.84 54.01 33.80
C ASP D 75 -48.07 54.89 33.85
N GLN D 76 -47.90 56.22 33.88
CA GLN D 76 -49.03 57.14 33.89
C GLN D 76 -49.36 57.71 32.53
N ILE D 77 -48.42 57.66 31.59
CA ILE D 77 -48.67 58.16 30.24
C ILE D 77 -49.49 57.12 29.48
N PRO D 78 -50.66 57.48 28.96
CA PRO D 78 -51.49 56.50 28.24
C PRO D 78 -50.75 55.94 27.03
N GLY D 79 -50.72 54.63 26.93
CA GLY D 79 -50.04 54.00 25.82
C GLY D 79 -50.22 52.49 25.83
N ARG D 80 -49.34 51.82 25.09
CA ARG D 80 -49.40 50.38 24.91
C ARG D 80 -47.97 49.84 24.90
N VAL D 81 -47.66 48.98 25.86
CA VAL D 81 -46.30 48.44 25.96
C VAL D 81 -46.15 47.26 25.02
N GLY D 82 -45.02 47.20 24.32
CA GLY D 82 -44.78 46.10 23.40
C GLY D 82 -43.32 45.85 23.19
N TRP D 83 -43.02 44.63 22.74
CA TRP D 83 -41.67 44.24 22.36
C TRP D 83 -41.54 44.39 20.85
N LEU D 84 -40.56 45.18 20.41
CA LEU D 84 -40.42 45.54 19.01
C LEU D 84 -39.77 44.40 18.23
N THR D 85 -40.47 43.90 17.21
CA THR D 85 -40.01 42.75 16.46
C THR D 85 -39.59 43.06 15.03
N ASN D 86 -40.02 44.20 14.46
CA ASN D 86 -39.68 44.51 13.09
C ASN D 86 -39.96 45.98 12.84
N MET D 87 -39.38 46.50 11.74
CA MET D 87 -39.69 47.83 11.27
C MET D 87 -39.50 47.87 9.75
N HIS D 88 -40.31 48.68 9.08
CA HIS D 88 -40.18 48.89 7.65
C HIS D 88 -40.60 50.31 7.30
N ALA D 89 -39.94 50.89 6.30
CA ALA D 89 -40.37 52.18 5.80
C ALA D 89 -41.72 52.04 5.11
N THR D 90 -42.45 53.15 5.04
CA THR D 90 -43.79 53.16 4.47
C THR D 90 -44.11 54.59 4.06
N LEU D 91 -45.29 54.76 3.47
CA LEU D 91 -45.77 56.07 3.05
C LEU D 91 -47.22 56.22 3.52
N VAL D 92 -47.48 57.28 4.30
CA VAL D 92 -48.80 57.52 4.89
C VAL D 92 -49.51 58.59 4.08
N SER D 93 -50.85 58.57 4.13
CA SER D 93 -51.69 59.45 3.33
C SER D 93 -52.43 60.46 4.19
N GLN D 94 -51.68 61.32 4.88
CA GLN D 94 -52.25 62.26 5.85
C GLN D 94 -53.08 61.51 6.91
N GLU D 95 -52.60 60.32 7.27
CA GLU D 95 -53.27 59.47 8.24
C GLU D 95 -52.47 59.38 9.54
N GLN D 117 -49.89 64.47 -1.54
CA GLN D 117 -48.85 63.46 -1.65
C GLN D 117 -48.55 62.82 -0.31
N GLY D 118 -47.85 61.68 -0.34
CA GLY D 118 -47.65 60.89 0.86
C GLY D 118 -46.57 61.44 1.78
N ILE D 119 -46.62 60.99 3.02
CA ILE D 119 -45.67 61.40 4.06
C ILE D 119 -44.81 60.17 4.41
N SER D 120 -43.50 60.38 4.47
CA SER D 120 -42.59 59.30 4.83
C SER D 120 -42.76 58.91 6.29
N GLY D 121 -42.39 57.68 6.60
CA GLY D 121 -42.51 57.18 7.96
C GLY D 121 -42.08 55.72 8.02
N VAL D 122 -42.23 55.14 9.21
CA VAL D 122 -41.78 53.77 9.47
C VAL D 122 -42.86 53.04 10.27
N ASP D 123 -43.21 51.84 9.83
CA ASP D 123 -44.10 50.97 10.59
C ASP D 123 -43.29 50.14 11.57
N PHE D 124 -43.74 50.09 12.82
CA PHE D 124 -43.07 49.35 13.88
C PHE D 124 -43.98 48.23 14.36
N TYR D 125 -43.49 46.99 14.28
CA TYR D 125 -44.30 45.81 14.57
C TYR D 125 -43.99 45.30 15.97
N PHE D 126 -45.02 45.18 16.80
CA PHE D 126 -44.87 44.89 18.23
C PHE D 126 -45.60 43.61 18.61
N LEU D 127 -45.09 42.97 19.66
CA LEU D 127 -45.82 41.94 20.38
C LEU D 127 -46.07 42.46 21.80
N ASP D 128 -47.33 42.44 22.23
CA ASP D 128 -47.68 43.02 23.52
C ASP D 128 -47.52 41.99 24.63
N GLU D 129 -47.71 42.43 25.87
CA GLU D 129 -47.55 41.55 27.02
C GLU D 129 -48.73 40.61 27.22
N GLU D 130 -49.91 40.97 26.70
CA GLU D 130 -51.10 40.14 26.89
C GLU D 130 -51.19 38.99 25.90
N GLY D 131 -50.13 38.75 25.11
CA GLY D 131 -50.12 37.66 24.16
C GLY D 131 -50.56 38.01 22.77
N GLY D 132 -50.69 39.30 22.45
CA GLY D 132 -51.13 39.75 21.16
C GLY D 132 -50.05 40.44 20.37
N SER D 133 -50.48 41.24 19.39
CA SER D 133 -49.55 41.97 18.53
C SER D 133 -50.25 43.20 17.98
N PHE D 134 -49.43 44.18 17.57
CA PHE D 134 -49.93 45.42 17.00
C PHE D 134 -48.76 46.14 16.35
N LYS D 135 -49.09 47.06 15.44
CA LYS D 135 -48.10 47.90 14.81
C LYS D 135 -48.40 49.37 15.07
N SER D 136 -47.35 50.20 15.04
CA SER D 136 -47.48 51.63 15.21
C SER D 136 -46.50 52.34 14.28
N THR D 137 -46.86 53.56 13.89
CA THR D 137 -46.17 54.28 12.84
C THR D 137 -45.61 55.59 13.37
N VAL D 138 -44.33 55.84 13.07
CA VAL D 138 -43.68 57.12 13.33
C VAL D 138 -43.45 57.80 11.99
N VAL D 139 -43.79 59.08 11.90
CA VAL D 139 -43.50 59.88 10.72
C VAL D 139 -42.28 60.73 11.01
N TYR D 140 -41.52 61.05 9.97
CA TYR D 140 -40.26 61.77 10.10
C TYR D 140 -39.82 62.27 8.74
N ASP D 141 -39.57 63.57 8.60
CA ASP D 141 -39.19 64.12 7.31
C ASP D 141 -37.77 63.73 6.96
N PRO D 142 -37.54 63.16 5.77
CA PRO D 142 -36.16 62.90 5.34
C PRO D 142 -35.40 64.21 5.14
N TYR D 143 -34.07 64.12 5.21
CA TYR D 143 -33.27 65.33 5.14
C TYR D 143 -31.83 64.99 4.77
N PHE D 144 -31.20 65.92 4.03
CA PHE D 144 -29.76 65.92 3.83
C PHE D 144 -29.25 67.36 3.87
N PHE D 145 -27.93 67.51 3.85
CA PHE D 145 -27.28 68.78 4.11
C PHE D 145 -26.59 69.33 2.87
N ILE D 146 -26.41 70.65 2.86
CA ILE D 146 -25.61 71.33 1.86
C ILE D 146 -24.46 72.03 2.58
N ALA D 147 -23.27 71.93 2.02
CA ALA D 147 -22.10 72.59 2.57
C ALA D 147 -21.77 73.83 1.75
N CYS D 148 -21.18 74.82 2.43
CA CYS D 148 -20.82 76.08 1.81
C CYS D 148 -19.32 76.31 1.96
N ASN D 149 -18.69 76.75 0.86
CA ASN D 149 -17.26 77.04 0.86
C ASN D 149 -16.94 78.45 1.36
N ASP D 150 -17.96 79.27 1.61
CA ASP D 150 -17.76 80.61 2.18
C ASP D 150 -18.91 80.84 3.16
N GLU D 151 -18.62 80.60 4.45
CA GLU D 151 -19.67 80.60 5.46
C GLU D 151 -20.34 81.96 5.63
N SER D 152 -19.66 83.04 5.26
CA SER D 152 -20.25 84.36 5.42
C SER D 152 -21.47 84.53 4.52
N ARG D 153 -21.51 83.83 3.38
CA ARG D 153 -22.59 83.98 2.42
C ARG D 153 -23.53 82.78 2.42
N VAL D 154 -23.70 82.14 3.59
CA VAL D 154 -24.61 81.00 3.67
C VAL D 154 -26.04 81.42 3.39
N ASN D 155 -26.41 82.65 3.75
CA ASN D 155 -27.76 83.12 3.48
C ASN D 155 -28.01 83.35 2.00
N ASP D 156 -26.95 83.60 1.22
CA ASP D 156 -27.09 83.70 -0.22
C ASP D 156 -27.48 82.35 -0.82
N VAL D 157 -26.77 81.29 -0.41
CA VAL D 157 -27.07 79.94 -0.88
C VAL D 157 -28.46 79.53 -0.49
N GLU D 158 -28.84 79.81 0.76
CA GLU D 158 -30.16 79.42 1.25
C GLU D 158 -31.27 80.05 0.43
N GLU D 159 -31.11 81.31 0.04
CA GLU D 159 -32.12 81.99 -0.76
C GLU D 159 -32.08 81.53 -2.21
N LEU D 160 -30.97 80.96 -2.68
CA LEU D 160 -30.94 80.37 -4.00
C LEU D 160 -31.64 79.02 -4.03
N VAL D 161 -31.25 78.12 -3.12
CA VAL D 161 -31.85 76.79 -3.11
C VAL D 161 -33.33 76.84 -2.75
N LYS D 162 -33.78 77.90 -2.07
CA LYS D 162 -35.20 78.01 -1.73
C LYS D 162 -36.07 78.15 -2.97
N LYS D 163 -35.56 78.85 -3.99
CA LYS D 163 -36.28 79.02 -5.24
C LYS D 163 -35.90 77.98 -6.28
N TYR D 164 -34.65 77.51 -6.27
CA TYR D 164 -34.20 76.52 -7.24
C TYR D 164 -34.81 75.15 -7.01
N LEU D 165 -35.24 74.86 -5.78
CA LEU D 165 -35.89 73.59 -5.46
C LEU D 165 -37.28 73.78 -4.89
N GLU D 166 -38.00 74.81 -5.37
CA GLU D 166 -39.38 75.03 -4.93
C GLU D 166 -40.27 73.82 -5.22
N SER D 167 -39.90 73.01 -6.21
CA SER D 167 -40.72 71.87 -6.63
C SER D 167 -40.65 70.68 -5.68
N CYS D 168 -39.62 70.58 -4.83
CA CYS D 168 -39.45 69.42 -3.98
C CYS D 168 -39.16 69.74 -2.52
N LEU D 169 -38.74 70.96 -2.19
CA LEU D 169 -38.37 71.28 -0.82
C LEU D 169 -39.61 71.44 0.06
N LYS D 170 -39.46 71.10 1.35
CA LYS D 170 -40.49 71.36 2.34
C LYS D 170 -40.07 72.44 3.31
N SER D 171 -38.92 72.26 3.98
CA SER D 171 -38.41 73.19 4.97
C SER D 171 -36.94 73.45 4.70
N LEU D 172 -36.39 74.41 5.43
CA LEU D 172 -35.00 74.80 5.25
C LEU D 172 -34.50 75.41 6.54
N GLN D 173 -33.26 75.13 6.89
CA GLN D 173 -32.75 75.52 8.19
C GLN D 173 -31.23 75.59 8.15
N ILE D 174 -30.67 76.46 8.99
CA ILE D 174 -29.23 76.56 9.18
C ILE D 174 -28.85 75.77 10.43
N ILE D 175 -27.90 74.85 10.29
CA ILE D 175 -27.53 73.93 11.35
C ILE D 175 -26.02 73.90 11.50
N ARG D 176 -25.57 73.44 12.66
CA ARG D 176 -24.14 73.30 12.95
C ARG D 176 -23.85 71.86 13.37
N LYS D 177 -22.74 71.33 12.88
CA LYS D 177 -22.25 70.02 13.24
C LYS D 177 -20.72 70.06 13.26
N GLU D 178 -20.13 69.19 14.06
CA GLU D 178 -18.67 69.16 14.19
C GLU D 178 -18.07 68.42 13.00
N ASP D 179 -17.16 69.07 12.28
CA ASP D 179 -16.46 68.47 11.15
C ASP D 179 -15.04 68.12 11.58
N LEU D 180 -14.75 66.81 11.64
CA LEU D 180 -13.43 66.36 12.05
C LEU D 180 -12.33 66.69 11.05
N THR D 181 -12.67 67.29 9.91
CA THR D 181 -11.67 67.77 8.96
C THR D 181 -11.42 69.27 9.08
N MET D 182 -12.28 69.99 9.80
CA MET D 182 -12.14 71.42 9.97
C MET D 182 -11.09 71.76 11.03
N ASP D 183 -10.30 72.79 10.75
CA ASP D 183 -9.32 73.25 11.73
C ASP D 183 -10.02 73.93 12.90
N ASN D 184 -9.42 73.76 14.09
CA ASN D 184 -9.95 74.31 15.35
C ASN D 184 -11.29 73.67 15.73
N HIS D 185 -11.55 72.45 15.28
CA HIS D 185 -12.80 71.79 15.67
C HIS D 185 -12.71 71.17 17.06
N LEU D 186 -11.51 70.91 17.56
CA LEU D 186 -11.29 70.47 18.93
C LEU D 186 -11.34 71.62 19.93
N LEU D 187 -11.65 72.83 19.47
CA LEU D 187 -11.83 73.98 20.33
C LEU D 187 -13.27 74.47 20.35
N GLY D 188 -14.16 73.82 19.60
CA GLY D 188 -15.57 74.18 19.58
C GLY D 188 -16.09 74.71 18.26
N LEU D 189 -15.22 74.99 17.29
CA LEU D 189 -15.69 75.49 16.01
C LEU D 189 -16.51 74.43 15.29
N GLN D 190 -17.61 74.86 14.68
CA GLN D 190 -18.54 73.97 14.01
C GLN D 190 -18.74 74.38 12.55
N LYS D 191 -19.17 73.43 11.74
CA LYS D 191 -19.48 73.68 10.33
C LYS D 191 -20.94 74.10 10.21
N THR D 192 -21.16 75.22 9.53
CA THR D 192 -22.51 75.71 9.29
C THR D 192 -23.05 75.04 8.03
N LEU D 193 -24.19 74.35 8.16
CA LEU D 193 -24.78 73.62 7.06
C LEU D 193 -26.25 74.01 6.89
N ILE D 194 -26.75 73.80 5.68
CA ILE D 194 -28.15 74.03 5.35
C ILE D 194 -28.86 72.68 5.39
N LYS D 195 -29.89 72.56 6.23
CA LYS D 195 -30.61 71.30 6.41
C LYS D 195 -31.87 71.33 5.54
N LEU D 196 -31.83 70.57 4.44
CA LEU D 196 -32.95 70.48 3.51
C LEU D 196 -33.89 69.37 3.96
N SER D 197 -35.14 69.71 4.20
CA SER D 197 -36.14 68.75 4.66
C SER D 197 -37.19 68.53 3.56
N PHE D 198 -37.72 67.31 3.51
CA PHE D 198 -38.62 66.91 2.43
C PHE D 198 -39.82 66.16 3.00
N VAL D 199 -40.89 66.11 2.19
CA VAL D 199 -42.11 65.44 2.62
C VAL D 199 -41.91 63.93 2.68
N ASN D 200 -41.35 63.36 1.62
CA ASN D 200 -41.09 61.93 1.57
C ASN D 200 -39.71 61.71 0.97
N SER D 201 -39.40 60.46 0.64
CA SER D 201 -38.09 60.11 0.10
C SER D 201 -38.00 60.37 -1.40
N ASN D 202 -39.13 60.42 -2.11
CA ASN D 202 -39.09 60.75 -3.53
C ASN D 202 -38.68 62.21 -3.74
N GLN D 203 -39.29 63.13 -2.97
CA GLN D 203 -38.95 64.54 -3.09
C GLN D 203 -37.50 64.81 -2.67
N LEU D 204 -36.97 64.02 -1.74
CA LEU D 204 -35.55 64.12 -1.42
C LEU D 204 -34.70 63.76 -2.62
N PHE D 205 -35.10 62.71 -3.34
CA PHE D 205 -34.33 62.26 -4.50
C PHE D 205 -34.43 63.26 -5.64
N GLU D 206 -35.60 63.87 -5.82
CA GLU D 206 -35.75 64.88 -6.86
C GLU D 206 -34.83 66.07 -6.62
N ALA D 207 -34.61 66.42 -5.36
CA ALA D 207 -33.65 67.49 -5.05
C ALA D 207 -32.22 67.06 -5.38
N ARG D 208 -31.90 65.79 -5.13
CA ARG D 208 -30.58 65.30 -5.48
C ARG D 208 -30.33 65.39 -6.98
N LYS D 209 -31.34 65.03 -7.78
CA LYS D 209 -31.17 65.08 -9.24
C LYS D 209 -31.06 66.50 -9.75
N LEU D 210 -31.66 67.46 -9.04
CA LEU D 210 -31.58 68.86 -9.44
C LEU D 210 -30.31 69.53 -8.96
N LEU D 211 -29.67 68.99 -7.92
CA LEU D 211 -28.48 69.60 -7.36
C LEU D 211 -27.18 69.11 -7.99
N ARG D 212 -27.21 67.93 -8.60
CA ARG D 212 -25.96 67.35 -9.12
C ARG D 212 -25.42 68.15 -10.30
N PRO D 213 -26.25 68.62 -11.25
CA PRO D 213 -25.71 69.57 -12.24
C PRO D 213 -24.97 70.74 -11.61
N ILE D 214 -25.57 71.42 -10.63
CA ILE D 214 -24.92 72.55 -9.96
C ILE D 214 -23.58 72.12 -9.36
N LEU D 215 -23.47 70.88 -8.88
CA LEU D 215 -22.22 70.42 -8.29
C LEU D 215 -21.20 70.04 -9.35
N GLN D 216 -21.62 69.50 -10.49
CA GLN D 216 -20.67 69.16 -11.54
C GLN D 216 -20.21 70.38 -12.32
N ASP D 217 -21.06 71.39 -12.47
CA ASP D 217 -20.61 72.66 -13.05
C ASP D 217 -19.54 73.30 -12.17
N ASN D 218 -19.73 73.25 -10.86
CA ASN D 218 -18.77 73.87 -9.95
C ASN D 218 -17.42 73.17 -10.00
N ALA D 219 -17.43 71.84 -10.16
CA ALA D 219 -16.19 71.14 -10.39
C ALA D 219 -15.54 71.57 -11.69
N ASN D 220 -16.34 71.97 -12.68
CA ASN D 220 -15.82 72.27 -13.99
C ASN D 220 -15.40 73.74 -14.09
N ASN D 221 -14.89 74.11 -15.27
CA ASN D 221 -14.31 75.42 -15.48
C ASN D 221 -15.39 76.44 -15.83
N ASN D 222 -15.07 77.71 -15.58
CA ASN D 222 -16.00 78.79 -15.84
C ASN D 222 -16.09 79.11 -17.33
N VAL D 223 -17.20 79.73 -17.72
CA VAL D 223 -17.39 80.09 -19.12
C VAL D 223 -16.47 81.24 -19.50
N GLN D 224 -16.29 81.42 -20.81
CA GLN D 224 -15.42 82.47 -21.36
C GLN D 224 -16.31 83.50 -22.03
N ARG D 225 -16.36 84.71 -21.45
CA ARG D 225 -17.20 85.77 -21.97
C ARG D 225 -16.30 86.93 -22.31
N ASN D 226 -16.16 87.93 -21.44
CA ASN D 226 -15.24 89.04 -21.66
C ASN D 226 -13.87 88.64 -21.13
N ILE D 227 -12.92 88.44 -22.05
CA ILE D 227 -11.56 88.02 -21.67
C ILE D 227 -10.74 89.16 -21.10
N TYR D 228 -11.31 90.37 -21.02
CA TYR D 228 -10.57 91.54 -20.57
C TYR D 228 -11.00 92.02 -19.18
N ASN D 229 -11.93 91.34 -18.52
CA ASN D 229 -12.36 91.74 -17.19
C ASN D 229 -11.66 90.91 -16.12
N LYS D 237 -18.01 89.43 -6.13
CA LYS D 237 -18.68 88.28 -5.53
C LYS D 237 -19.22 87.34 -6.61
N VAL D 238 -18.91 86.06 -6.46
CA VAL D 238 -19.38 85.06 -7.42
C VAL D 238 -20.79 84.63 -7.08
N ASP D 239 -21.51 84.12 -8.09
CA ASP D 239 -22.89 83.72 -7.90
C ASP D 239 -22.99 82.60 -6.86
N ALA D 240 -24.09 82.62 -6.10
CA ALA D 240 -24.27 81.68 -5.00
C ALA D 240 -24.35 80.23 -5.45
N LYS D 241 -24.57 79.95 -6.75
CA LYS D 241 -24.53 78.58 -7.22
C LYS D 241 -23.13 78.00 -7.12
N HIS D 242 -22.11 78.82 -7.33
CA HIS D 242 -20.71 78.41 -7.14
C HIS D 242 -20.33 78.30 -5.67
N LEU D 243 -21.23 78.69 -4.76
CA LEU D 243 -20.97 78.59 -3.33
C LEU D 243 -21.30 77.22 -2.77
N ILE D 244 -21.90 76.34 -3.56
CA ILE D 244 -22.29 75.02 -3.08
C ILE D 244 -21.06 74.12 -3.15
N GLU D 245 -20.49 73.80 -1.99
CA GLU D 245 -19.25 73.05 -1.95
C GLU D 245 -19.50 71.56 -2.14
N ASP D 246 -20.57 71.03 -1.54
CA ASP D 246 -20.94 69.62 -1.66
C ASP D 246 -22.25 69.41 -0.90
N ILE D 247 -22.88 68.26 -1.15
CA ILE D 247 -24.01 67.81 -0.35
C ILE D 247 -23.52 66.74 0.62
N ARG D 248 -24.21 66.59 1.74
CA ARG D 248 -23.77 65.69 2.79
C ARG D 248 -24.95 64.91 3.35
N GLU D 249 -24.67 63.68 3.78
CA GLU D 249 -25.64 62.79 4.41
C GLU D 249 -26.86 62.56 3.51
N TYR D 250 -26.64 62.58 2.20
CA TYR D 250 -27.73 62.36 1.24
C TYR D 250 -28.07 60.90 1.06
N ASP D 251 -27.14 59.99 1.36
CA ASP D 251 -27.25 58.59 1.01
C ASP D 251 -27.51 57.70 2.22
N VAL D 252 -28.19 58.22 3.23
CA VAL D 252 -28.52 57.42 4.41
C VAL D 252 -29.83 56.69 4.14
N PRO D 253 -29.90 55.37 4.34
CA PRO D 253 -31.19 54.69 4.23
C PRO D 253 -32.20 55.32 5.18
N TYR D 254 -33.42 55.50 4.69
CA TYR D 254 -34.41 56.27 5.45
C TYR D 254 -34.74 55.59 6.77
N HIS D 255 -34.96 54.27 6.75
CA HIS D 255 -35.34 53.57 7.98
C HIS D 255 -34.18 53.51 8.95
N VAL D 256 -32.95 53.55 8.45
CA VAL D 256 -31.80 53.70 9.33
C VAL D 256 -31.78 55.11 9.91
N ARG D 257 -32.10 56.12 9.08
CA ARG D 257 -32.13 57.49 9.56
C ARG D 257 -33.14 57.66 10.68
N VAL D 258 -34.32 57.06 10.55
CA VAL D 258 -35.34 57.17 11.59
C VAL D 258 -34.89 56.46 12.86
N SER D 259 -34.37 55.24 12.71
CA SER D 259 -33.94 54.47 13.87
C SER D 259 -32.81 55.16 14.62
N ILE D 260 -31.92 55.85 13.90
CA ILE D 260 -30.83 56.57 14.55
C ILE D 260 -31.36 57.80 15.26
N ASP D 261 -32.06 58.68 14.52
CA ASP D 261 -32.45 59.97 15.07
C ASP D 261 -33.45 59.85 16.21
N LYS D 262 -34.31 58.84 16.17
CA LYS D 262 -35.29 58.61 17.23
C LYS D 262 -34.84 57.57 18.24
N ASP D 263 -33.69 56.93 18.01
CA ASP D 263 -33.08 56.00 18.98
C ASP D 263 -34.03 54.86 19.33
N ILE D 264 -34.54 54.19 18.31
CA ILE D 264 -35.38 53.01 18.47
C ILE D 264 -34.61 51.80 17.95
N ARG D 265 -34.75 50.66 18.63
CA ARG D 265 -34.05 49.44 18.24
C ARG D 265 -34.97 48.22 18.35
N VAL D 266 -34.95 47.39 17.30
CA VAL D 266 -35.66 46.11 17.37
C VAL D 266 -35.04 45.26 18.47
N GLY D 267 -35.91 44.62 19.27
CA GLY D 267 -35.47 43.83 20.38
C GLY D 267 -35.60 44.50 21.74
N LYS D 268 -35.89 45.80 21.75
CA LYS D 268 -36.15 46.53 22.99
C LYS D 268 -37.65 46.63 23.24
N TRP D 269 -38.00 46.85 24.50
CA TRP D 269 -39.39 47.08 24.88
C TRP D 269 -39.70 48.58 24.85
N TYR D 270 -40.91 48.92 24.40
CA TYR D 270 -41.32 50.31 24.35
C TYR D 270 -42.80 50.42 24.73
N LYS D 271 -43.15 51.56 25.31
CA LYS D 271 -44.53 52.00 25.40
C LYS D 271 -44.78 52.97 24.28
N VAL D 272 -45.85 52.75 23.51
CA VAL D 272 -46.20 53.60 22.38
C VAL D 272 -47.13 54.69 22.91
N THR D 273 -46.62 55.91 23.00
CA THR D 273 -47.38 57.04 23.52
C THR D 273 -47.43 58.15 22.48
N GLN D 274 -48.43 59.02 22.63
CA GLN D 274 -48.66 60.09 21.65
C GLN D 274 -47.41 60.92 21.40
N GLN D 275 -46.59 61.12 22.43
CA GLN D 275 -45.36 61.89 22.27
C GLN D 275 -44.21 61.08 21.68
N GLY D 276 -44.33 59.75 21.63
CA GLY D 276 -43.33 58.91 21.02
C GLY D 276 -43.19 57.61 21.78
N PHE D 277 -42.10 56.90 21.47
CA PHE D 277 -41.81 55.61 22.08
C PHE D 277 -40.97 55.82 23.34
N ILE D 278 -41.46 55.33 24.47
CA ILE D 278 -40.71 55.37 25.72
C ILE D 278 -40.15 53.97 25.98
N GLU D 279 -38.83 53.84 25.98
CA GLU D 279 -38.22 52.56 26.29
C GLU D 279 -38.55 52.15 27.71
N ASP D 280 -38.99 50.91 27.88
CA ASP D 280 -39.32 50.37 29.19
C ASP D 280 -38.14 49.52 29.65
N THR D 281 -37.14 50.18 30.24
CA THR D 281 -35.95 49.49 30.72
C THR D 281 -36.24 48.50 31.84
N ARG D 282 -37.45 48.50 32.37
CA ARG D 282 -37.79 47.54 33.44
C ARG D 282 -37.85 46.13 32.87
N LYS D 283 -38.35 45.98 31.64
CA LYS D 283 -38.52 44.67 31.05
C LYS D 283 -37.17 44.14 30.58
N ILE D 284 -36.82 42.94 31.03
CA ILE D 284 -35.47 42.42 30.89
C ILE D 284 -35.30 41.57 29.64
N ALA D 285 -35.88 40.37 29.65
CA ALA D 285 -35.70 39.41 28.57
C ALA D 285 -36.71 39.65 27.44
N PHE D 286 -36.38 39.10 26.27
CA PHE D 286 -37.20 39.27 25.10
C PHE D 286 -38.58 38.66 25.31
N ALA D 287 -39.53 39.11 24.51
CA ALA D 287 -40.78 38.37 24.33
C ALA D 287 -40.49 37.14 23.47
N ASP D 288 -41.52 36.30 23.31
CA ASP D 288 -41.34 35.05 22.59
C ASP D 288 -42.16 35.07 21.30
N PRO D 289 -41.54 35.30 20.15
CA PRO D 289 -42.29 35.29 18.90
C PRO D 289 -42.69 33.87 18.52
N VAL D 290 -43.69 33.79 17.66
CA VAL D 290 -44.12 32.52 17.08
C VAL D 290 -43.18 32.21 15.91
N VAL D 291 -42.35 31.18 16.07
CA VAL D 291 -41.27 30.88 15.15
C VAL D 291 -41.63 29.64 14.35
N MET D 292 -41.45 29.72 13.03
CA MET D 292 -41.69 28.60 12.14
C MET D 292 -40.44 28.38 11.30
N ALA D 293 -40.09 27.12 11.08
CA ALA D 293 -38.97 26.75 10.23
C ALA D 293 -39.41 25.64 9.29
N PHE D 294 -39.31 25.86 7.99
CA PHE D 294 -39.79 24.90 7.01
C PHE D 294 -38.69 24.53 6.02
N ALA D 295 -38.94 23.44 5.31
CA ALA D 295 -38.05 22.92 4.28
C ALA D 295 -38.90 22.09 3.32
N ILE D 296 -38.59 22.19 2.03
CA ILE D 296 -39.38 21.53 1.00
C ILE D 296 -38.58 20.40 0.37
N ALA D 297 -39.30 19.43 -0.19
CA ALA D 297 -38.72 18.30 -0.90
C ALA D 297 -39.35 18.25 -2.28
N THR D 298 -38.51 18.30 -3.31
CA THR D 298 -39.00 18.45 -4.67
C THR D 298 -38.44 17.37 -5.59
N THR D 299 -39.27 16.98 -6.56
CA THR D 299 -38.84 16.04 -7.58
C THR D 299 -37.81 16.69 -8.49
N LYS D 300 -36.92 15.86 -9.02
CA LYS D 300 -35.86 16.34 -9.88
C LYS D 300 -35.63 15.31 -10.98
N PRO D 301 -35.34 15.76 -12.19
CA PRO D 301 -34.90 14.83 -13.23
C PRO D 301 -33.62 14.14 -12.81
N PRO D 302 -33.47 12.85 -13.14
CA PRO D 302 -32.27 12.12 -12.72
C PRO D 302 -31.01 12.76 -13.28
N LEU D 303 -30.03 12.98 -12.39
CA LEU D 303 -28.73 13.57 -12.65
C LEU D 303 -28.82 15.06 -12.95
N LYS D 304 -29.99 15.66 -12.86
CA LYS D 304 -30.18 17.08 -13.17
C LYS D 304 -30.76 17.80 -11.96
N PHE D 305 -30.80 19.13 -12.06
CA PHE D 305 -31.31 19.94 -10.96
C PHE D 305 -32.83 20.06 -11.04
N PRO D 306 -33.49 20.29 -9.90
CA PRO D 306 -34.93 20.56 -9.93
C PRO D 306 -35.23 21.77 -10.80
N ASP D 307 -36.45 21.80 -11.31
CA ASP D 307 -36.92 22.90 -12.15
C ASP D 307 -38.36 23.18 -11.75
N SER D 308 -38.57 24.28 -11.01
CA SER D 308 -39.91 24.62 -10.53
C SER D 308 -40.89 24.86 -11.67
N ALA D 309 -40.44 24.87 -12.92
CA ALA D 309 -41.33 25.01 -14.05
C ALA D 309 -42.01 23.70 -14.41
N VAL D 310 -41.43 22.56 -14.04
CA VAL D 310 -41.98 21.26 -14.41
C VAL D 310 -42.08 20.35 -13.20
N ASP D 311 -41.12 20.44 -12.28
CA ASP D 311 -41.09 19.54 -11.15
C ASP D 311 -42.09 19.97 -10.07
N GLN D 312 -42.47 19.01 -9.23
CA GLN D 312 -43.51 19.19 -8.23
C GLN D 312 -42.91 19.10 -6.83
N ILE D 313 -43.54 19.81 -5.90
CA ILE D 313 -43.17 19.71 -4.49
C ILE D 313 -43.71 18.39 -3.94
N MET D 314 -42.79 17.55 -3.46
CA MET D 314 -43.20 16.27 -2.87
C MET D 314 -43.86 16.48 -1.51
N MET D 315 -43.11 17.04 -0.56
CA MET D 315 -43.58 17.24 0.79
C MET D 315 -43.03 18.54 1.34
N ILE D 316 -43.73 19.08 2.33
CA ILE D 316 -43.27 20.22 3.10
C ILE D 316 -43.25 19.80 4.57
N SER D 317 -42.07 19.90 5.19
CA SER D 317 -41.94 19.68 6.62
C SER D 317 -41.63 21.01 7.29
N TYR D 318 -42.12 21.17 8.52
CA TYR D 318 -41.88 22.41 9.25
C TYR D 318 -42.11 22.18 10.73
N MET D 319 -41.62 23.12 11.53
CA MET D 319 -41.76 23.11 12.97
C MET D 319 -42.28 24.47 13.42
N ILE D 320 -43.37 24.46 14.17
CA ILE D 320 -44.00 25.68 14.65
C ILE D 320 -43.86 25.69 16.17
N ASP D 321 -42.83 26.37 16.66
CA ASP D 321 -42.60 26.54 18.10
C ASP D 321 -42.54 25.20 18.82
N GLY D 322 -41.77 24.27 18.27
CA GLY D 322 -41.56 22.99 18.93
C GLY D 322 -42.46 21.86 18.49
N GLU D 323 -43.43 22.13 17.62
CA GLU D 323 -44.34 21.10 17.12
C GLU D 323 -44.03 20.87 15.64
N GLY D 324 -43.86 19.60 15.26
CA GLY D 324 -43.52 19.26 13.90
C GLY D 324 -44.73 18.97 13.03
N PHE D 325 -44.57 19.21 11.73
CA PHE D 325 -45.65 18.96 10.77
C PHE D 325 -45.04 18.51 9.45
N LEU D 326 -45.80 17.71 8.70
CA LEU D 326 -45.36 17.22 7.40
C LEU D 326 -46.57 17.13 6.48
N ILE D 327 -46.58 17.95 5.43
CA ILE D 327 -47.58 17.88 4.37
C ILE D 327 -47.00 17.06 3.24
N THR D 328 -47.83 16.22 2.62
CA THR D 328 -47.40 15.37 1.51
C THR D 328 -48.31 15.57 0.30
N ASN D 329 -47.74 15.37 -0.88
CA ASN D 329 -48.48 15.40 -2.14
C ASN D 329 -48.78 13.96 -2.54
N ARG D 330 -50.00 13.52 -2.29
CA ARG D 330 -50.36 12.12 -2.52
C ARG D 330 -50.34 11.75 -4.00
N GLU D 331 -50.19 12.71 -4.91
CA GLU D 331 -49.97 12.41 -6.31
C GLU D 331 -48.55 11.98 -6.62
N ILE D 332 -47.66 12.00 -5.62
CA ILE D 332 -46.26 11.63 -5.83
C ILE D 332 -45.82 10.65 -4.74
N ILE D 333 -46.32 10.85 -3.53
CA ILE D 333 -45.99 9.96 -2.41
C ILE D 333 -47.03 8.85 -2.34
N SER D 334 -46.56 7.60 -2.34
CA SER D 334 -47.39 6.45 -2.65
C SER D 334 -48.31 6.01 -1.51
N GLU D 335 -48.03 6.42 -0.28
CA GLU D 335 -48.85 5.99 0.84
C GLU D 335 -49.13 7.18 1.75
N ASP D 336 -50.26 7.12 2.45
CA ASP D 336 -50.54 8.06 3.52
C ASP D 336 -49.50 7.88 4.62
N ILE D 337 -48.79 8.94 4.96
CA ILE D 337 -47.77 8.89 6.00
C ILE D 337 -48.44 9.05 7.36
N GLU D 338 -48.01 8.23 8.32
CA GLU D 338 -48.57 8.24 9.67
C GLU D 338 -47.72 9.13 10.58
N ASP D 339 -48.37 9.67 11.62
CA ASP D 339 -47.67 10.51 12.59
C ASP D 339 -46.54 9.72 13.24
N PHE D 340 -45.37 10.35 13.35
CA PHE D 340 -44.20 9.68 13.90
C PHE D 340 -43.35 10.71 14.64
N GLU D 341 -42.22 10.25 15.17
CA GLU D 341 -41.35 11.06 16.01
C GLU D 341 -39.92 10.98 15.51
N TYR D 342 -39.21 12.10 15.58
CA TYR D 342 -37.77 12.15 15.26
C TYR D 342 -37.13 13.10 16.26
N THR D 343 -36.63 12.54 17.36
CA THR D 343 -35.96 13.29 18.42
C THR D 343 -34.48 12.90 18.43
N PRO D 344 -33.64 13.57 17.64
CA PRO D 344 -32.25 13.09 17.46
C PRO D 344 -31.35 13.37 18.65
N LYS D 345 -31.93 13.83 19.73
CA LYS D 345 -31.28 14.15 20.99
C LYS D 345 -32.38 14.64 21.93
N PRO D 346 -32.30 14.35 23.22
CA PRO D 346 -33.38 14.76 24.13
C PRO D 346 -33.72 16.25 24.06
N GLU D 347 -32.75 17.11 23.76
CA GLU D 347 -32.98 18.56 23.73
C GLU D 347 -33.71 19.02 22.48
N TYR D 348 -33.90 18.16 21.48
CA TYR D 348 -34.56 18.52 20.23
C TYR D 348 -35.77 17.61 20.01
N PRO D 349 -36.85 17.83 20.75
CA PRO D 349 -38.06 17.02 20.53
C PRO D 349 -38.59 17.21 19.11
N GLY D 350 -39.03 16.10 18.52
CA GLY D 350 -39.51 16.13 17.14
C GLY D 350 -40.72 15.25 16.90
N PHE D 351 -41.84 15.57 17.54
CA PHE D 351 -43.10 14.90 17.27
C PHE D 351 -43.77 15.57 16.08
N PHE D 352 -44.21 14.76 15.11
CA PHE D 352 -44.69 15.28 13.83
C PHE D 352 -46.10 14.80 13.54
N THR D 353 -46.99 15.74 13.25
CA THR D 353 -48.32 15.48 12.76
C THR D 353 -48.32 15.62 11.24
N ILE D 354 -48.90 14.64 10.54
CA ILE D 354 -48.82 14.56 9.09
C ILE D 354 -50.12 15.09 8.46
N PHE D 355 -49.99 15.77 7.33
CA PHE D 355 -51.11 16.31 6.56
C PHE D 355 -51.03 15.76 5.14
N ASN D 356 -51.65 14.61 4.90
CA ASN D 356 -51.65 13.99 3.58
C ASN D 356 -52.71 14.65 2.71
N GLU D 357 -52.27 15.33 1.66
CA GLU D 357 -53.16 16.05 0.76
C GLU D 357 -53.11 15.44 -0.63
N ASN D 358 -54.18 15.63 -1.40
CA ASN D 358 -54.34 14.94 -2.67
C ASN D 358 -53.47 15.55 -3.78
N ASP D 359 -53.52 16.87 -3.93
CA ASP D 359 -52.88 17.56 -5.03
C ASP D 359 -51.64 18.31 -4.56
N GLU D 360 -50.89 18.84 -5.53
CA GLU D 360 -49.94 19.89 -5.22
C GLU D 360 -50.64 21.18 -4.85
N VAL D 361 -51.82 21.43 -5.45
CA VAL D 361 -52.66 22.55 -5.03
C VAL D 361 -52.99 22.42 -3.55
N ALA D 362 -53.48 21.23 -3.15
CA ALA D 362 -53.88 21.02 -1.76
C ALA D 362 -52.69 21.20 -0.82
N LEU D 363 -51.50 20.77 -1.24
CA LEU D 363 -50.31 20.93 -0.40
C LEU D 363 -50.00 22.40 -0.15
N LEU D 364 -49.94 23.20 -1.23
CA LEU D 364 -49.66 24.62 -1.08
C LEU D 364 -50.71 25.30 -0.22
N GLN D 365 -51.99 24.97 -0.43
CA GLN D 365 -53.05 25.61 0.33
C GLN D 365 -53.02 25.19 1.80
N ARG D 366 -52.67 23.93 2.07
CA ARG D 366 -52.45 23.51 3.45
C ARG D 366 -51.31 24.31 4.07
N PHE D 367 -50.25 24.55 3.30
CA PHE D 367 -49.11 25.31 3.81
C PHE D 367 -49.51 26.75 4.11
N PHE D 368 -50.20 27.41 3.18
CA PHE D 368 -50.57 28.81 3.38
C PHE D 368 -51.66 28.97 4.42
N GLU D 369 -52.55 27.98 4.55
CA GLU D 369 -53.58 28.07 5.58
C GLU D 369 -52.97 27.94 6.98
N HIS D 370 -52.05 26.99 7.15
CA HIS D 370 -51.40 26.81 8.45
C HIS D 370 -50.60 28.04 8.84
N ILE D 371 -50.07 28.78 7.85
CA ILE D 371 -49.32 29.98 8.14
C ILE D 371 -50.25 31.09 8.61
N ARG D 372 -51.39 31.25 7.96
CA ARG D 372 -52.33 32.28 8.37
C ARG D 372 -52.90 32.02 9.76
N ASP D 373 -52.85 30.78 10.24
CA ASP D 373 -53.47 30.42 11.51
C ASP D 373 -52.53 30.57 12.69
N VAL D 374 -51.26 30.21 12.53
CA VAL D 374 -50.31 30.39 13.63
C VAL D 374 -49.78 31.82 13.70
N ARG D 375 -49.94 32.60 12.63
CA ARG D 375 -49.46 33.98 12.54
C ARG D 375 -48.00 34.07 12.95
N PRO D 376 -47.08 33.60 12.11
CA PRO D 376 -45.66 33.60 12.50
C PRO D 376 -45.03 34.97 12.34
N THR D 377 -44.20 35.32 13.32
CA THR D 377 -43.38 36.52 13.27
C THR D 377 -41.98 36.23 12.72
N VAL D 378 -41.54 34.98 12.81
CA VAL D 378 -40.28 34.54 12.22
C VAL D 378 -40.54 33.26 11.43
N ILE D 379 -40.11 33.22 10.17
CA ILE D 379 -40.10 32.02 9.37
C ILE D 379 -38.67 31.76 8.95
N SER D 380 -38.15 30.57 9.29
CA SER D 380 -36.75 30.26 9.07
C SER D 380 -36.60 29.12 8.06
N THR D 381 -35.52 29.21 7.28
CA THR D 381 -35.16 28.20 6.29
C THR D 381 -33.66 28.00 6.34
N PHE D 382 -33.20 26.97 5.63
CA PHE D 382 -31.78 26.80 5.32
C PHE D 382 -31.65 27.00 3.82
N ASN D 383 -31.12 28.18 3.44
CA ASN D 383 -30.98 28.57 2.04
C ASN D 383 -32.33 28.63 1.32
N GLY D 384 -33.39 29.01 2.04
CA GLY D 384 -34.69 29.15 1.41
C GLY D 384 -34.84 30.38 0.54
N ASP D 385 -33.90 31.32 0.63
CA ASP D 385 -34.03 32.55 -0.16
C ASP D 385 -33.84 32.29 -1.64
N PHE D 386 -33.03 31.29 -2.00
CA PHE D 386 -32.73 31.04 -3.40
C PHE D 386 -33.03 29.60 -3.81
N PHE D 387 -33.73 28.83 -2.98
CA PHE D 387 -34.28 27.57 -3.46
C PHE D 387 -35.73 27.38 -3.03
N ASP D 388 -35.97 27.29 -1.71
CA ASP D 388 -37.30 26.92 -1.21
C ASP D 388 -38.35 27.95 -1.61
N TRP D 389 -38.15 29.22 -1.21
CA TRP D 389 -39.14 30.25 -1.47
C TRP D 389 -39.45 30.43 -2.96
N PRO D 390 -38.46 30.62 -3.84
CA PRO D 390 -38.81 30.74 -5.26
C PRO D 390 -39.48 29.51 -5.82
N PHE D 391 -39.23 28.34 -5.23
CA PHE D 391 -39.91 27.13 -5.68
C PHE D 391 -41.39 27.18 -5.33
N ILE D 392 -41.71 27.38 -4.05
CA ILE D 392 -43.10 27.51 -3.61
C ILE D 392 -43.80 28.58 -4.42
N HIS D 393 -43.10 29.69 -4.70
CA HIS D 393 -43.69 30.81 -5.42
C HIS D 393 -44.02 30.43 -6.86
N ASN D 394 -43.09 29.77 -7.56
CA ASN D 394 -43.32 29.44 -8.95
C ASN D 394 -44.41 28.38 -9.11
N ARG D 395 -44.44 27.39 -8.21
CA ARG D 395 -45.51 26.41 -8.26
C ARG D 395 -46.85 27.03 -7.89
N SER D 396 -46.86 28.03 -6.99
CA SER D 396 -48.10 28.70 -6.65
C SER D 396 -48.65 29.48 -7.84
N LYS D 397 -47.76 30.05 -8.66
CA LYS D 397 -48.22 30.73 -9.87
C LYS D 397 -48.87 29.76 -10.84
N ILE D 398 -48.30 28.57 -10.99
CA ILE D 398 -48.82 27.58 -11.93
C ILE D 398 -50.24 27.19 -11.56
N HIS D 399 -50.45 26.85 -10.28
CA HIS D 399 -51.76 26.42 -9.81
C HIS D 399 -52.74 27.58 -9.59
N GLY D 400 -52.39 28.78 -10.03
CA GLY D 400 -53.29 29.91 -9.92
C GLY D 400 -53.42 30.49 -8.53
N LEU D 401 -52.30 30.60 -7.80
CA LEU D 401 -52.31 31.15 -6.45
C LEU D 401 -51.34 32.31 -6.38
N ASP D 402 -51.71 33.34 -5.63
CA ASP D 402 -50.88 34.53 -5.41
C ASP D 402 -50.30 34.42 -4.00
N MET D 403 -49.03 34.01 -3.92
CA MET D 403 -48.40 33.82 -2.62
C MET D 403 -48.45 35.08 -1.76
N PHE D 404 -48.43 36.26 -2.39
CA PHE D 404 -48.52 37.51 -1.64
C PHE D 404 -49.90 37.66 -0.99
N ASP D 405 -50.97 37.46 -1.76
CA ASP D 405 -52.31 37.51 -1.17
C ASP D 405 -52.50 36.44 -0.12
N GLU D 406 -51.79 35.31 -0.24
CA GLU D 406 -51.99 34.19 0.67
C GLU D 406 -51.23 34.38 1.98
N ILE D 407 -49.94 34.71 1.91
CA ILE D 407 -49.13 34.79 3.12
C ILE D 407 -48.25 36.04 3.14
N GLY D 408 -48.48 36.94 2.19
CA GLY D 408 -47.78 38.22 2.22
C GLY D 408 -46.29 38.15 2.00
N PHE D 409 -45.80 37.12 1.30
CA PHE D 409 -44.40 37.01 0.97
C PHE D 409 -44.21 37.27 -0.52
N ALA D 410 -43.07 37.88 -0.86
CA ALA D 410 -42.78 38.25 -2.24
C ALA D 410 -41.30 38.51 -2.37
N PRO D 411 -40.72 38.32 -3.55
CA PRO D 411 -39.30 38.65 -3.73
C PRO D 411 -39.07 40.15 -3.70
N ASP D 412 -37.89 40.54 -3.24
CA ASP D 412 -37.56 41.96 -3.09
C ASP D 412 -36.58 42.38 -4.20
N ALA D 413 -35.96 43.55 -4.01
CA ALA D 413 -35.06 44.10 -5.03
C ALA D 413 -33.86 43.20 -5.26
N GLU D 414 -33.43 42.45 -4.25
CA GLU D 414 -32.28 41.57 -4.36
C GLU D 414 -32.67 40.12 -4.69
N GLY D 415 -33.94 39.87 -4.99
CA GLY D 415 -34.40 38.53 -5.30
C GLY D 415 -34.70 37.66 -4.09
N GLU D 416 -34.51 38.17 -2.88
CA GLU D 416 -34.80 37.44 -1.66
C GLU D 416 -36.25 37.64 -1.25
N TYR D 417 -36.81 36.66 -0.55
CA TYR D 417 -38.21 36.68 -0.18
C TYR D 417 -38.38 37.25 1.22
N LYS D 418 -39.25 38.26 1.34
CA LYS D 418 -39.46 38.96 2.60
C LYS D 418 -40.95 39.20 2.81
N SER D 419 -41.29 39.72 3.98
CA SER D 419 -42.67 40.07 4.30
C SER D 419 -42.67 41.19 5.33
N SER D 420 -43.78 41.93 5.38
CA SER D 420 -43.87 43.07 6.28
C SER D 420 -43.86 42.62 7.74
N TYR D 421 -44.64 41.59 8.05
CA TYR D 421 -44.89 41.19 9.44
C TYR D 421 -43.99 40.06 9.93
N CYS D 422 -43.32 39.33 9.04
CA CYS D 422 -42.58 38.13 9.41
C CYS D 422 -41.17 38.19 8.85
N SER D 423 -40.19 38.23 9.74
CA SER D 423 -38.80 38.14 9.31
C SER D 423 -38.53 36.75 8.75
N HIS D 424 -37.87 36.69 7.59
CA HIS D 424 -37.43 35.45 6.99
C HIS D 424 -35.96 35.23 7.33
N MET D 425 -35.69 34.32 8.25
CA MET D 425 -34.35 34.08 8.77
C MET D 425 -33.75 32.88 8.05
N ASP D 426 -32.99 33.16 7.01
CA ASP D 426 -32.25 32.13 6.28
C ASP D 426 -30.99 31.80 7.06
N CYS D 427 -30.96 30.63 7.71
CA CYS D 427 -29.83 30.29 8.56
C CYS D 427 -28.53 30.21 7.79
N PHE D 428 -28.60 29.90 6.50
CA PHE D 428 -27.38 29.80 5.71
C PHE D 428 -26.60 31.12 5.74
N ARG D 429 -27.30 32.25 5.75
CA ARG D 429 -26.62 33.54 5.83
C ARG D 429 -25.82 33.66 7.13
N TRP D 430 -26.42 33.25 8.25
CA TRP D 430 -25.68 33.23 9.51
C TRP D 430 -24.51 32.27 9.42
N VAL D 431 -24.76 31.07 8.90
CA VAL D 431 -23.69 30.08 8.73
C VAL D 431 -22.57 30.66 7.88
N LYS D 432 -22.93 31.37 6.80
CA LYS D 432 -21.91 31.84 5.87
C LYS D 432 -21.13 33.02 6.44
N ARG D 433 -21.76 33.85 7.26
CA ARG D 433 -21.15 35.11 7.66
C ARG D 433 -20.56 35.09 9.07
N ASP D 434 -21.30 34.56 10.05
CA ASP D 434 -20.93 34.73 11.45
C ASP D 434 -20.40 33.47 12.14
N SER D 435 -20.65 32.28 11.58
CA SER D 435 -20.37 31.04 12.29
C SER D 435 -18.89 30.73 12.43
N TYR D 436 -18.02 31.39 11.64
CA TYR D 436 -16.59 31.09 11.56
C TYR D 436 -16.33 29.64 11.16
N LEU D 437 -17.28 29.01 10.49
CA LEU D 437 -17.07 27.67 9.97
C LEU D 437 -16.38 27.75 8.62
N PRO D 438 -15.56 26.75 8.28
CA PRO D 438 -14.99 26.71 6.94
C PRO D 438 -16.06 26.38 5.91
N GLN D 439 -15.87 26.89 4.69
CA GLN D 439 -16.85 26.67 3.63
C GLN D 439 -17.11 25.19 3.39
N GLY D 440 -16.09 24.36 3.57
CA GLY D 440 -16.28 22.92 3.47
C GLY D 440 -17.24 22.34 4.48
N SER D 441 -17.58 23.09 5.53
CA SER D 441 -18.47 22.62 6.57
C SER D 441 -19.72 23.49 6.69
N GLN D 442 -20.10 24.16 5.59
CA GLN D 442 -21.23 25.09 5.62
C GLN D 442 -22.50 24.49 5.03
N GLY D 443 -22.52 23.17 4.79
CA GLY D 443 -23.77 22.51 4.48
C GLY D 443 -24.54 22.14 5.73
N LEU D 444 -25.85 21.94 5.57
CA LEU D 444 -26.70 21.71 6.72
C LEU D 444 -26.25 20.51 7.55
N LYS D 445 -25.71 19.48 6.88
CA LYS D 445 -25.27 18.28 7.60
C LYS D 445 -24.11 18.59 8.52
N ALA D 446 -23.06 19.23 8.00
CA ALA D 446 -21.91 19.58 8.83
C ALA D 446 -22.29 20.61 9.89
N VAL D 447 -23.16 21.56 9.55
CA VAL D 447 -23.55 22.59 10.49
C VAL D 447 -24.34 21.98 11.65
N THR D 448 -25.14 20.94 11.37
CA THR D 448 -25.87 20.27 12.44
C THR D 448 -24.93 19.47 13.33
N GLN D 449 -23.83 18.97 12.76
CA GLN D 449 -22.86 18.22 13.56
C GLN D 449 -22.10 19.16 14.49
N SER D 450 -21.56 20.25 13.95
CA SER D 450 -20.68 21.11 14.73
C SER D 450 -21.45 21.87 15.81
N LYS D 451 -22.67 22.31 15.51
CA LYS D 451 -23.39 23.20 16.41
C LYS D 451 -24.55 22.56 17.15
N LEU D 452 -25.16 21.52 16.59
CA LEU D 452 -26.28 20.87 17.26
C LEU D 452 -25.88 19.59 17.99
N GLY D 453 -24.76 18.97 17.64
CA GLY D 453 -24.25 17.85 18.39
C GLY D 453 -24.82 16.49 18.01
N TYR D 454 -25.26 16.33 16.77
CA TYR D 454 -25.76 15.04 16.30
C TYR D 454 -25.61 15.00 14.79
N ASN D 455 -25.83 13.81 14.22
CA ASN D 455 -25.80 13.60 12.78
C ASN D 455 -27.23 13.55 12.26
N PRO D 456 -27.58 14.33 11.25
CA PRO D 456 -28.93 14.28 10.70
C PRO D 456 -29.08 13.18 9.65
N ILE D 457 -30.34 12.84 9.38
CA ILE D 457 -30.62 11.85 8.37
C ILE D 457 -30.09 12.33 7.02
N GLU D 458 -29.47 11.43 6.27
CA GLU D 458 -28.92 11.74 4.96
C GLU D 458 -29.65 10.94 3.89
N LEU D 459 -29.71 11.50 2.68
CA LEU D 459 -30.37 10.82 1.57
C LEU D 459 -29.73 11.30 0.27
N ASP D 460 -29.30 10.35 -0.55
CA ASP D 460 -28.75 10.68 -1.86
C ASP D 460 -29.83 11.37 -2.68
N PRO D 461 -29.56 12.54 -3.24
CA PRO D 461 -30.62 13.26 -3.98
C PRO D 461 -31.19 12.48 -5.16
N GLU D 462 -30.42 11.57 -5.73
CA GLU D 462 -30.92 10.74 -6.84
C GLU D 462 -31.91 9.68 -6.39
N LEU D 463 -32.06 9.52 -5.08
CA LEU D 463 -32.94 8.45 -4.55
C LEU D 463 -34.20 9.04 -3.91
N MET D 464 -34.38 10.36 -4.02
CA MET D 464 -35.51 11.03 -3.33
C MET D 464 -36.78 10.93 -4.18
N THR D 465 -36.73 11.36 -5.43
CA THR D 465 -37.91 11.24 -6.33
C THR D 465 -38.33 9.77 -6.40
N PRO D 466 -37.39 8.81 -6.57
CA PRO D 466 -37.73 7.39 -6.55
C PRO D 466 -38.35 6.86 -5.25
N TYR D 467 -37.79 7.21 -4.09
CA TYR D 467 -38.29 6.64 -2.81
C TYR D 467 -39.71 7.15 -2.50
N ALA D 468 -40.10 8.27 -3.11
CA ALA D 468 -41.46 8.73 -2.89
C ALA D 468 -42.48 7.63 -3.15
N PHE D 469 -42.17 6.70 -4.05
CA PHE D 469 -42.97 5.51 -4.31
C PHE D 469 -42.46 4.29 -3.54
N GLU D 470 -41.15 4.00 -3.63
CA GLU D 470 -40.61 2.77 -3.07
C GLU D 470 -40.62 2.80 -1.55
N LYS D 471 -39.89 3.76 -0.96
CA LYS D 471 -39.77 3.88 0.50
C LYS D 471 -40.19 5.29 0.93
N PRO D 472 -41.51 5.58 0.92
CA PRO D 472 -41.98 6.94 1.24
C PRO D 472 -41.71 7.36 2.68
N GLN D 473 -42.06 6.50 3.64
CA GLN D 473 -41.80 6.82 5.03
C GLN D 473 -40.32 7.10 5.27
N HIS D 474 -39.44 6.37 4.58
CA HIS D 474 -38.01 6.66 4.65
C HIS D 474 -37.72 8.07 4.15
N LEU D 475 -38.30 8.44 3.01
CA LEU D 475 -38.16 9.81 2.52
C LEU D 475 -38.78 10.81 3.47
N SER D 476 -39.88 10.42 4.14
CA SER D 476 -40.51 11.31 5.11
C SER D 476 -39.61 11.54 6.32
N GLU D 477 -38.84 10.53 6.73
CA GLU D 477 -37.92 10.71 7.84
C GLU D 477 -36.78 11.65 7.46
N TYR D 478 -36.29 11.55 6.22
CA TYR D 478 -35.28 12.51 5.76
C TYR D 478 -35.87 13.92 5.66
N SER D 479 -37.16 14.02 5.32
CA SER D 479 -37.80 15.32 5.22
C SER D 479 -37.87 16.00 6.58
N VAL D 480 -38.44 15.32 7.57
CA VAL D 480 -38.57 15.90 8.90
C VAL D 480 -37.21 16.11 9.56
N SER D 481 -36.18 15.41 9.11
CA SER D 481 -34.84 15.63 9.66
C SER D 481 -34.36 17.03 9.36
N ASP D 482 -34.55 17.50 8.12
CA ASP D 482 -34.12 18.84 7.76
C ASP D 482 -34.89 19.90 8.53
N ALA D 483 -36.16 19.62 8.87
CA ALA D 483 -36.96 20.58 9.61
C ALA D 483 -36.55 20.64 11.07
N VAL D 484 -36.24 19.49 11.67
CA VAL D 484 -35.76 19.49 13.05
C VAL D 484 -34.38 20.14 13.11
N ALA D 485 -33.54 19.87 12.12
CA ALA D 485 -32.22 20.52 12.09
C ALA D 485 -32.35 22.02 11.88
N THR D 486 -33.31 22.46 11.07
CA THR D 486 -33.43 23.89 10.78
C THR D 486 -34.00 24.65 11.97
N TYR D 487 -35.06 24.12 12.61
CA TYR D 487 -35.73 24.86 13.67
C TYR D 487 -34.81 25.08 14.86
N TYR D 488 -34.13 24.02 15.32
CA TYR D 488 -33.32 24.14 16.52
C TYR D 488 -32.01 24.85 16.25
N LEU D 489 -31.47 24.76 15.03
CA LEU D 489 -30.33 25.59 14.67
C LEU D 489 -30.69 27.07 14.81
N TYR D 490 -31.88 27.45 14.34
CA TYR D 490 -32.29 28.84 14.44
C TYR D 490 -32.48 29.24 15.90
N MET D 491 -33.29 28.47 16.64
CA MET D 491 -33.67 28.90 17.98
C MET D 491 -32.48 28.94 18.93
N LYS D 492 -31.51 28.05 18.75
CA LYS D 492 -30.40 27.98 19.69
C LYS D 492 -29.27 28.93 19.35
N TYR D 493 -29.14 29.31 18.07
CA TYR D 493 -27.96 30.05 17.65
C TYR D 493 -28.29 31.37 16.97
N VAL D 494 -29.15 31.33 15.95
CA VAL D 494 -29.42 32.52 15.15
C VAL D 494 -30.28 33.51 15.92
N HIS D 495 -31.46 33.08 16.34
CA HIS D 495 -32.41 33.95 17.02
C HIS D 495 -31.79 34.76 18.15
N PRO D 496 -31.07 34.18 19.12
CA PRO D 496 -30.50 35.03 20.16
C PRO D 496 -29.45 35.99 19.63
N PHE D 497 -28.68 35.59 18.62
CA PHE D 497 -27.59 36.45 18.14
C PHE D 497 -28.14 37.62 17.34
N ILE D 498 -29.07 37.37 16.43
CA ILE D 498 -29.52 38.42 15.52
C ILE D 498 -30.40 39.43 16.26
N PHE D 499 -31.34 38.95 17.07
CA PHE D 499 -32.25 39.87 17.76
C PHE D 499 -31.54 40.65 18.85
N SER D 500 -30.49 40.09 19.45
CA SER D 500 -29.69 40.88 20.37
C SER D 500 -28.85 41.90 19.62
N LEU D 501 -28.33 41.53 18.45
CA LEU D 501 -27.59 42.47 17.63
C LEU D 501 -28.45 43.64 17.19
N CYS D 502 -29.75 43.40 16.99
CA CYS D 502 -30.69 44.46 16.62
C CYS D 502 -30.85 45.50 17.70
N THR D 503 -30.61 45.16 18.96
CA THR D 503 -30.75 46.10 20.05
C THR D 503 -29.67 47.18 20.04
N ILE D 504 -28.61 46.98 19.27
CA ILE D 504 -27.59 48.01 19.10
C ILE D 504 -27.41 48.46 17.65
N ILE D 505 -27.90 47.71 16.67
CA ILE D 505 -27.71 48.01 15.26
C ILE D 505 -29.02 48.54 14.69
N PRO D 506 -29.02 49.71 14.06
CA PRO D 506 -30.29 50.31 13.63
C PRO D 506 -30.86 49.65 12.39
N LEU D 507 -31.07 48.33 12.45
CA LEU D 507 -31.64 47.59 11.34
C LEU D 507 -32.66 46.59 11.89
N ASN D 508 -33.52 46.10 11.02
CA ASN D 508 -34.46 45.07 11.40
C ASN D 508 -33.78 43.70 11.32
N PRO D 509 -34.41 42.65 11.85
CA PRO D 509 -33.77 41.32 11.76
C PRO D 509 -33.38 40.91 10.36
N ASP D 510 -34.23 41.18 9.36
CA ASP D 510 -33.93 40.77 7.98
C ASP D 510 -32.62 41.35 7.48
N GLU D 511 -32.27 42.57 7.90
CA GLU D 511 -31.05 43.22 7.45
C GLU D 511 -29.87 42.93 8.36
N THR D 512 -30.11 42.82 9.67
CA THR D 512 -29.01 42.46 10.58
C THR D 512 -28.41 41.12 10.20
N LEU D 513 -29.24 40.20 9.69
CA LEU D 513 -28.75 38.87 9.32
C LEU D 513 -27.94 38.89 8.04
N ARG D 514 -28.28 39.76 7.09
CA ARG D 514 -27.80 39.63 5.73
C ARG D 514 -26.76 40.66 5.31
N LYS D 515 -26.71 41.82 5.95
CA LYS D 515 -25.78 42.86 5.54
C LYS D 515 -24.34 42.44 5.80
N GLY D 516 -23.43 42.94 4.97
CA GLY D 516 -22.02 42.69 5.17
C GLY D 516 -21.54 43.23 6.51
N THR D 517 -20.56 42.54 7.09
CA THR D 517 -20.06 42.95 8.41
C THR D 517 -19.50 44.37 8.37
N GLY D 518 -18.98 44.81 7.23
CA GLY D 518 -18.54 46.18 7.12
C GLY D 518 -19.69 47.16 7.19
N THR D 519 -20.84 46.79 6.62
CA THR D 519 -22.03 47.63 6.74
C THR D 519 -22.49 47.70 8.19
N LEU D 520 -22.45 46.57 8.91
CA LEU D 520 -22.77 46.60 10.33
C LEU D 520 -21.86 47.57 11.08
N CYS D 521 -20.56 47.52 10.79
CA CYS D 521 -19.63 48.47 11.40
C CYS D 521 -20.01 49.91 11.06
N GLU D 522 -20.32 50.17 9.79
CA GLU D 522 -20.80 51.49 9.41
C GLU D 522 -21.99 51.90 10.27
N MET D 523 -23.03 51.06 10.29
CA MET D 523 -24.23 51.36 11.06
C MET D 523 -23.89 51.72 12.50
N LEU D 524 -23.07 50.89 13.15
CA LEU D 524 -22.69 51.19 14.52
C LEU D 524 -21.92 52.51 14.63
N LEU D 525 -21.15 52.85 13.59
CA LEU D 525 -20.37 54.08 13.64
C LEU D 525 -21.22 55.31 13.33
N MET D 526 -22.19 55.20 12.42
CA MET D 526 -23.05 56.35 12.15
C MET D 526 -23.88 56.72 13.38
N VAL D 527 -24.15 55.76 14.25
CA VAL D 527 -24.85 56.06 15.50
C VAL D 527 -23.98 56.91 16.40
N GLN D 528 -22.73 56.49 16.61
CA GLN D 528 -21.82 57.24 17.46
C GLN D 528 -21.52 58.63 16.88
N ALA D 529 -21.37 58.72 15.56
CA ALA D 529 -21.09 60.03 14.98
C ALA D 529 -22.28 60.96 15.12
N TYR D 530 -23.49 60.44 14.92
CA TYR D 530 -24.68 61.28 15.04
C TYR D 530 -24.88 61.74 16.49
N GLN D 531 -24.73 60.82 17.45
CA GLN D 531 -24.98 61.15 18.84
C GLN D 531 -23.94 62.09 19.42
N HIS D 532 -22.77 62.21 18.79
CA HIS D 532 -21.78 63.21 19.15
C HIS D 532 -21.83 64.42 18.23
N ASN D 533 -22.89 64.54 17.41
CA ASN D 533 -23.09 65.68 16.52
C ASN D 533 -21.94 65.84 15.53
N ILE D 534 -21.43 64.71 15.04
CA ILE D 534 -20.33 64.70 14.08
C ILE D 534 -20.90 64.52 12.68
N LEU D 535 -20.45 65.36 11.75
CA LEU D 535 -20.95 65.29 10.39
C LEU D 535 -20.39 64.04 9.70
N LEU D 536 -21.28 63.25 9.11
CA LEU D 536 -20.87 62.04 8.41
C LEU D 536 -20.05 62.40 7.18
N PRO D 537 -18.86 61.85 7.02
CA PRO D 537 -18.12 62.04 5.76
C PRO D 537 -18.80 61.25 4.66
N ASN D 538 -18.67 61.75 3.43
CA ASN D 538 -19.29 61.08 2.31
C ASN D 538 -18.57 59.76 2.00
N LYS D 539 -19.26 58.87 1.29
CA LYS D 539 -18.68 57.57 0.96
C LYS D 539 -17.45 57.73 0.09
N HIS D 540 -16.40 56.97 0.40
CA HIS D 540 -15.14 57.09 -0.31
C HIS D 540 -15.23 56.54 -1.73
N THR D 541 -14.43 57.11 -2.62
CA THR D 541 -14.32 56.66 -4.00
C THR D 541 -12.86 56.63 -4.40
N ASP D 542 -12.51 55.64 -5.24
CA ASP D 542 -11.10 55.50 -5.59
C ASP D 542 -10.83 56.03 -6.99
N PRO D 543 -9.64 56.57 -7.23
CA PRO D 543 -9.31 57.06 -8.58
C PRO D 543 -9.37 55.94 -9.60
N ILE D 544 -9.86 56.28 -10.80
CA ILE D 544 -9.94 55.32 -11.89
C ILE D 544 -8.54 54.88 -12.31
N GLU D 545 -7.58 55.81 -12.31
CA GLU D 545 -6.18 55.51 -12.51
C GLU D 545 -5.37 56.10 -11.37
N ARG D 546 -4.25 55.48 -11.07
CA ARG D 546 -3.31 56.01 -10.10
C ARG D 546 -1.91 55.60 -10.51
N PHE D 547 -0.98 56.54 -10.45
CA PHE D 547 0.36 56.35 -11.00
C PHE D 547 1.40 56.51 -9.90
N TYR D 548 2.52 55.82 -10.07
CA TYR D 548 3.62 55.86 -9.11
C TYR D 548 4.92 55.84 -9.90
N ASP D 549 5.74 56.89 -9.71
CA ASP D 549 7.03 57.02 -10.40
C ASP D 549 6.89 56.92 -11.91
N GLY D 550 5.76 57.40 -12.44
CA GLY D 550 5.51 57.36 -13.87
C GLY D 550 4.87 56.08 -14.36
N HIS D 551 4.78 55.05 -13.53
CA HIS D 551 4.17 53.78 -13.90
C HIS D 551 2.72 53.74 -13.45
N LEU D 552 1.86 53.20 -14.30
CA LEU D 552 0.47 53.01 -13.93
C LEU D 552 0.36 51.89 -12.90
N LEU D 553 -0.24 52.20 -11.75
CA LEU D 553 -0.39 51.19 -10.71
C LEU D 553 -1.48 50.19 -11.07
N GLU D 554 -1.22 48.91 -10.79
CA GLU D 554 -2.24 47.87 -10.86
C GLU D 554 -2.89 47.61 -9.51
N SER D 555 -2.10 47.59 -8.45
CA SER D 555 -2.62 47.43 -7.11
C SER D 555 -1.66 48.08 -6.13
N GLU D 556 -2.22 48.64 -5.06
CA GLU D 556 -1.44 49.14 -3.94
C GLU D 556 -2.12 48.68 -2.66
N THR D 557 -1.31 48.33 -1.67
CA THR D 557 -1.82 47.88 -0.38
C THR D 557 -0.70 48.07 0.65
N TYR D 558 -0.83 47.39 1.79
CA TYR D 558 0.16 47.47 2.85
C TYR D 558 0.65 46.09 3.22
N VAL D 559 1.88 46.02 3.75
CA VAL D 559 2.41 44.76 4.26
C VAL D 559 1.54 44.31 5.43
N GLY D 560 0.85 43.17 5.24
CA GLY D 560 -0.08 42.68 6.23
C GLY D 560 0.58 41.96 7.40
N GLY D 561 0.03 40.79 7.77
CA GLY D 561 0.56 40.07 8.90
C GLY D 561 1.79 39.27 8.57
N HIS D 562 2.56 38.95 9.61
CA HIS D 562 3.82 38.24 9.49
C HIS D 562 3.60 36.76 9.77
N VAL D 563 4.00 35.90 8.84
CA VAL D 563 3.90 34.45 8.98
C VAL D 563 5.28 33.84 8.79
N GLU D 564 5.57 32.79 9.56
CA GLU D 564 6.88 32.17 9.53
C GLU D 564 6.74 30.67 9.81
N SER D 565 7.23 29.85 8.88
CA SER D 565 7.36 28.41 9.13
C SER D 565 8.77 28.14 9.62
N LEU D 566 8.89 27.65 10.85
CA LEU D 566 10.19 27.52 11.49
C LEU D 566 10.68 26.08 11.61
N GLU D 567 9.78 25.14 11.90
CA GLU D 567 10.15 23.74 12.03
C GLU D 567 9.01 22.88 11.52
N ALA D 568 9.35 21.67 11.11
CA ALA D 568 8.39 20.67 10.68
C ALA D 568 8.73 19.34 11.34
N GLY D 569 7.78 18.43 11.31
CA GLY D 569 7.94 17.10 11.88
C GLY D 569 6.90 16.84 12.95
N VAL D 570 7.18 15.80 13.75
CA VAL D 570 6.29 15.38 14.82
C VAL D 570 6.88 15.84 16.15
N PHE D 571 6.00 16.30 17.04
CA PHE D 571 6.40 16.74 18.38
C PHE D 571 5.35 16.21 19.35
N ARG D 572 5.82 15.48 20.36
CA ARG D 572 4.95 14.73 21.25
C ARG D 572 5.46 14.82 22.67
N SER D 573 4.52 14.87 23.63
CA SER D 573 4.85 14.96 25.04
C SER D 573 5.35 13.64 25.63
N ASP D 574 5.53 12.61 24.81
CA ASP D 574 6.17 11.37 25.24
C ASP D 574 7.50 11.13 24.57
N LEU D 575 7.91 12.01 23.65
CA LEU D 575 9.18 11.92 22.95
C LEU D 575 10.02 13.14 23.28
N LYS D 576 11.29 12.91 23.60
CA LYS D 576 12.17 13.99 24.04
C LYS D 576 12.72 14.77 22.86
N ASN D 577 13.04 16.04 23.10
CA ASN D 577 13.56 16.94 22.08
C ASN D 577 14.83 17.64 22.59
N GLU D 578 15.66 18.06 21.64
CA GLU D 578 16.91 18.73 21.94
C GLU D 578 16.67 20.23 22.06
N PHE D 579 17.23 20.83 23.12
CA PHE D 579 17.06 22.25 23.40
C PHE D 579 18.42 22.91 23.60
N LYS D 580 18.55 24.14 23.10
CA LYS D 580 19.74 24.96 23.29
C LYS D 580 19.29 26.28 23.89
N ILE D 581 19.36 26.40 25.21
CA ILE D 581 18.87 27.58 25.91
C ILE D 581 20.01 28.58 26.06
N ASP D 582 19.72 29.83 25.72
CA ASP D 582 20.66 30.94 25.85
C ASP D 582 20.66 31.42 27.29
N PRO D 583 21.74 31.21 28.05
CA PRO D 583 21.74 31.64 29.45
C PRO D 583 21.56 33.14 29.59
N SER D 584 22.04 33.94 28.64
CA SER D 584 21.85 35.38 28.70
C SER D 584 20.37 35.71 28.85
N ALA D 585 19.50 34.94 28.21
CA ALA D 585 18.07 35.19 28.30
C ALA D 585 17.52 34.87 29.68
N ILE D 586 17.96 33.75 30.27
CA ILE D 586 17.51 33.39 31.61
C ILE D 586 17.85 34.50 32.60
N ASP D 587 18.97 35.19 32.39
CA ASP D 587 19.32 36.33 33.22
C ASP D 587 18.25 37.42 33.13
N GLU D 588 17.92 37.83 31.91
CA GLU D 588 16.88 38.85 31.71
C GLU D 588 15.59 38.44 32.39
N LEU D 589 15.18 37.18 32.24
CA LEU D 589 13.96 36.70 32.89
C LEU D 589 14.06 36.81 34.40
N LEU D 590 15.14 36.31 34.99
CA LEU D 590 15.33 36.40 36.44
C LEU D 590 15.37 37.85 36.90
N GLN D 591 15.95 38.72 36.07
CA GLN D 591 15.99 40.16 36.39
C GLN D 591 14.57 40.69 36.34
N GLU D 592 13.71 40.12 35.50
CA GLU D 592 12.35 40.66 35.32
C GLU D 592 11.33 39.86 36.14
N LEU D 593 11.72 38.73 36.71
CA LEU D 593 10.72 37.86 37.40
C LEU D 593 9.93 38.69 38.41
N PRO D 594 10.54 39.62 39.17
CA PRO D 594 9.81 40.39 40.19
C PRO D 594 8.70 41.30 39.65
N GLU D 595 9.07 42.25 38.79
CA GLU D 595 8.07 43.19 38.24
C GLU D 595 7.03 42.35 37.48
N ALA D 596 7.48 41.46 36.61
CA ALA D 596 6.56 40.69 35.76
C ALA D 596 5.58 39.87 36.62
N LEU D 597 6.08 39.22 37.66
CA LEU D 597 5.20 38.38 38.53
C LEU D 597 4.21 39.29 39.26
N LYS D 598 4.51 40.59 39.36
CA LYS D 598 3.54 41.54 39.94
C LYS D 598 2.61 42.02 38.82
N PHE D 599 3.16 42.44 37.70
CA PHE D 599 2.30 42.80 36.55
C PHE D 599 1.23 41.72 36.44
N SER D 600 1.61 40.48 36.76
CA SER D 600 0.63 39.40 36.62
C SER D 600 -0.49 39.53 37.65
N VAL D 601 -0.14 39.75 38.91
CA VAL D 601 -1.17 39.92 39.92
C VAL D 601 -1.84 41.28 39.79
N GLU D 602 -1.08 42.31 39.39
CA GLU D 602 -1.62 43.66 39.42
C GLU D 602 -2.43 43.98 38.16
N VAL D 603 -1.94 43.58 37.00
CA VAL D 603 -2.60 43.93 35.76
C VAL D 603 -3.39 42.74 35.24
N GLU D 604 -2.72 41.59 35.08
CA GLU D 604 -3.37 40.43 34.45
C GLU D 604 -4.53 39.94 35.29
N ASN D 605 -4.29 39.63 36.56
CA ASN D 605 -5.36 39.15 37.43
C ASN D 605 -6.01 40.27 38.23
N LYS D 606 -5.54 41.52 38.07
CA LYS D 606 -6.24 42.73 38.50
C LYS D 606 -6.30 42.89 40.03
N SER D 607 -5.16 42.72 40.69
CA SER D 607 -5.12 42.70 42.16
C SER D 607 -3.75 43.17 42.64
N SER D 608 -3.53 43.18 43.96
CA SER D 608 -2.21 43.57 44.45
C SER D 608 -1.65 42.46 45.33
N VAL D 609 -0.32 42.43 45.41
CA VAL D 609 0.35 41.36 46.13
C VAL D 609 -0.02 41.38 47.60
N ASP D 610 -0.41 42.55 48.14
CA ASP D 610 -0.69 42.68 49.57
C ASP D 610 -1.72 41.68 50.06
N LYS D 611 -2.54 41.14 49.15
CA LYS D 611 -3.53 40.13 49.49
C LYS D 611 -3.08 38.72 49.13
N VAL D 612 -1.92 38.55 48.51
CA VAL D 612 -1.42 37.24 48.13
C VAL D 612 -0.35 36.80 49.12
N THR D 613 -0.40 35.52 49.51
CA THR D 613 0.56 34.94 50.45
C THR D 613 1.79 34.41 49.74
N ASN D 614 1.62 33.53 48.76
CA ASN D 614 2.74 32.83 48.13
C ASN D 614 3.36 33.65 47.00
N PHE D 615 3.73 34.90 47.30
CA PHE D 615 4.51 35.68 46.34
C PHE D 615 6.00 35.36 46.41
N GLU D 616 6.40 34.46 47.30
CA GLU D 616 7.78 34.02 47.39
C GLU D 616 7.94 32.53 47.11
N GLU D 617 7.07 31.70 47.69
CA GLU D 617 7.07 30.26 47.40
C GLU D 617 6.98 30.01 45.90
N ILE D 618 6.06 30.70 45.23
CA ILE D 618 5.97 30.62 43.78
C ILE D 618 7.18 31.29 43.14
N LYS D 619 7.59 32.44 43.65
CA LYS D 619 8.70 33.19 43.08
C LYS D 619 9.98 32.36 43.07
N ASN D 620 10.27 31.69 44.19
CA ASN D 620 11.46 30.84 44.23
C ASN D 620 11.26 29.53 43.48
N GLN D 621 10.03 29.01 43.46
CA GLN D 621 9.76 27.81 42.68
C GLN D 621 10.10 28.01 41.21
N ILE D 622 9.77 29.18 40.66
CA ILE D 622 10.19 29.53 39.31
C ILE D 622 11.70 29.73 39.26
N THR D 623 12.24 30.46 40.25
CA THR D 623 13.66 30.78 40.28
C THR D 623 14.53 29.53 40.20
N GLN D 624 14.17 28.50 40.97
CA GLN D 624 14.94 27.26 40.99
C GLN D 624 15.00 26.62 39.62
N LYS D 625 13.85 26.55 38.93
CA LYS D 625 13.83 25.99 37.58
C LYS D 625 14.59 26.90 36.61
N LEU D 626 14.43 28.22 36.75
CA LEU D 626 15.18 29.15 35.92
C LEU D 626 16.68 28.98 36.09
N LEU D 627 17.13 28.77 37.33
CA LEU D 627 18.56 28.67 37.59
C LEU D 627 19.15 27.39 36.98
N GLU D 628 18.43 26.27 37.10
CA GLU D 628 18.94 25.01 36.58
C GLU D 628 19.23 25.11 35.09
N LEU D 629 18.35 25.79 34.35
CA LEU D 629 18.58 25.96 32.91
C LEU D 629 19.78 26.85 32.65
N LYS D 630 20.06 27.80 33.54
CA LYS D 630 21.22 28.66 33.37
C LYS D 630 22.52 27.87 33.43
N GLU D 631 22.53 26.76 34.17
CA GLU D 631 23.69 25.88 34.24
C GLU D 631 23.67 24.84 33.15
N ASN D 632 22.52 24.19 32.93
CA ASN D 632 22.37 23.17 31.90
C ASN D 632 21.75 23.83 30.66
N ASN D 633 22.62 24.50 29.90
CA ASN D 633 22.18 25.16 28.66
C ASN D 633 21.76 24.15 27.61
N ILE D 634 22.37 22.96 27.61
CA ILE D 634 22.14 21.94 26.60
C ILE D 634 21.35 20.81 27.25
N ARG D 635 20.12 20.61 26.78
CA ARG D 635 19.23 19.63 27.38
C ARG D 635 18.48 18.87 26.28
N ASN D 636 18.17 17.61 26.58
CA ASN D 636 17.43 16.71 25.69
C ASN D 636 16.34 16.03 26.52
N GLU D 637 15.23 16.74 26.72
CA GLU D 637 14.17 16.29 27.61
C GLU D 637 12.83 16.36 26.88
N LEU D 638 11.78 15.96 27.60
CA LEU D 638 10.43 16.01 27.05
C LEU D 638 10.04 17.45 26.75
N PRO D 639 9.07 17.66 25.85
CA PRO D 639 8.72 19.03 25.47
C PRO D 639 7.42 19.49 26.09
N LEU D 640 7.13 20.78 25.92
CA LEU D 640 5.87 21.39 26.36
C LEU D 640 5.28 22.10 25.14
N ILE D 641 4.28 21.48 24.53
CA ILE D 641 3.68 21.98 23.28
C ILE D 641 2.68 23.06 23.65
N TYR D 642 3.11 24.32 23.61
CA TYR D 642 2.30 25.45 24.04
C TYR D 642 2.00 26.36 22.85
N HIS D 643 1.00 27.22 23.03
CA HIS D 643 0.56 28.16 22.00
C HIS D 643 0.18 29.47 22.67
N VAL D 644 0.74 30.58 22.18
CA VAL D 644 0.47 31.91 22.72
C VAL D 644 -0.04 32.79 21.58
N ASP D 645 -1.08 33.56 21.88
CA ASP D 645 -1.74 34.38 20.87
C ASP D 645 -2.30 35.62 21.54
N VAL D 646 -2.13 36.77 20.88
CA VAL D 646 -2.69 38.02 21.39
C VAL D 646 -4.20 37.99 21.22
N ALA D 647 -4.92 38.32 22.29
CA ALA D 647 -6.37 38.33 22.25
C ALA D 647 -6.86 39.61 21.59
N SER D 648 -7.72 39.45 20.57
CA SER D 648 -8.24 40.58 19.80
C SER D 648 -7.10 41.52 19.39
N GLY D 649 -6.10 40.95 18.74
CA GLY D 649 -4.85 41.62 18.46
C GLY D 649 -4.97 42.96 17.75
N TYR D 650 -5.43 42.92 16.50
CA TYR D 650 -5.58 44.15 15.74
C TYR D 650 -6.52 45.15 16.41
N PRO D 651 -7.67 44.75 16.97
CA PRO D 651 -8.46 45.72 17.73
C PRO D 651 -7.69 46.36 18.88
N ASN D 652 -7.07 45.54 19.74
CA ASN D 652 -6.33 46.09 20.86
C ASN D 652 -5.11 46.88 20.44
N ILE D 653 -4.59 46.66 19.22
CA ILE D 653 -3.52 47.51 18.73
C ILE D 653 -4.05 48.90 18.40
N MET D 654 -5.22 48.95 17.75
CA MET D 654 -5.83 50.24 17.44
C MET D 654 -6.18 51.01 18.70
N THR D 655 -6.86 50.36 19.64
CA THR D 655 -7.29 51.04 20.86
C THR D 655 -6.09 51.47 21.70
N THR D 656 -5.07 50.63 21.77
CA THR D 656 -3.89 50.97 22.56
C THR D 656 -3.17 52.19 21.99
N ASN D 657 -3.29 52.42 20.68
CA ASN D 657 -2.60 53.53 20.03
C ASN D 657 -3.54 54.63 19.56
N ARG D 658 -4.77 54.66 20.06
CA ARG D 658 -5.78 55.66 19.63
C ARG D 658 -5.85 55.77 18.12
N LEU D 659 -5.93 54.60 17.47
CA LEU D 659 -5.85 54.52 16.03
C LEU D 659 -7.24 54.63 15.42
N GLN D 660 -7.43 55.59 14.55
CA GLN D 660 -8.69 55.79 13.85
C GLN D 660 -8.42 56.58 12.59
N PRO D 661 -9.29 56.50 11.59
CA PRO D 661 -9.02 57.21 10.33
C PRO D 661 -8.88 58.71 10.49
N ASP D 662 -9.76 59.35 11.26
CA ASP D 662 -9.74 60.84 11.38
C ASP D 662 -8.58 61.28 12.27
N SER D 663 -7.91 60.35 12.95
CA SER D 663 -6.78 60.68 13.86
C SER D 663 -5.46 60.70 13.07
N ILE D 664 -5.49 60.30 11.81
CA ILE D 664 -4.24 60.22 11.00
C ILE D 664 -3.99 61.59 10.38
N LYS D 665 -3.05 62.32 10.96
CA LYS D 665 -2.79 63.68 10.50
C LYS D 665 -1.36 63.82 9.95
N THR D 681 2.95 64.73 23.12
CA THR D 681 3.06 65.83 22.13
C THR D 681 1.85 65.82 21.22
N CYS D 682 0.95 64.84 21.40
CA CYS D 682 -0.31 64.80 20.61
C CYS D 682 -0.01 64.22 19.23
N ALA D 683 1.22 63.75 19.03
CA ALA D 683 1.58 63.18 17.71
C ALA D 683 2.36 61.87 17.93
N ARG D 684 1.65 60.74 17.96
CA ARG D 684 2.35 59.44 18.04
C ARG D 684 2.69 59.06 16.61
N LYS D 685 3.93 59.34 16.19
CA LYS D 685 4.38 58.97 14.82
C LYS D 685 4.58 57.45 14.77
N LEU D 686 3.81 56.79 13.94
CA LEU D 686 3.87 55.34 13.81
C LEU D 686 4.13 54.95 12.36
N LYS D 687 4.89 53.87 12.19
CA LYS D 687 5.36 53.45 10.88
C LYS D 687 4.48 52.36 10.29
N TRP D 688 4.40 52.36 8.95
CA TRP D 688 3.70 51.33 8.19
C TRP D 688 4.47 51.12 6.87
N ALA D 689 3.97 50.22 6.03
CA ALA D 689 4.67 49.82 4.82
C ALA D 689 3.73 49.81 3.63
N TRP D 690 4.10 50.50 2.56
CA TRP D 690 3.34 50.54 1.33
C TRP D 690 3.93 49.58 0.30
N ARG D 691 3.06 48.85 -0.38
CA ARG D 691 3.47 48.01 -1.50
C ARG D 691 2.57 48.32 -2.69
N GLY D 692 3.19 48.63 -3.83
CA GLY D 692 2.45 48.90 -5.05
C GLY D 692 2.91 47.97 -6.16
N GLU D 693 1.97 47.62 -7.04
CA GLU D 693 2.24 46.76 -8.19
C GLU D 693 1.99 47.59 -9.45
N PHE D 694 3.06 47.97 -10.14
CA PHE D 694 2.98 48.88 -11.27
C PHE D 694 3.46 48.21 -12.55
N PHE D 695 2.93 48.67 -13.68
CA PHE D 695 3.38 48.21 -14.98
C PHE D 695 4.82 48.67 -15.22
N PRO D 696 5.63 47.87 -15.90
CA PRO D 696 7.03 48.26 -16.13
C PRO D 696 7.16 49.39 -17.13
N SER D 697 6.13 49.67 -17.93
CA SER D 697 6.19 50.75 -18.91
C SER D 697 6.17 52.10 -18.20
N LYS D 698 6.11 53.18 -18.99
CA LYS D 698 6.03 54.53 -18.49
C LYS D 698 5.10 55.32 -19.38
N MET D 699 4.92 56.61 -19.05
CA MET D 699 3.98 57.43 -19.78
C MET D 699 4.32 57.49 -21.27
N ASP D 700 5.61 57.59 -21.60
CA ASP D 700 6.07 57.55 -22.98
C ASP D 700 5.30 56.50 -23.79
N GLU D 701 5.41 55.24 -23.39
CA GLU D 701 4.76 54.17 -24.14
C GLU D 701 3.25 54.23 -24.00
N TYR D 702 2.75 54.44 -22.76
CA TYR D 702 1.31 54.38 -22.49
C TYR D 702 0.55 55.39 -23.33
N ASN D 703 1.06 56.63 -23.42
CA ASN D 703 0.42 57.63 -24.28
C ASN D 703 0.24 57.11 -25.69
N MET D 704 1.31 56.63 -26.30
CA MET D 704 1.23 56.09 -27.65
C MET D 704 0.45 54.77 -27.68
N ILE D 705 0.54 53.98 -26.61
CA ILE D 705 -0.27 52.78 -26.49
C ILE D 705 -1.76 53.14 -26.57
N LYS D 706 -2.14 54.28 -25.98
CA LYS D 706 -3.50 54.75 -26.10
C LYS D 706 -3.79 55.38 -27.44
N ARG D 707 -2.80 56.05 -28.05
CA ARG D 707 -3.02 56.71 -29.34
C ARG D 707 -3.55 55.75 -30.39
N ALA D 708 -3.08 54.51 -30.37
CA ALA D 708 -3.56 53.52 -31.33
C ALA D 708 -5.02 53.16 -31.05
N LEU D 709 -5.32 52.76 -29.80
CA LEU D 709 -6.71 52.42 -29.44
C LEU D 709 -7.66 53.58 -29.73
N GLN D 710 -7.20 54.82 -29.52
CA GLN D 710 -7.96 55.99 -29.93
C GLN D 710 -8.26 55.97 -31.42
N ASN D 711 -7.23 55.73 -32.25
CA ASN D 711 -7.36 55.64 -33.70
C ASN D 711 -8.09 54.39 -34.17
N GLU D 712 -8.54 53.53 -33.25
CA GLU D 712 -9.34 52.36 -33.56
C GLU D 712 -10.84 52.60 -33.37
N THR D 713 -11.64 51.75 -34.00
CA THR D 713 -13.09 51.78 -33.85
C THR D 713 -13.51 50.75 -32.80
N PHE D 714 -14.73 50.91 -32.31
CA PHE D 714 -15.22 50.07 -31.23
C PHE D 714 -16.72 49.88 -31.36
N PRO D 715 -17.26 48.75 -30.91
CA PRO D 715 -18.69 48.51 -31.01
C PRO D 715 -19.48 49.37 -30.03
N ASN D 716 -20.79 49.39 -30.25
CA ASN D 716 -21.72 50.12 -29.39
C ASN D 716 -22.51 49.14 -28.53
N LYS D 717 -22.72 49.51 -27.27
CA LYS D 717 -23.52 48.71 -26.34
C LYS D 717 -24.91 48.45 -26.91
N LYS D 722 -28.25 53.00 -33.86
CA LYS D 722 -27.95 52.55 -35.21
C LYS D 722 -26.59 53.08 -35.68
N LYS D 723 -25.86 53.72 -34.77
CA LYS D 723 -24.50 54.15 -35.07
C LYS D 723 -23.60 52.95 -35.32
N LYS D 724 -23.66 51.97 -34.41
CA LYS D 724 -22.96 50.69 -34.52
C LYS D 724 -21.45 50.82 -34.37
N VAL D 725 -20.92 52.05 -34.38
CA VAL D 725 -19.50 52.30 -34.20
C VAL D 725 -19.33 53.54 -33.32
N LEU D 726 -18.31 53.52 -32.46
CA LEU D 726 -17.99 54.65 -31.61
C LEU D 726 -16.48 54.75 -31.43
N THR D 727 -16.01 55.98 -31.29
CA THR D 727 -14.56 56.23 -31.13
C THR D 727 -14.16 55.95 -29.69
N PHE D 728 -12.86 55.92 -29.43
CA PHE D 728 -12.35 55.69 -28.09
C PHE D 728 -12.76 56.80 -27.14
N ASP D 729 -12.58 58.06 -27.55
CA ASP D 729 -12.97 59.18 -26.71
C ASP D 729 -14.48 59.29 -26.55
N GLU D 730 -15.25 58.69 -27.45
CA GLU D 730 -16.70 58.61 -27.31
C GLU D 730 -17.14 57.51 -26.38
N LEU D 731 -16.23 56.66 -25.93
CA LEU D 731 -16.54 55.63 -24.95
C LEU D 731 -16.55 56.22 -23.54
N SER D 732 -16.99 55.41 -22.59
CA SER D 732 -16.90 55.81 -21.18
C SER D 732 -15.44 55.78 -20.74
N TYR D 733 -15.11 56.67 -19.79
CA TYR D 733 -13.76 56.69 -19.25
C TYR D 733 -13.36 55.33 -18.70
N ALA D 734 -14.30 54.63 -18.04
CA ALA D 734 -14.00 53.33 -17.46
C ALA D 734 -13.62 52.31 -18.54
N ASP D 735 -14.49 52.13 -19.54
CA ASP D 735 -14.18 51.22 -20.63
C ASP D 735 -12.90 51.63 -21.36
N GLN D 736 -12.59 52.93 -21.36
CA GLN D 736 -11.35 53.41 -21.96
C GLN D 736 -10.13 52.87 -21.23
N VAL D 737 -10.12 52.99 -19.89
CA VAL D 737 -8.97 52.51 -19.12
C VAL D 737 -8.84 51.00 -19.25
N ILE D 738 -9.95 50.29 -19.49
CA ILE D 738 -9.89 48.84 -19.65
C ILE D 738 -9.18 48.47 -20.94
N HIS D 739 -9.57 49.11 -22.05
CA HIS D 739 -8.84 48.93 -23.30
C HIS D 739 -7.38 49.33 -23.13
N ILE D 740 -7.11 50.38 -22.36
CA ILE D 740 -5.74 50.78 -22.08
C ILE D 740 -5.02 49.68 -21.32
N LYS D 741 -5.72 49.03 -20.38
CA LYS D 741 -5.12 47.97 -19.58
C LYS D 741 -4.56 46.87 -20.46
N LYS D 742 -5.41 46.28 -21.30
CA LYS D 742 -4.97 45.20 -22.19
C LYS D 742 -3.78 45.62 -23.04
N ARG D 743 -3.88 46.78 -23.69
CA ARG D 743 -2.78 47.25 -24.52
C ARG D 743 -1.56 47.63 -23.69
N LEU D 744 -1.76 48.05 -22.44
CA LEU D 744 -0.63 48.32 -21.57
C LEU D 744 0.03 47.02 -21.10
N THR D 745 -0.76 45.96 -20.90
CA THR D 745 -0.18 44.66 -20.55
C THR D 745 0.71 44.13 -21.68
N GLU D 746 0.33 44.38 -22.93
CA GLU D 746 1.08 43.84 -24.07
C GLU D 746 2.49 44.42 -24.13
N TYR D 747 2.58 45.74 -24.33
CA TYR D 747 3.89 46.40 -24.45
C TYR D 747 4.79 46.09 -23.26
N SER D 748 4.19 45.81 -22.11
CA SER D 748 4.98 45.40 -20.94
C SER D 748 5.77 44.12 -21.22
N ARG D 749 5.22 43.22 -22.03
CA ARG D 749 5.95 42.01 -22.39
C ARG D 749 6.95 42.26 -23.51
N LYS D 750 6.64 43.17 -24.43
CA LYS D 750 7.47 43.34 -25.62
C LYS D 750 8.84 43.89 -25.28
N VAL D 751 8.90 44.94 -24.44
CA VAL D 751 10.16 45.59 -24.11
C VAL D 751 10.65 45.23 -22.70
N TYR D 752 9.81 44.61 -21.88
CA TYR D 752 10.22 44.30 -20.50
C TYR D 752 10.06 42.82 -20.17
N HIS D 753 9.10 42.14 -20.81
CA HIS D 753 8.69 40.76 -20.51
C HIS D 753 8.07 40.62 -19.13
N ARG D 754 8.04 41.68 -18.34
CA ARG D 754 7.30 41.73 -17.08
C ARG D 754 5.97 42.45 -17.31
N VAL D 755 4.95 42.07 -16.54
CA VAL D 755 3.66 42.76 -16.55
C VAL D 755 3.34 43.47 -15.24
N LYS D 756 4.24 43.44 -14.27
CA LYS D 756 3.94 43.85 -12.90
C LYS D 756 5.26 43.97 -12.17
N VAL D 757 5.45 45.08 -11.46
CA VAL D 757 6.63 45.29 -10.63
C VAL D 757 6.14 45.77 -9.27
N SER D 758 6.71 45.20 -8.20
CA SER D 758 6.33 45.54 -6.85
C SER D 758 7.46 46.32 -6.17
N GLU D 759 7.05 47.31 -5.38
CA GLU D 759 8.04 48.09 -4.59
C GLU D 759 7.44 48.29 -3.20
N ILE D 760 8.26 48.11 -2.16
CA ILE D 760 7.78 48.27 -0.76
C ILE D 760 8.43 49.51 -0.19
N VAL D 761 7.70 50.64 -0.16
CA VAL D 761 8.23 51.90 0.42
C VAL D 761 7.77 52.01 1.87
N GLU D 762 8.71 52.13 2.81
CA GLU D 762 8.35 52.29 4.23
C GLU D 762 7.79 53.70 4.44
N ARG D 763 6.68 53.82 5.16
CA ARG D 763 6.03 55.14 5.33
C ARG D 763 5.73 55.39 6.80
N GLU D 764 5.66 56.66 7.21
CA GLU D 764 5.35 57.02 8.58
C GLU D 764 4.18 58.01 8.59
N ALA D 765 3.29 57.86 9.56
CA ALA D 765 2.12 58.70 9.69
C ALA D 765 2.00 59.21 11.12
N ILE D 766 1.31 60.34 11.25
CA ILE D 766 1.07 60.99 12.54
C ILE D 766 -0.35 60.64 12.99
N VAL D 767 -0.49 60.22 14.23
CA VAL D 767 -1.78 59.88 14.80
C VAL D 767 -2.04 60.82 15.95
N CYS D 768 -2.94 61.79 15.73
CA CYS D 768 -3.35 62.70 16.79
C CYS D 768 -3.87 61.91 17.97
N GLN D 769 -3.30 62.16 19.14
CA GLN D 769 -3.73 61.50 20.37
C GLN D 769 -4.83 62.29 21.07
N ARG D 770 -5.39 63.31 20.42
CA ARG D 770 -6.40 64.17 21.00
C ARG D 770 -7.66 64.28 20.16
N GLU D 771 -7.70 63.65 18.99
CA GLU D 771 -8.86 63.73 18.12
C GLU D 771 -10.05 63.02 18.75
N ASN D 772 -11.25 63.44 18.36
CA ASN D 772 -12.49 62.83 18.83
C ASN D 772 -12.42 61.30 18.67
N PRO D 773 -12.53 60.53 19.77
CA PRO D 773 -12.37 59.07 19.68
C PRO D 773 -13.65 58.30 19.38
N PHE D 774 -14.54 58.80 18.52
CA PHE D 774 -15.77 58.06 18.31
C PHE D 774 -15.52 56.71 17.64
N TYR D 775 -14.43 56.59 16.88
CA TYR D 775 -14.08 55.32 16.26
C TYR D 775 -13.43 54.38 17.28
N VAL D 776 -12.38 54.85 17.96
CA VAL D 776 -11.69 54.02 18.94
C VAL D 776 -12.67 53.49 19.98
N ASP D 777 -13.54 54.36 20.49
CA ASP D 777 -14.48 53.96 21.53
C ASP D 777 -15.49 52.94 21.00
N THR D 778 -15.91 53.09 19.75
CA THR D 778 -16.82 52.12 19.15
C THR D 778 -16.16 50.76 19.05
N VAL D 779 -14.87 50.72 18.69
CA VAL D 779 -14.14 49.46 18.64
C VAL D 779 -13.95 48.90 20.04
N LYS D 780 -13.60 49.75 21.00
CA LYS D 780 -13.45 49.32 22.40
C LYS D 780 -14.73 48.68 22.90
N SER D 781 -15.87 49.32 22.66
CA SER D 781 -17.13 48.79 23.19
C SER D 781 -17.45 47.42 22.59
N PHE D 782 -17.19 47.23 21.30
CA PHE D 782 -17.47 45.95 20.68
C PHE D 782 -16.45 44.90 21.09
N ARG D 783 -15.21 45.30 21.40
CA ARG D 783 -14.26 44.35 21.95
C ARG D 783 -14.76 43.81 23.29
N ASP D 784 -15.09 44.72 24.21
CA ASP D 784 -15.62 44.30 25.50
C ASP D 784 -16.91 43.52 25.35
N ARG D 785 -17.72 43.87 24.34
CA ARG D 785 -18.90 43.07 24.02
C ARG D 785 -18.52 41.62 23.74
N ARG D 786 -17.47 41.41 22.95
CA ARG D 786 -17.01 40.06 22.65
C ARG D 786 -16.27 39.45 23.84
N TYR D 787 -15.45 40.25 24.53
CA TYR D 787 -14.70 39.74 25.67
C TYR D 787 -15.61 39.09 26.70
N GLU D 788 -16.85 39.56 26.81
CA GLU D 788 -17.77 38.99 27.80
C GLU D 788 -18.07 37.53 27.48
N PHE D 789 -18.43 37.25 26.23
CA PHE D 789 -18.78 35.88 25.86
C PHE D 789 -17.57 34.96 25.89
N LYS D 790 -16.41 35.46 25.44
CA LYS D 790 -15.19 34.66 25.54
C LYS D 790 -14.88 34.31 26.98
N GLY D 791 -15.14 35.23 27.90
CA GLY D 791 -14.89 34.96 29.31
C GLY D 791 -15.88 33.97 29.90
N LEU D 792 -17.15 34.06 29.48
CA LEU D 792 -18.12 33.07 29.90
C LEU D 792 -17.76 31.68 29.39
N ALA D 793 -17.18 31.60 28.19
CA ALA D 793 -16.72 30.32 27.68
C ALA D 793 -15.54 29.79 28.48
N LYS D 794 -14.60 30.67 28.86
CA LYS D 794 -13.51 30.24 29.72
C LYS D 794 -14.00 29.82 31.10
N THR D 795 -14.99 30.55 31.63
CA THR D 795 -15.55 30.20 32.94
C THR D 795 -16.19 28.81 32.89
N TRP D 796 -17.09 28.59 31.93
CA TRP D 796 -17.77 27.31 31.84
C TRP D 796 -16.83 26.18 31.43
N LYS D 797 -15.69 26.49 30.80
CA LYS D 797 -14.67 25.48 30.54
C LYS D 797 -14.13 24.91 31.85
N GLY D 798 -13.83 25.79 32.81
CA GLY D 798 -13.34 25.33 34.09
C GLY D 798 -14.40 24.61 34.91
N ASN D 799 -15.66 25.05 34.80
CA ASN D 799 -16.74 24.38 35.53
C ASN D 799 -16.87 22.93 35.11
N LEU D 800 -16.65 22.65 33.82
CA LEU D 800 -16.76 21.28 33.33
C LEU D 800 -15.74 20.37 34.00
N SER D 801 -14.50 20.82 34.11
CA SER D 801 -13.47 20.02 34.77
C SER D 801 -13.83 19.75 36.22
N LYS D 802 -14.35 20.76 36.93
CA LYS D 802 -14.74 20.58 38.32
C LYS D 802 -15.91 19.63 38.50
N ILE D 803 -16.54 19.19 37.42
CA ILE D 803 -17.63 18.22 37.47
C ILE D 803 -17.03 16.82 37.32
N ASP D 804 -17.44 15.91 38.20
CA ASP D 804 -16.95 14.54 38.12
C ASP D 804 -17.60 13.84 36.92
N PRO D 805 -16.83 13.03 36.18
CA PRO D 805 -17.38 12.41 34.96
C PRO D 805 -18.61 11.54 35.19
N SER D 806 -18.98 11.23 36.44
CA SER D 806 -20.11 10.37 36.68
C SER D 806 -21.44 11.07 36.42
N ASP D 807 -21.49 12.39 36.57
CA ASP D 807 -22.70 13.16 36.32
C ASP D 807 -22.76 13.51 34.84
N LYS D 808 -23.47 12.70 34.07
CA LYS D 808 -23.63 12.99 32.65
C LYS D 808 -24.46 14.25 32.44
N HIS D 809 -25.50 14.45 33.25
CA HIS D 809 -26.39 15.59 33.06
C HIS D 809 -25.63 16.90 33.23
N ALA D 810 -24.84 17.02 34.30
CA ALA D 810 -24.09 18.25 34.53
C ALA D 810 -23.06 18.49 33.44
N ARG D 811 -22.25 17.47 33.14
CA ARG D 811 -21.17 17.64 32.16
C ARG D 811 -21.72 18.01 30.79
N ASP D 812 -22.86 17.45 30.42
CA ASP D 812 -23.44 17.75 29.11
C ASP D 812 -23.88 19.20 29.02
N GLU D 813 -24.59 19.67 30.05
CA GLU D 813 -25.05 21.05 30.05
C GLU D 813 -23.90 22.04 30.10
N ALA D 814 -22.80 21.67 30.76
CA ALA D 814 -21.59 22.48 30.70
C ALA D 814 -21.04 22.52 29.27
N LYS D 815 -20.91 21.34 28.64
CA LYS D 815 -20.46 21.30 27.26
C LYS D 815 -21.40 22.08 26.34
N LYS D 816 -22.69 22.16 26.69
CA LYS D 816 -23.61 22.94 25.88
C LYS D 816 -23.33 24.43 26.00
N MET D 817 -22.99 24.90 27.20
CA MET D 817 -22.64 26.30 27.39
C MET D 817 -21.35 26.64 26.67
N ILE D 818 -20.32 25.80 26.83
CA ILE D 818 -19.03 26.03 26.19
C ILE D 818 -19.21 26.22 24.68
N VAL D 819 -20.04 25.38 24.06
CA VAL D 819 -20.25 25.48 22.63
C VAL D 819 -21.02 26.76 22.27
N LEU D 820 -21.99 27.14 23.11
CA LEU D 820 -22.78 28.33 22.82
C LEU D 820 -21.92 29.59 22.93
N TYR D 821 -21.19 29.72 24.03
CA TYR D 821 -20.42 30.95 24.24
C TYR D 821 -19.22 31.02 23.31
N ASP D 822 -18.62 29.89 22.97
CA ASP D 822 -17.60 29.89 21.93
C ASP D 822 -18.19 30.31 20.60
N SER D 823 -19.45 29.94 20.32
CA SER D 823 -20.11 30.36 19.09
C SER D 823 -20.53 31.82 19.14
N LEU D 824 -20.94 32.32 20.32
CA LEU D 824 -21.33 33.71 20.42
C LEU D 824 -20.12 34.64 20.27
N GLN D 825 -18.99 34.29 20.89
CA GLN D 825 -17.81 35.14 20.76
C GLN D 825 -17.26 35.11 19.35
N LEU D 826 -17.32 33.94 18.69
CA LEU D 826 -16.85 33.85 17.32
C LEU D 826 -17.73 34.66 16.37
N ALA D 827 -19.02 34.78 16.67
CA ALA D 827 -19.89 35.59 15.83
C ALA D 827 -19.63 37.08 16.00
N HIS D 828 -19.05 37.49 17.11
CA HIS D 828 -18.62 38.86 17.33
C HIS D 828 -17.20 39.12 16.83
N LYS D 829 -16.54 38.09 16.29
CA LYS D 829 -15.13 38.22 15.92
C LYS D 829 -14.97 38.91 14.57
N VAL D 830 -15.66 38.43 13.54
CA VAL D 830 -15.51 39.02 12.22
C VAL D 830 -15.99 40.46 12.22
N ILE D 831 -17.11 40.72 12.92
CA ILE D 831 -17.60 42.10 13.01
C ILE D 831 -16.59 42.99 13.72
N LEU D 832 -16.01 42.48 14.82
CA LEU D 832 -14.98 43.24 15.51
C LEU D 832 -13.82 43.57 14.58
N ASN D 833 -13.25 42.54 13.95
CA ASN D 833 -12.13 42.76 13.05
C ASN D 833 -12.54 43.46 11.77
N SER D 834 -13.85 43.53 11.47
CA SER D 834 -14.32 44.35 10.37
C SER D 834 -14.20 45.85 10.67
N PHE D 835 -14.04 46.23 11.94
CA PHE D 835 -13.70 47.62 12.23
C PHE D 835 -12.32 47.96 11.68
N TYR D 836 -11.41 46.99 11.67
CA TYR D 836 -10.08 47.22 11.06
C TYR D 836 -10.20 47.16 9.54
N GLY D 837 -11.09 46.31 9.03
CA GLY D 837 -11.23 46.22 7.59
C GLY D 837 -12.02 47.35 6.96
N TYR D 838 -12.88 48.01 7.74
CA TYR D 838 -13.74 49.06 7.17
C TYR D 838 -12.93 50.19 6.58
N VAL D 839 -11.75 50.48 7.15
CA VAL D 839 -10.95 51.61 6.71
C VAL D 839 -10.32 51.40 5.34
N MET D 840 -10.37 50.18 4.81
CA MET D 840 -10.00 49.90 3.44
C MET D 840 -11.17 49.48 2.58
N ARG D 841 -12.38 49.48 3.13
CA ARG D 841 -13.55 49.03 2.40
C ARG D 841 -13.95 50.07 1.35
N LYS D 842 -14.40 49.58 0.19
CA LYS D 842 -14.91 50.46 -0.84
C LYS D 842 -16.21 51.09 -0.37
N GLY D 843 -16.35 52.40 -0.56
CA GLY D 843 -17.51 53.12 -0.05
C GLY D 843 -17.48 53.39 1.42
N SER D 844 -16.33 53.24 2.06
CA SER D 844 -16.19 53.55 3.48
C SER D 844 -16.34 55.04 3.71
N ARG D 845 -17.06 55.41 4.77
CA ARG D 845 -17.11 56.81 5.16
C ARG D 845 -15.89 57.22 5.98
N TRP D 846 -15.07 56.26 6.40
CA TRP D 846 -13.86 56.56 7.18
C TRP D 846 -12.75 55.66 6.65
N TYR D 847 -12.05 56.15 5.62
CA TYR D 847 -11.02 55.38 4.92
C TYR D 847 -9.64 55.84 5.37
N SER D 848 -8.76 54.88 5.67
CA SER D 848 -7.37 55.20 5.98
C SER D 848 -6.51 53.97 5.70
N MET D 849 -5.85 53.96 4.55
CA MET D 849 -4.84 52.93 4.32
C MET D 849 -3.72 53.01 5.35
N GLU D 850 -3.39 54.24 5.78
CA GLU D 850 -2.32 54.41 6.76
C GLU D 850 -2.65 53.70 8.06
N MET D 851 -3.87 53.89 8.58
CA MET D 851 -4.23 53.28 9.85
C MET D 851 -4.16 51.75 9.77
N ALA D 852 -4.63 51.19 8.66
CA ALA D 852 -4.61 49.72 8.52
C ALA D 852 -3.18 49.19 8.50
N GLY D 853 -2.28 49.88 7.78
CA GLY D 853 -0.90 49.43 7.73
C GLY D 853 -0.20 49.53 9.06
N ILE D 854 -0.43 50.64 9.78
CA ILE D 854 0.17 50.81 11.11
C ILE D 854 -0.25 49.68 12.04
N THR D 855 -1.52 49.30 11.97
CA THR D 855 -1.98 48.15 12.75
C THR D 855 -1.19 46.89 12.40
N CYS D 856 -0.98 46.64 11.10
CA CYS D 856 -0.32 45.41 10.69
C CYS D 856 1.16 45.42 11.07
N LEU D 857 1.85 46.53 10.80
CA LEU D 857 3.28 46.57 11.09
C LEU D 857 3.53 46.47 12.60
N THR D 858 2.65 47.05 13.41
CA THR D 858 2.83 46.98 14.86
C THR D 858 2.65 45.54 15.37
N GLY D 859 1.71 44.81 14.79
CA GLY D 859 1.56 43.40 15.16
C GLY D 859 2.77 42.57 14.79
N ALA D 860 3.38 42.85 13.64
CA ALA D 860 4.57 42.11 13.24
C ALA D 860 5.75 42.41 14.15
N THR D 861 5.85 43.66 14.62
CA THR D 861 6.92 44.01 15.55
C THR D 861 6.73 43.31 16.90
N ILE D 862 5.47 43.16 17.34
CA ILE D 862 5.21 42.54 18.63
C ILE D 862 5.47 41.03 18.56
N ILE D 863 4.96 40.38 17.51
CA ILE D 863 5.10 38.93 17.42
C ILE D 863 6.56 38.53 17.16
N GLN D 864 7.33 39.38 16.48
CA GLN D 864 8.74 39.07 16.27
C GLN D 864 9.51 39.23 17.57
N MET D 865 9.18 40.26 18.36
CA MET D 865 9.77 40.40 19.68
C MET D 865 9.51 39.17 20.52
N ALA D 866 8.29 38.63 20.44
CA ALA D 866 7.97 37.38 21.13
C ALA D 866 8.85 36.24 20.60
N ARG D 867 8.90 36.07 19.28
CA ARG D 867 9.74 35.00 18.72
C ARG D 867 11.18 35.14 19.17
N ALA D 868 11.72 36.36 19.13
CA ALA D 868 13.11 36.58 19.48
C ALA D 868 13.41 36.11 20.90
N LEU D 869 12.40 36.04 21.77
CA LEU D 869 12.61 35.51 23.11
C LEU D 869 12.43 34.00 23.16
N VAL D 870 11.40 33.45 22.48
CA VAL D 870 11.15 32.02 22.55
C VAL D 870 12.32 31.22 21.98
N GLU D 871 12.93 31.70 20.90
CA GLU D 871 14.06 30.98 20.30
C GLU D 871 15.26 30.92 21.24
N ARG D 872 15.37 31.85 22.19
CA ARG D 872 16.47 31.88 23.15
C ARG D 872 16.20 31.04 24.38
N VAL D 873 15.00 30.48 24.52
CA VAL D 873 14.64 29.74 25.72
C VAL D 873 13.96 28.44 25.32
N GLY D 874 13.35 28.42 24.14
CA GLY D 874 12.71 27.22 23.63
C GLY D 874 12.90 27.07 22.12
N ARG D 875 12.00 26.33 21.49
CA ARG D 875 12.04 26.14 20.04
C ARG D 875 10.71 26.57 19.43
N PRO D 876 10.65 27.74 18.80
CA PRO D 876 9.42 28.11 18.07
C PRO D 876 9.24 27.24 16.83
N LEU D 877 7.99 26.89 16.54
CA LEU D 877 7.66 26.01 15.42
C LEU D 877 6.95 26.72 14.29
N GLU D 878 5.90 27.49 14.59
CA GLU D 878 5.16 28.21 13.57
C GLU D 878 4.61 29.51 14.16
N LEU D 879 4.44 30.51 13.30
CA LEU D 879 4.06 31.86 13.71
C LEU D 879 3.15 32.46 12.64
N ASP D 880 2.10 33.16 13.08
CA ASP D 880 1.14 33.74 12.13
C ASP D 880 0.49 34.95 12.79
N THR D 881 0.91 36.16 12.37
CA THR D 881 0.28 37.44 12.67
C THR D 881 0.36 37.87 14.13
N ASP D 882 -0.17 37.04 15.04
CA ASP D 882 -0.15 37.35 16.45
C ASP D 882 0.00 36.12 17.33
N GLY D 883 0.13 34.93 16.75
CA GLY D 883 0.25 33.71 17.52
C GLY D 883 1.52 32.97 17.19
N ILE D 884 2.00 32.18 18.15
CA ILE D 884 3.21 31.38 17.98
C ILE D 884 2.95 30.00 18.56
N TRP D 885 3.29 28.96 17.81
CA TRP D 885 3.32 27.59 18.29
C TRP D 885 4.76 27.23 18.62
N CYS D 886 5.00 26.75 19.83
CA CYS D 886 6.36 26.47 20.27
C CYS D 886 6.40 25.24 21.16
N ILE D 887 7.59 24.66 21.26
CA ILE D 887 7.89 23.66 22.27
C ILE D 887 8.86 24.27 23.27
N LEU D 888 8.62 24.02 24.55
CA LEU D 888 9.46 24.54 25.60
C LEU D 888 10.06 23.40 26.41
N PRO D 889 11.21 23.61 27.03
CA PRO D 889 11.75 22.58 27.93
C PRO D 889 10.71 22.20 28.97
N LYS D 890 10.59 20.89 29.22
CA LYS D 890 9.61 20.40 30.19
C LYS D 890 9.86 20.94 31.59
N SER D 891 11.03 21.51 31.85
CA SER D 891 11.38 22.06 33.14
C SER D 891 11.33 23.58 33.19
N PHE D 892 11.04 24.25 32.06
CA PHE D 892 10.84 25.68 32.11
C PHE D 892 9.64 26.00 33.00
N PRO D 893 9.66 27.11 33.73
CA PRO D 893 8.51 27.48 34.57
C PRO D 893 7.21 27.43 33.79
N GLU D 894 6.19 26.83 34.41
CA GLU D 894 4.96 26.54 33.68
C GLU D 894 3.78 27.31 34.23
N THR D 895 2.98 26.68 35.09
CA THR D 895 1.79 27.28 35.65
C THR D 895 1.84 27.22 37.17
N TYR D 896 1.44 28.32 37.82
CA TYR D 896 1.53 28.44 39.26
C TYR D 896 0.31 29.23 39.75
N PHE D 897 -0.32 28.73 40.81
CA PHE D 897 -1.52 29.34 41.36
C PHE D 897 -1.18 30.11 42.63
N PHE D 898 -1.41 31.43 42.61
CA PHE D 898 -1.27 32.26 43.78
C PHE D 898 -2.46 32.05 44.71
N THR D 899 -2.23 32.24 46.01
CA THR D 899 -3.27 32.10 47.02
C THR D 899 -3.66 33.48 47.54
N LEU D 900 -4.94 33.84 47.39
CA LEU D 900 -5.46 35.11 47.84
C LEU D 900 -5.86 35.01 49.31
N GLU D 901 -5.65 36.11 50.06
CA GLU D 901 -6.02 36.13 51.47
C GLU D 901 -7.50 35.83 51.67
N ASN D 902 -8.33 36.16 50.68
CA ASN D 902 -9.74 35.77 50.68
C ASN D 902 -9.93 34.26 50.63
N GLY D 903 -8.86 33.48 50.44
CA GLY D 903 -8.96 32.06 50.21
C GLY D 903 -9.04 31.66 48.76
N LYS D 904 -9.19 32.62 47.84
CA LYS D 904 -9.30 32.35 46.43
C LYS D 904 -7.92 32.11 45.83
N LYS D 905 -7.88 31.81 44.53
CA LYS D 905 -6.64 31.49 43.84
C LYS D 905 -6.50 32.35 42.59
N LEU D 906 -5.25 32.60 42.20
CA LEU D 906 -4.91 33.34 40.99
C LEU D 906 -4.07 32.46 40.07
N TYR D 907 -4.27 32.61 38.77
CA TYR D 907 -3.62 31.77 37.76
C TYR D 907 -2.44 32.52 37.15
N LEU D 908 -1.26 31.89 37.18
CA LEU D 908 -0.07 32.44 36.57
C LEU D 908 0.54 31.42 35.62
N SER D 909 0.88 31.88 34.42
CA SER D 909 1.60 31.08 33.43
C SER D 909 2.82 31.90 33.04
N TYR D 910 3.98 31.60 33.64
CA TYR D 910 5.19 32.35 33.33
C TYR D 910 5.45 32.48 31.84
N PRO D 911 5.33 31.45 31.00
CA PRO D 911 5.49 31.66 29.55
C PRO D 911 4.65 32.80 29.01
N CYS D 912 3.40 32.92 29.46
CA CYS D 912 2.55 34.01 29.00
C CYS D 912 2.95 35.34 29.62
N SER D 913 3.02 35.39 30.96
CA SER D 913 3.33 36.65 31.64
C SER D 913 4.74 37.12 31.38
N MET D 914 5.69 36.20 31.16
CA MET D 914 7.04 36.61 30.83
C MET D 914 7.08 37.41 29.54
N LEU D 915 6.14 37.15 28.63
CA LEU D 915 6.05 37.93 27.41
C LEU D 915 5.21 39.20 27.63
N ASN D 916 4.02 39.03 28.22
CA ASN D 916 3.11 40.15 28.44
C ASN D 916 3.77 41.28 29.20
N TYR D 917 4.72 40.97 30.08
CA TYR D 917 5.52 42.01 30.70
C TYR D 917 6.33 42.77 29.65
N ARG D 918 7.11 42.04 28.84
CA ARG D 918 7.90 42.69 27.80
C ARG D 918 7.01 43.36 26.75
N VAL D 919 5.78 42.87 26.55
CA VAL D 919 4.86 43.57 25.66
C VAL D 919 4.51 44.94 26.23
N HIS D 920 4.25 45.00 27.54
CA HIS D 920 3.84 46.22 28.21
C HIS D 920 5.03 47.10 28.61
N GLN D 921 6.25 46.65 28.38
CA GLN D 921 7.43 47.48 28.55
C GLN D 921 7.93 48.09 27.26
N LYS D 922 7.54 47.55 26.11
CA LYS D 922 8.06 48.02 24.83
C LYS D 922 6.98 48.54 23.88
N PHE D 923 5.70 48.31 24.16
CA PHE D 923 4.63 48.70 23.24
C PHE D 923 3.46 49.32 23.99
N THR D 924 3.75 50.26 24.90
CA THR D 924 2.72 50.95 25.66
C THR D 924 2.64 52.41 25.21
N ASN D 925 1.42 52.87 24.90
CA ASN D 925 1.21 54.24 24.46
C ASN D 925 1.23 55.16 25.68
N HIS D 926 2.30 55.93 25.82
CA HIS D 926 2.42 56.89 26.90
C HIS D 926 1.90 58.26 26.53
N GLN D 927 1.34 58.41 25.34
CA GLN D 927 0.82 59.69 24.87
C GLN D 927 -0.70 59.71 24.70
N TYR D 928 -1.41 58.71 25.23
CA TYR D 928 -2.87 58.70 25.15
C TYR D 928 -3.46 59.89 25.88
N GLN D 929 -4.33 60.63 25.20
CA GLN D 929 -4.98 61.80 25.78
C GLN D 929 -6.49 61.64 25.71
N GLU D 930 -7.17 62.14 26.75
CA GLU D 930 -8.63 62.17 26.80
C GLU D 930 -9.06 63.51 27.38
N LEU D 931 -10.32 63.86 27.12
CA LEU D 931 -10.87 65.11 27.63
C LEU D 931 -11.18 64.99 29.11
N LYS D 932 -10.61 65.90 29.90
CA LYS D 932 -10.94 66.02 31.32
C LYS D 932 -12.03 67.07 31.55
N ASP D 933 -11.82 68.29 31.06
CA ASP D 933 -12.80 69.37 31.18
C ASP D 933 -13.30 69.74 29.79
N PRO D 934 -14.48 69.26 29.38
CA PRO D 934 -14.95 69.57 28.01
C PRO D 934 -15.39 71.02 27.83
N LEU D 935 -15.80 71.70 28.90
CA LEU D 935 -16.18 73.10 28.77
C LEU D 935 -14.97 73.98 28.51
N ASN D 936 -13.84 73.67 29.14
CA ASN D 936 -12.62 74.45 28.99
C ASN D 936 -11.58 73.74 28.14
N TYR D 937 -11.95 72.66 27.47
CA TYR D 937 -11.10 71.96 26.49
C TYR D 937 -9.74 71.60 27.10
N ILE D 938 -9.79 71.02 28.30
CA ILE D 938 -8.58 70.61 29.02
C ILE D 938 -8.44 69.10 28.87
N TYR D 939 -7.26 68.67 28.42
CA TYR D 939 -6.96 67.26 28.23
C TYR D 939 -5.94 66.80 29.26
N GLU D 940 -5.89 65.48 29.47
CA GLU D 940 -4.88 64.86 30.32
C GLU D 940 -4.25 63.70 29.56
N THR D 941 -2.93 63.61 29.62
CA THR D 941 -2.19 62.54 28.97
C THR D 941 -1.91 61.42 29.96
N HIS D 942 -1.96 60.18 29.49
CA HIS D 942 -1.72 59.04 30.36
C HIS D 942 -1.25 57.87 29.50
N SER D 943 -1.22 56.68 30.09
CA SER D 943 -0.64 55.49 29.48
C SER D 943 -1.73 54.46 29.20
N GLU D 944 -1.60 53.76 28.07
CA GLU D 944 -2.61 52.81 27.63
C GLU D 944 -1.96 51.65 26.90
N ASN D 945 -2.38 50.43 27.26
CA ASN D 945 -1.90 49.23 26.57
C ASN D 945 -2.83 48.08 26.93
N THR D 946 -3.56 47.57 25.95
CA THR D 946 -4.48 46.46 26.13
C THR D 946 -4.06 45.24 25.31
N ILE D 947 -2.75 45.06 25.12
CA ILE D 947 -2.21 43.97 24.29
C ILE D 947 -1.74 42.86 25.21
N PHE D 948 -2.40 41.70 25.13
CA PHE D 948 -2.11 40.58 26.03
C PHE D 948 -2.07 39.28 25.25
N PHE D 949 -0.97 38.54 25.39
CA PHE D 949 -0.92 37.16 24.92
C PHE D 949 -1.79 36.28 25.81
N GLU D 950 -2.41 35.28 25.20
CA GLU D 950 -3.14 34.25 25.92
C GLU D 950 -2.56 32.90 25.54
N VAL D 951 -2.45 32.00 26.52
CA VAL D 951 -1.82 30.71 26.30
C VAL D 951 -2.87 29.62 26.28
N ASP D 952 -2.61 28.58 25.50
CA ASP D 952 -3.40 27.35 25.52
C ASP D 952 -2.46 26.16 25.43
N GLY D 953 -2.84 25.07 26.09
CA GLY D 953 -2.01 23.89 26.16
C GLY D 953 -1.76 23.44 27.57
N PRO D 954 -0.75 22.59 27.77
CA PRO D 954 0.17 22.05 26.77
C PRO D 954 -0.47 20.88 26.02
N TYR D 955 -0.07 20.63 24.78
CA TYR D 955 -0.76 19.67 23.93
C TYR D 955 0.03 18.38 23.79
N LYS D 956 -0.69 17.29 23.53
CA LYS D 956 -0.06 15.98 23.44
C LYS D 956 0.83 15.87 22.20
N ALA D 957 0.37 16.41 21.08
CA ALA D 957 1.12 16.26 19.83
C ALA D 957 0.81 17.41 18.90
N MET D 958 1.81 17.82 18.13
CA MET D 958 1.63 18.76 17.03
C MET D 958 2.46 18.30 15.85
N ILE D 959 1.87 18.31 14.66
CA ILE D 959 2.48 17.76 13.46
C ILE D 959 2.49 18.86 12.39
N LEU D 960 3.68 19.26 11.96
CA LEU D 960 3.81 20.28 10.92
C LEU D 960 4.40 19.67 9.66
N PRO D 961 3.83 19.98 8.49
CA PRO D 961 4.38 19.46 7.23
C PRO D 961 5.50 20.32 6.69
N SER D 962 6.28 19.72 5.79
CA SER D 962 7.36 20.39 5.08
C SER D 962 7.06 20.39 3.59
N SER D 963 7.56 21.40 2.89
CA SER D 963 7.30 21.52 1.46
C SER D 963 8.19 20.56 0.67
N LYS D 964 7.75 20.25 -0.55
CA LYS D 964 8.53 19.41 -1.45
C LYS D 964 9.82 20.09 -1.88
N GLU D 965 9.83 21.42 -1.93
CA GLU D 965 10.98 22.17 -2.39
C GLU D 965 11.92 22.47 -1.23
N GLU D 966 13.23 22.47 -1.54
CA GLU D 966 14.26 22.58 -0.52
C GLU D 966 14.21 23.93 0.17
N GLY D 967 14.35 23.93 1.49
CA GLY D 967 14.33 25.13 2.32
C GLY D 967 12.95 25.70 2.63
N LYS D 968 12.06 25.71 1.64
CA LYS D 968 10.70 26.21 1.85
C LYS D 968 9.97 25.35 2.88
N GLY D 969 9.10 25.99 3.65
CA GLY D 969 8.23 25.32 4.58
C GLY D 969 6.79 25.30 4.11
N ILE D 970 5.89 25.00 5.05
CA ILE D 970 4.46 25.04 4.79
C ILE D 970 3.80 25.81 5.94
N LYS D 971 3.32 27.00 5.64
CA LYS D 971 2.63 27.83 6.63
C LYS D 971 1.15 27.49 6.66
N LYS D 972 0.49 27.89 7.76
CA LYS D 972 -0.96 27.81 7.89
C LYS D 972 -1.47 26.39 7.70
N ARG D 973 -0.69 25.40 8.16
CA ARG D 973 -1.09 24.00 8.05
C ARG D 973 -0.41 23.19 9.13
N TYR D 974 -1.20 22.45 9.90
CA TYR D 974 -0.70 21.53 10.92
C TYR D 974 -1.84 20.76 11.58
N ALA D 975 -1.53 19.92 12.56
CA ALA D 975 -2.55 19.22 13.33
C ALA D 975 -2.06 19.10 14.76
N VAL D 976 -2.95 19.40 15.72
CA VAL D 976 -2.61 19.39 17.14
C VAL D 976 -3.54 18.43 17.86
N PHE D 977 -3.03 17.80 18.93
CA PHE D 977 -3.78 16.84 19.71
C PHE D 977 -3.74 17.19 21.18
N ASN D 978 -4.82 16.85 21.88
CA ASN D 978 -4.95 17.13 23.31
C ASN D 978 -4.45 15.94 24.14
N GLU D 979 -4.36 16.18 25.45
CA GLU D 979 -3.80 15.17 26.35
C GLU D 979 -4.55 13.84 26.27
N ASP D 980 -5.85 13.89 25.97
CA ASP D 980 -6.66 12.68 25.91
C ASP D 980 -6.65 12.02 24.53
N GLY D 981 -6.04 12.65 23.53
CA GLY D 981 -5.95 12.08 22.20
C GLY D 981 -6.93 12.63 21.19
N SER D 982 -7.82 13.54 21.61
CA SER D 982 -8.75 14.17 20.68
C SER D 982 -8.01 15.18 19.80
N LEU D 983 -8.63 15.49 18.66
CA LEU D 983 -8.06 16.45 17.73
C LEU D 983 -8.27 17.85 18.26
N ALA D 984 -7.19 18.53 18.63
CA ALA D 984 -7.28 19.90 19.12
C ALA D 984 -7.50 20.89 17.96
N GLU D 985 -6.55 20.93 17.02
CA GLU D 985 -6.64 21.83 15.87
C GLU D 985 -6.28 21.06 14.61
N LEU D 986 -6.89 21.45 13.50
CA LEU D 986 -6.56 20.92 12.19
C LEU D 986 -6.70 22.05 11.19
N LYS D 987 -5.59 22.58 10.69
CA LYS D 987 -5.58 23.84 9.95
C LYS D 987 -5.12 23.64 8.51
N GLY D 988 -5.86 24.23 7.58
CA GLY D 988 -5.41 24.42 6.21
C GLY D 988 -5.45 23.20 5.30
N PHE D 989 -5.35 22.00 5.88
CA PHE D 989 -5.19 20.79 5.08
C PHE D 989 -6.40 20.57 4.16
N GLU D 990 -6.15 19.80 3.09
CA GLU D 990 -7.20 19.53 2.11
C GLU D 990 -8.40 18.84 2.75
N LEU D 991 -8.19 18.12 3.85
CA LEU D 991 -9.28 17.40 4.51
C LEU D 991 -10.37 18.36 4.97
N LYS D 992 -10.01 19.62 5.25
CA LYS D 992 -10.95 20.60 5.77
C LYS D 992 -11.48 21.55 4.70
N ARG D 993 -10.69 21.87 3.69
CA ARG D 993 -11.15 22.75 2.62
C ARG D 993 -12.31 22.13 1.86
N ARG D 994 -13.14 22.98 1.25
CA ARG D 994 -14.28 22.50 0.51
C ARG D 994 -13.82 21.78 -0.76
N GLY D 995 -14.38 20.60 -1.00
CA GLY D 995 -14.03 19.86 -2.19
C GLY D 995 -12.70 19.16 -2.05
N GLU D 996 -11.80 19.41 -3.01
CA GLU D 996 -10.51 18.72 -3.12
C GLU D 996 -10.68 17.25 -3.44
N LEU D 997 -9.57 16.56 -3.72
CA LEU D 997 -9.60 15.14 -4.06
C LEU D 997 -9.99 14.33 -2.82
N GLN D 998 -11.09 13.57 -2.94
CA GLN D 998 -11.59 12.80 -1.79
C GLN D 998 -10.55 11.83 -1.25
N LEU D 999 -9.70 11.29 -2.13
CA LEU D 999 -8.68 10.34 -1.71
C LEU D 999 -7.68 10.98 -0.76
N ILE D 1000 -7.30 12.23 -1.01
CA ILE D 1000 -6.40 12.92 -0.11
C ILE D 1000 -7.10 13.25 1.20
N LYS D 1001 -8.40 13.56 1.16
CA LYS D 1001 -9.13 13.88 2.38
C LYS D 1001 -9.18 12.68 3.31
N ASN D 1002 -9.59 11.53 2.79
CA ASN D 1002 -9.72 10.33 3.62
C ASN D 1002 -8.36 9.84 4.09
N PHE D 1003 -7.33 9.97 3.25
CA PHE D 1003 -5.98 9.68 3.69
C PHE D 1003 -5.58 10.56 4.86
N GLN D 1004 -5.75 11.87 4.71
CA GLN D 1004 -5.46 12.79 5.81
C GLN D 1004 -6.35 12.51 7.01
N SER D 1005 -7.63 12.19 6.75
CA SER D 1005 -8.54 11.82 7.83
C SER D 1005 -8.04 10.59 8.59
N ASP D 1006 -7.34 9.70 7.91
CA ASP D 1006 -6.88 8.46 8.53
C ASP D 1006 -5.58 8.64 9.30
N ILE D 1007 -4.72 9.55 8.86
CA ILE D 1007 -3.31 9.43 9.22
C ILE D 1007 -2.93 10.26 10.44
N PHE D 1008 -3.56 11.43 10.62
CA PHE D 1008 -3.10 12.34 11.66
C PHE D 1008 -3.23 11.72 13.04
N LYS D 1009 -4.25 10.89 13.27
CA LYS D 1009 -4.37 10.20 14.54
C LYS D 1009 -3.24 9.18 14.74
N VAL D 1010 -2.68 8.64 13.66
CA VAL D 1010 -1.69 7.58 13.75
C VAL D 1010 -0.36 8.10 14.29
N PHE D 1011 -0.12 9.41 14.22
CA PHE D 1011 1.06 10.00 14.83
C PHE D 1011 1.06 9.86 16.35
N LEU D 1012 -0.08 9.50 16.94
CA LEU D 1012 -0.17 9.25 18.38
C LEU D 1012 0.20 7.82 18.74
N GLU D 1013 0.75 7.05 17.80
CA GLU D 1013 1.15 5.68 18.04
C GLU D 1013 2.67 5.57 18.02
N GLY D 1014 3.20 4.58 18.71
CA GLY D 1014 4.62 4.33 18.79
C GLY D 1014 5.19 4.75 20.13
N ASP D 1015 6.47 4.43 20.31
CA ASP D 1015 7.20 4.70 21.54
C ASP D 1015 8.46 5.53 21.35
N THR D 1016 9.06 5.49 20.16
CA THR D 1016 10.15 6.38 19.79
C THR D 1016 9.74 7.16 18.56
N LEU D 1017 10.54 8.18 18.21
CA LEU D 1017 10.28 8.92 16.98
C LEU D 1017 10.40 8.02 15.77
N GLU D 1018 11.33 7.07 15.79
CA GLU D 1018 11.40 6.09 14.71
C GLU D 1018 10.15 5.22 14.68
N GLY D 1019 9.67 4.81 15.85
CA GLY D 1019 8.50 3.94 15.90
C GLY D 1019 7.23 4.65 15.51
N CYS D 1020 7.16 5.96 15.76
CA CYS D 1020 5.98 6.73 15.36
C CYS D 1020 5.82 6.74 13.84
N TYR D 1021 6.87 7.13 13.13
CA TYR D 1021 6.84 7.16 11.67
C TYR D 1021 6.60 5.79 11.06
N SER D 1022 6.88 4.71 11.79
CA SER D 1022 6.62 3.37 11.26
C SER D 1022 5.13 3.07 11.27
N ALA D 1023 4.45 3.37 12.37
CA ALA D 1023 3.01 3.16 12.43
C ALA D 1023 2.27 4.07 11.45
N VAL D 1024 2.81 5.27 11.20
CA VAL D 1024 2.22 6.14 10.19
C VAL D 1024 2.44 5.55 8.79
N ALA D 1025 3.59 4.91 8.56
CA ALA D 1025 3.88 4.38 7.24
C ALA D 1025 3.00 3.19 6.89
N SER D 1026 2.69 2.35 7.87
CA SER D 1026 1.78 1.23 7.62
C SER D 1026 0.44 1.71 7.11
N VAL D 1027 0.00 2.90 7.52
CA VAL D 1027 -1.20 3.48 6.95
C VAL D 1027 -0.94 3.97 5.54
N CYS D 1028 0.23 4.56 5.30
CA CYS D 1028 0.57 5.03 3.97
C CYS D 1028 0.60 3.88 2.96
N ASN D 1029 1.35 2.83 3.30
CA ASN D 1029 1.50 1.72 2.36
C ASN D 1029 0.15 1.07 2.04
N ARG D 1030 -0.76 1.03 3.01
CA ARG D 1030 -2.09 0.50 2.73
C ARG D 1030 -2.81 1.37 1.70
N TRP D 1031 -2.66 2.70 1.81
CA TRP D 1031 -3.27 3.59 0.82
C TRP D 1031 -2.59 3.47 -0.54
N LEU D 1032 -1.25 3.36 -0.56
CA LEU D 1032 -0.56 3.10 -1.81
C LEU D 1032 -1.02 1.78 -2.42
N ASP D 1033 -1.29 0.78 -1.57
CA ASP D 1033 -1.80 -0.50 -2.05
C ASP D 1033 -3.11 -0.32 -2.81
N VAL D 1034 -3.97 0.58 -2.34
CA VAL D 1034 -5.25 0.80 -3.01
C VAL D 1034 -5.03 1.31 -4.42
N LEU D 1035 -4.08 2.24 -4.60
CA LEU D 1035 -3.83 2.81 -5.92
C LEU D 1035 -2.98 1.88 -6.78
N ASP D 1036 -1.98 1.22 -6.19
CA ASP D 1036 -1.14 0.30 -6.96
C ASP D 1036 -1.93 -0.92 -7.43
N SER D 1037 -2.97 -1.31 -6.69
CA SER D 1037 -3.88 -2.35 -7.13
C SER D 1037 -4.91 -1.85 -8.13
N HIS D 1038 -4.85 -0.57 -8.51
CA HIS D 1038 -5.80 0.03 -9.45
C HIS D 1038 -7.24 -0.13 -8.97
N GLY D 1039 -7.45 -0.02 -7.65
CA GLY D 1039 -8.78 -0.06 -7.09
C GLY D 1039 -9.47 -1.41 -7.17
N LEU D 1040 -8.72 -2.51 -7.32
CA LEU D 1040 -9.34 -3.82 -7.36
C LEU D 1040 -9.82 -4.27 -5.99
N MET D 1041 -9.19 -3.77 -4.92
CA MET D 1041 -9.58 -4.10 -3.56
C MET D 1041 -10.80 -3.31 -3.08
N LEU D 1042 -11.32 -2.40 -3.89
CA LEU D 1042 -12.44 -1.54 -3.50
C LEU D 1042 -13.70 -1.96 -4.25
N GLU D 1043 -14.83 -1.91 -3.54
CA GLU D 1043 -16.11 -2.10 -4.20
C GLU D 1043 -16.41 -0.89 -5.09
N ASP D 1044 -17.33 -1.10 -6.04
CA ASP D 1044 -17.55 -0.11 -7.10
C ASP D 1044 -17.90 1.26 -6.53
N GLU D 1045 -18.84 1.31 -5.59
CA GLU D 1045 -19.28 2.60 -5.06
C GLU D 1045 -18.19 3.26 -4.22
N ASP D 1046 -17.42 2.46 -3.48
CA ASP D 1046 -16.34 3.03 -2.66
C ASP D 1046 -15.25 3.63 -3.53
N LEU D 1047 -15.05 3.10 -4.73
CA LEU D 1047 -14.01 3.63 -5.60
C LEU D 1047 -14.43 4.95 -6.25
N VAL D 1048 -15.67 5.03 -6.74
CA VAL D 1048 -16.12 6.24 -7.43
C VAL D 1048 -16.24 7.41 -6.45
N SER D 1049 -16.53 7.13 -5.18
CA SER D 1049 -16.58 8.19 -4.17
C SER D 1049 -15.20 8.64 -3.71
N LEU D 1050 -14.19 7.79 -3.83
CA LEU D 1050 -12.85 8.06 -3.32
C LEU D 1050 -11.99 8.82 -4.32
N ILE D 1051 -12.11 8.49 -5.61
CA ILE D 1051 -11.31 9.15 -6.65
C ILE D 1051 -11.96 10.43 -7.16
N CYS D 1052 -13.17 10.74 -6.72
CA CYS D 1052 -13.85 11.94 -7.18
C CYS D 1052 -13.23 13.20 -6.59
N GLU D 1053 -13.08 14.22 -7.42
CA GLU D 1053 -12.72 15.56 -6.97
C GLU D 1053 -13.88 16.50 -7.25
N ASN D 1054 -14.24 17.31 -6.25
CA ASN D 1054 -15.34 18.26 -6.34
C ASN D 1054 -14.75 19.66 -6.22
N ARG D 1055 -15.00 20.49 -7.24
CA ARG D 1055 -14.56 21.88 -7.23
C ARG D 1055 -15.72 22.75 -7.67
N SER D 1056 -16.02 23.80 -6.89
CA SER D 1056 -17.11 24.70 -7.19
C SER D 1056 -16.66 25.82 -8.13
N MET D 1057 -17.58 26.27 -8.96
CA MET D 1057 -17.38 27.40 -9.86
C MET D 1057 -18.03 28.63 -9.25
N SER D 1058 -17.22 29.62 -8.87
CA SER D 1058 -17.74 30.87 -8.24
C SER D 1058 -18.76 31.54 -9.17
N LYS D 1059 -18.56 31.41 -10.47
CA LYS D 1059 -19.43 32.12 -11.43
C LYS D 1059 -20.07 31.11 -12.38
N THR D 1060 -20.40 31.55 -13.59
CA THR D 1060 -20.98 30.64 -14.61
C THR D 1060 -19.91 30.36 -15.67
N LEU D 1061 -20.07 29.30 -16.46
CA LEU D 1061 -19.05 28.89 -17.45
C LEU D 1061 -18.75 30.03 -18.42
N LYS D 1062 -19.77 30.80 -18.77
CA LYS D 1062 -19.59 31.91 -19.75
C LYS D 1062 -18.60 32.94 -19.23
N GLU D 1063 -18.53 33.13 -17.92
CA GLU D 1063 -17.65 34.21 -17.38
C GLU D 1063 -16.21 33.71 -17.28
N TYR D 1064 -15.97 32.43 -17.56
CA TYR D 1064 -14.64 31.86 -17.46
C TYR D 1064 -13.96 31.74 -18.82
N GLU D 1065 -14.44 32.49 -19.83
CA GLU D 1065 -13.93 32.33 -21.17
C GLU D 1065 -12.45 32.65 -21.25
N GLY D 1066 -11.76 31.97 -22.16
CA GLY D 1066 -10.32 32.15 -22.29
C GLY D 1066 -9.51 31.56 -21.16
N GLN D 1067 -10.10 30.69 -20.36
CA GLN D 1067 -9.43 30.08 -19.22
C GLN D 1067 -9.54 28.58 -19.29
N LYS D 1068 -8.53 27.90 -18.75
CA LYS D 1068 -8.49 26.44 -18.71
C LYS D 1068 -8.44 25.96 -17.28
N SER D 1069 -9.24 24.94 -16.97
CA SER D 1069 -9.27 24.35 -15.64
C SER D 1069 -10.02 23.04 -15.72
N THR D 1070 -9.82 22.19 -14.70
CA THR D 1070 -10.58 20.95 -14.62
C THR D 1070 -12.07 21.22 -14.41
N SER D 1071 -12.39 22.26 -13.64
CA SER D 1071 -13.79 22.59 -13.38
C SER D 1071 -14.49 23.10 -14.62
N ILE D 1072 -13.83 23.96 -15.39
CA ILE D 1072 -14.42 24.49 -16.61
C ILE D 1072 -14.68 23.37 -17.60
N THR D 1073 -13.76 22.40 -17.68
CA THR D 1073 -13.96 21.25 -18.57
C THR D 1073 -15.09 20.37 -18.07
N THR D 1074 -15.15 20.12 -16.77
CA THR D 1074 -16.25 19.33 -16.24
C THR D 1074 -17.59 20.04 -16.43
N ALA D 1075 -17.60 21.38 -16.28
CA ALA D 1075 -18.83 22.13 -16.50
C ALA D 1075 -19.27 22.06 -17.96
N ARG D 1076 -18.32 22.22 -18.90
CA ARG D 1076 -18.65 22.16 -20.31
C ARG D 1076 -19.22 20.80 -20.69
N ARG D 1077 -18.62 19.73 -20.17
CA ARG D 1077 -19.06 18.39 -20.55
C ARG D 1077 -20.35 18.01 -19.84
N LEU D 1078 -20.62 18.60 -18.68
CA LEU D 1078 -21.92 18.42 -18.04
C LEU D 1078 -23.03 19.04 -18.89
N GLY D 1079 -22.74 20.18 -19.53
CA GLY D 1079 -23.73 20.80 -20.40
C GLY D 1079 -23.97 20.02 -21.68
N ASP D 1080 -22.88 19.49 -22.25
CA ASP D 1080 -22.98 18.72 -23.51
C ASP D 1080 -23.76 17.43 -23.26
N PHE D 1081 -23.66 16.86 -22.06
CA PHE D 1081 -24.30 15.54 -21.80
C PHE D 1081 -25.67 15.68 -21.16
N LEU D 1082 -25.85 16.61 -20.20
CA LEU D 1082 -27.14 16.65 -19.45
C LEU D 1082 -27.90 17.96 -19.69
N GLY D 1083 -27.49 18.79 -20.64
CA GLY D 1083 -28.30 19.98 -20.94
C GLY D 1083 -27.58 21.28 -20.69
N GLU D 1084 -27.75 22.28 -21.56
CA GLU D 1084 -27.13 23.57 -21.29
C GLU D 1084 -27.69 24.23 -20.05
N ASP D 1085 -28.91 23.89 -19.64
CA ASP D 1085 -29.48 24.46 -18.42
C ASP D 1085 -28.76 24.00 -17.16
N MET D 1086 -27.79 23.10 -17.29
CA MET D 1086 -27.03 22.62 -16.14
C MET D 1086 -25.98 23.63 -15.69
N VAL D 1087 -25.48 24.45 -16.61
CA VAL D 1087 -24.42 25.41 -16.32
C VAL D 1087 -24.96 26.83 -16.28
N LYS D 1088 -26.25 27.01 -16.00
CA LYS D 1088 -26.85 28.33 -16.05
C LYS D 1088 -26.62 29.12 -14.78
N ASP D 1089 -26.44 28.44 -13.64
CA ASP D 1089 -26.36 29.10 -12.35
C ASP D 1089 -24.94 29.10 -11.80
N LYS D 1090 -24.71 29.98 -10.83
CA LYS D 1090 -23.42 30.06 -10.17
C LYS D 1090 -23.26 28.90 -9.19
N GLY D 1091 -22.02 28.63 -8.82
CA GLY D 1091 -21.74 27.69 -7.75
C GLY D 1091 -21.87 26.23 -8.11
N LEU D 1092 -21.80 25.88 -9.40
CA LEU D 1092 -21.93 24.50 -9.82
C LEU D 1092 -20.79 23.65 -9.26
N GLN D 1093 -21.15 22.59 -8.55
CA GLN D 1093 -20.18 21.65 -8.00
C GLN D 1093 -19.77 20.67 -9.10
N CYS D 1094 -18.53 20.77 -9.56
CA CYS D 1094 -18.03 19.97 -10.68
C CYS D 1094 -17.34 18.74 -10.14
N LYS D 1095 -18.05 17.60 -10.17
CA LYS D 1095 -17.51 16.33 -9.70
C LYS D 1095 -16.93 15.58 -10.88
N TYR D 1096 -15.62 15.33 -10.86
CA TYR D 1096 -14.94 14.76 -12.01
C TYR D 1096 -13.87 13.77 -11.57
N ILE D 1097 -13.44 12.94 -12.54
CA ILE D 1097 -12.23 12.12 -12.44
C ILE D 1097 -11.37 12.41 -13.66
N ILE D 1098 -10.08 12.09 -13.54
CA ILE D 1098 -9.12 12.33 -14.61
C ILE D 1098 -8.91 11.04 -15.39
N SER D 1099 -9.02 11.11 -16.70
CA SER D 1099 -8.85 9.95 -17.56
C SER D 1099 -7.41 9.88 -18.08
N SER D 1100 -7.01 8.67 -18.46
CA SER D 1100 -5.67 8.47 -19.03
C SER D 1100 -5.64 8.93 -20.49
N LYS D 1101 -6.74 8.70 -21.22
CA LYS D 1101 -6.91 9.15 -22.58
C LYS D 1101 -7.80 10.38 -22.64
N PRO D 1102 -7.56 11.30 -23.59
CA PRO D 1102 -6.53 11.28 -24.63
C PRO D 1102 -5.11 11.35 -24.06
N PHE D 1103 -4.30 10.33 -24.33
CA PHE D 1103 -2.89 10.39 -24.00
C PHE D 1103 -2.25 11.64 -24.63
N ASN D 1104 -1.15 12.09 -24.03
CA ASN D 1104 -0.41 13.27 -24.47
C ASN D 1104 -1.22 14.56 -24.37
N ALA D 1105 -2.34 14.55 -23.64
CA ALA D 1105 -3.17 15.73 -23.54
C ALA D 1105 -3.11 16.30 -22.13
N PRO D 1106 -3.24 17.62 -21.98
CA PRO D 1106 -3.15 18.23 -20.66
C PRO D 1106 -4.22 17.70 -19.72
N VAL D 1107 -3.99 17.89 -18.42
CA VAL D 1107 -4.92 17.37 -17.42
C VAL D 1107 -6.29 18.01 -17.55
N THR D 1108 -6.34 19.33 -17.78
CA THR D 1108 -7.61 20.03 -17.85
C THR D 1108 -8.47 19.56 -19.01
N GLU D 1109 -7.90 18.80 -19.95
CA GLU D 1109 -8.67 18.27 -21.07
C GLU D 1109 -9.17 16.85 -20.83
N ARG D 1110 -8.77 16.21 -19.74
CA ARG D 1110 -9.13 14.84 -19.45
C ARG D 1110 -10.04 14.73 -18.23
N ALA D 1111 -10.84 15.77 -17.97
CA ALA D 1111 -11.71 15.82 -16.80
C ALA D 1111 -13.08 15.27 -17.17
N ILE D 1112 -13.41 14.11 -16.64
CA ILE D 1112 -14.64 13.40 -16.97
C ILE D 1112 -15.66 13.68 -15.87
N PRO D 1113 -16.84 14.21 -16.18
CA PRO D 1113 -17.90 14.31 -15.16
C PRO D 1113 -18.30 12.93 -14.68
N VAL D 1114 -18.22 12.72 -13.36
CA VAL D 1114 -18.56 11.42 -12.78
C VAL D 1114 -19.99 11.02 -13.11
N ALA D 1115 -20.85 12.01 -13.35
CA ALA D 1115 -22.26 11.73 -13.66
C ALA D 1115 -22.44 10.91 -14.93
N ILE D 1116 -21.46 10.92 -15.84
CA ILE D 1116 -21.58 10.13 -17.06
C ILE D 1116 -21.60 8.63 -16.74
N PHE D 1117 -20.92 8.22 -15.67
CA PHE D 1117 -20.82 6.82 -15.31
C PHE D 1117 -22.10 6.29 -14.67
N SER D 1118 -23.12 7.12 -14.50
CA SER D 1118 -24.41 6.69 -13.98
C SER D 1118 -25.53 6.84 -14.99
N ALA D 1119 -25.20 7.11 -16.25
CA ALA D 1119 -26.19 7.20 -17.31
C ALA D 1119 -26.46 5.82 -17.90
N ASP D 1120 -27.49 5.74 -18.75
CA ASP D 1120 -27.73 4.52 -19.50
C ASP D 1120 -26.53 4.21 -20.38
N ILE D 1121 -26.31 2.91 -20.62
CA ILE D 1121 -25.12 2.48 -21.35
C ILE D 1121 -24.93 3.24 -22.66
N PRO D 1122 -25.94 3.41 -23.52
CA PRO D 1122 -25.71 4.17 -24.77
C PRO D 1122 -25.12 5.56 -24.57
N ILE D 1123 -25.74 6.38 -23.71
CA ILE D 1123 -25.23 7.74 -23.51
C ILE D 1123 -23.82 7.69 -22.92
N LYS D 1124 -23.58 6.75 -22.00
CA LYS D 1124 -22.22 6.51 -21.53
C LYS D 1124 -21.28 6.33 -22.73
N ARG D 1125 -21.52 5.28 -23.53
CA ARG D 1125 -20.67 4.95 -24.67
C ARG D 1125 -20.28 6.19 -25.48
N SER D 1126 -21.27 6.93 -25.96
CA SER D 1126 -21.00 8.02 -26.89
C SER D 1126 -20.07 9.07 -26.29
N PHE D 1127 -20.38 9.56 -25.09
CA PHE D 1127 -19.62 10.67 -24.55
C PHE D 1127 -18.24 10.22 -24.07
N LEU D 1128 -18.13 9.00 -23.53
CA LEU D 1128 -16.81 8.53 -23.13
C LEU D 1128 -15.88 8.42 -24.35
N ARG D 1129 -16.39 7.86 -25.44
CA ARG D 1129 -15.59 7.78 -26.66
C ARG D 1129 -15.13 9.17 -27.11
N ARG D 1130 -16.08 10.12 -27.17
CA ARG D 1130 -15.73 11.46 -27.61
C ARG D 1130 -14.72 12.12 -26.66
N TRP D 1131 -14.89 11.92 -25.35
CA TRP D 1131 -14.00 12.55 -24.39
C TRP D 1131 -12.66 11.85 -24.30
N THR D 1132 -12.59 10.57 -24.63
CA THR D 1132 -11.33 9.84 -24.67
C THR D 1132 -10.63 9.93 -26.02
N LEU D 1133 -11.27 10.51 -27.03
CA LEU D 1133 -10.74 10.50 -28.39
C LEU D 1133 -10.40 9.07 -28.82
N ASP D 1134 -11.30 8.15 -28.47
CA ASP D 1134 -11.12 6.72 -28.84
C ASP D 1134 -12.45 6.20 -29.35
N PRO D 1135 -12.69 6.23 -30.68
CA PRO D 1135 -13.99 5.80 -31.22
C PRO D 1135 -14.22 4.30 -31.18
N SER D 1136 -13.23 3.50 -30.79
CA SER D 1136 -13.37 2.05 -30.71
C SER D 1136 -13.59 1.55 -29.29
N LEU D 1137 -13.70 2.45 -28.31
CA LEU D 1137 -13.80 2.05 -26.91
C LEU D 1137 -15.09 1.28 -26.67
N GLU D 1138 -14.96 0.12 -26.01
CA GLU D 1138 -16.11 -0.70 -25.64
C GLU D 1138 -16.28 -0.83 -24.14
N ASP D 1139 -15.18 -0.96 -23.40
CA ASP D 1139 -15.23 -1.14 -21.94
C ASP D 1139 -15.43 0.21 -21.26
N LEU D 1140 -16.51 0.33 -20.48
CA LEU D 1140 -16.89 1.59 -19.86
C LEU D 1140 -16.76 1.55 -18.34
N ASP D 1141 -15.86 0.71 -17.83
CA ASP D 1141 -15.63 0.65 -16.40
C ASP D 1141 -14.71 1.78 -15.96
N ILE D 1142 -14.96 2.30 -14.76
CA ILE D 1142 -14.16 3.42 -14.25
C ILE D 1142 -12.70 3.00 -14.13
N ARG D 1143 -12.47 1.74 -13.74
CA ARG D 1143 -11.10 1.23 -13.65
C ARG D 1143 -10.38 1.27 -15.00
N THR D 1144 -11.13 1.16 -16.09
CA THR D 1144 -10.52 1.12 -17.42
C THR D 1144 -9.93 2.47 -17.81
N ILE D 1145 -10.47 3.56 -17.27
CA ILE D 1145 -10.20 4.88 -17.79
C ILE D 1145 -9.43 5.78 -16.83
N ILE D 1146 -9.38 5.46 -15.53
CA ILE D 1146 -8.72 6.33 -14.57
C ILE D 1146 -7.22 6.41 -14.87
N ASP D 1147 -6.70 7.63 -14.91
CA ASP D 1147 -5.26 7.86 -14.96
C ASP D 1147 -4.69 7.55 -13.57
N TRP D 1148 -4.46 6.26 -13.35
CA TRP D 1148 -4.00 5.81 -12.03
C TRP D 1148 -2.65 6.43 -11.66
N GLY D 1149 -1.79 6.67 -12.65
CA GLY D 1149 -0.52 7.30 -12.37
C GLY D 1149 -0.66 8.70 -11.82
N TYR D 1150 -1.68 9.43 -12.27
CA TYR D 1150 -1.92 10.78 -11.77
C TYR D 1150 -2.29 10.77 -10.29
N TYR D 1151 -3.20 9.87 -9.91
CA TYR D 1151 -3.61 9.79 -8.52
C TYR D 1151 -2.52 9.19 -7.64
N ARG D 1152 -1.65 8.36 -8.21
CA ARG D 1152 -0.50 7.87 -7.46
C ARG D 1152 0.44 9.01 -7.08
N GLU D 1153 0.61 10.01 -7.96
CA GLU D 1153 1.49 11.13 -7.65
C GLU D 1153 0.84 12.10 -6.67
N ARG D 1154 -0.48 12.27 -6.73
CA ARG D 1154 -1.17 13.11 -5.75
C ARG D 1154 -1.04 12.54 -4.34
N LEU D 1155 -1.36 11.25 -4.19
CA LEU D 1155 -1.13 10.60 -2.90
C LEU D 1155 0.34 10.60 -2.54
N GLY D 1156 1.21 10.53 -3.53
CA GLY D 1156 2.65 10.51 -3.25
C GLY D 1156 3.12 11.81 -2.64
N SER D 1157 2.69 12.94 -3.20
CA SER D 1157 3.12 14.24 -2.69
C SER D 1157 2.57 14.51 -1.31
N ALA D 1158 1.36 14.02 -1.01
CA ALA D 1158 0.83 14.15 0.34
C ALA D 1158 1.69 13.39 1.34
N ILE D 1159 2.01 12.14 1.01
CA ILE D 1159 2.87 11.33 1.88
C ILE D 1159 4.24 12.00 2.03
N GLN D 1160 4.75 12.58 0.95
CA GLN D 1160 6.01 13.31 1.02
C GLN D 1160 5.95 14.44 2.03
N LYS D 1161 4.91 15.27 1.93
CA LYS D 1161 4.85 16.52 2.70
C LYS D 1161 4.41 16.29 4.14
N ILE D 1162 3.59 15.28 4.40
CA ILE D 1162 3.12 15.02 5.75
C ILE D 1162 4.04 14.06 6.50
N ILE D 1163 4.64 13.08 5.82
CA ILE D 1163 5.32 11.99 6.49
C ILE D 1163 6.81 11.93 6.19
N THR D 1164 7.17 11.64 4.94
CA THR D 1164 8.54 11.21 4.64
C THR D 1164 9.53 12.35 4.74
N ILE D 1165 9.22 13.51 4.16
CA ILE D 1165 10.14 14.65 4.18
C ILE D 1165 10.26 15.21 5.61
N PRO D 1166 9.18 15.38 6.38
CA PRO D 1166 9.38 15.76 7.79
C PRO D 1166 10.20 14.75 8.58
N ALA D 1167 10.05 13.46 8.30
CA ALA D 1167 10.87 12.45 8.97
C ALA D 1167 12.34 12.59 8.60
N ALA D 1168 12.64 12.99 7.36
CA ALA D 1168 14.02 13.22 6.99
C ALA D 1168 14.60 14.44 7.70
N LEU D 1169 13.77 15.45 7.98
CA LEU D 1169 14.25 16.61 8.69
C LEU D 1169 14.54 16.30 10.15
N GLN D 1170 14.05 15.17 10.66
CA GLN D 1170 14.31 14.75 12.03
C GLN D 1170 15.22 13.53 12.10
N GLY D 1171 15.98 13.27 11.05
CA GLY D 1171 16.97 12.20 11.08
C GLY D 1171 16.39 10.80 11.05
N VAL D 1172 15.29 10.60 10.33
CA VAL D 1172 14.66 9.28 10.20
C VAL D 1172 14.66 8.91 8.72
N SER D 1173 15.23 7.75 8.40
CA SER D 1173 15.21 7.27 7.03
C SER D 1173 13.78 7.07 6.57
N ASN D 1174 13.55 7.28 5.27
CA ASN D 1174 12.25 7.24 4.62
C ASN D 1174 11.37 6.10 5.14
N PRO D 1175 10.39 6.40 6.00
CA PRO D 1175 9.51 5.33 6.50
C PRO D 1175 8.63 4.73 5.43
N VAL D 1176 8.39 5.43 4.32
CA VAL D 1176 7.61 4.92 3.20
C VAL D 1176 8.52 4.81 1.99
N PRO D 1177 9.42 3.82 1.93
CA PRO D 1177 10.41 3.78 0.83
C PRO D 1177 9.79 3.69 -0.55
N ARG D 1178 8.53 3.29 -0.66
CA ARG D 1178 7.86 3.26 -1.96
C ARG D 1178 7.52 4.66 -2.47
N VAL D 1179 7.80 5.70 -1.70
CA VAL D 1179 7.61 7.09 -2.13
C VAL D 1179 8.99 7.72 -2.13
N GLU D 1180 9.64 7.72 -3.29
CA GLU D 1180 11.03 8.14 -3.38
C GLU D 1180 11.20 9.61 -2.96
N HIS D 1181 12.29 9.88 -2.26
CA HIS D 1181 12.59 11.23 -1.82
C HIS D 1181 13.00 12.10 -3.01
N PRO D 1182 12.73 13.41 -2.95
CA PRO D 1182 13.17 14.29 -4.04
C PRO D 1182 14.69 14.34 -4.13
N ASP D 1183 15.17 14.74 -5.31
CA ASP D 1183 16.60 14.61 -5.62
C ASP D 1183 17.46 15.47 -4.70
N TRP D 1184 17.00 16.69 -4.39
CA TRP D 1184 17.79 17.54 -3.49
C TRP D 1184 17.88 16.93 -2.10
N LEU D 1185 16.85 16.22 -1.66
CA LEU D 1185 16.91 15.56 -0.36
C LEU D 1185 17.95 14.45 -0.38
N LYS D 1186 17.88 13.57 -1.38
CA LYS D 1186 18.86 12.49 -1.52
C LYS D 1186 20.29 13.03 -1.47
N ARG D 1187 20.53 14.18 -2.10
CA ARG D 1187 21.86 14.79 -2.07
C ARG D 1187 22.18 15.34 -0.68
N LYS D 1188 21.20 15.96 -0.02
CA LYS D 1188 21.42 16.43 1.33
C LYS D 1188 21.86 15.29 2.25
N ILE D 1189 21.30 14.10 2.05
CA ILE D 1189 21.76 12.92 2.76
C ILE D 1189 22.94 12.33 2.01
N ALA D 1190 24.06 13.04 2.03
CA ALA D 1190 25.31 12.60 1.42
C ALA D 1190 26.49 13.46 1.89
#